data_7LEY
#
_entry.id   7LEY
#
_cell.length_a   1.00
_cell.length_b   1.00
_cell.length_c   1.00
_cell.angle_alpha   90.00
_cell.angle_beta   90.00
_cell.angle_gamma   90.00
#
_symmetry.space_group_name_H-M   'P 1'
#
loop_
_entity.id
_entity.type
_entity.pdbx_description
1 polymer Arginase-1
2 polymer 'mAb5 heavy chain'
3 polymer 'mAb5 light chain'
4 non-polymer 'MANGANESE (II) ION'
#
loop_
_entity_poly.entity_id
_entity_poly.type
_entity_poly.pdbx_seq_one_letter_code
_entity_poly.pdbx_strand_id
1 'polypeptide(L)'
;MSAKSRTIGIIGAPFSKGQPRGGVEEGPTVLRKAGLLEKLKEQECDVKDYGDLPFADIPNDSPFQIVKNPRSVGKASEQL
AGKVAEVKKNGRISLVLGGDHSLAIGSISGHARVHPDLGVIWVDAHTDINTPLTTTSGNLHGQPVSFLLKELKGKIPDVP
GFSWVTPCISAKDIVYIGLRDVDPGEHYILKTLGIKYFSMTEVDRLGIGKVMEETLSYLLGRKKRPIHLSFDVDGLDPSF
TPATGTPVVGGLTYREGLYITEEIYKTGLLSGLDIMEVNPSLGKTPEEVTRTVNTAVAITLACFGLAREGNHKPIDYLNP
PK
;
A,B,C
2 'polypeptide(L)'
;EVQLVESGGGVVRPGGSLRLSCAASGFTFDDYGMTWVRQAPGKGLEWVSGINWNGGSTGYADSVKGRFTISRDNAKNSLY
LQMNSLRAEDTALYHCARDRRRGSYGSDAFDIWGQGTMVTVSSAKTTPPSVYPLAPGSAAQTNSMVTLGCLVKGYFPEPV
TVTWNSGSLSSGVHTFPAVLESDLYTLSSSVTVPSSPRPSETVTCNVAHPASSTKVDKKIVPRDCGCKPCICTVPEVSSV
FIFPPKPKDVLTITLTPKVTCVVVDISKDDPEVQFSWFVDDVEVHTAQTQPREEQFNSTFRSVSELPIMHQDWLNGKEFK
CRVNSAAFPAPIEKTISKTKGRPKAPQVYTIPPPKEQMAKDKVSLTCMITDFFPEDITVEWQWNGQPAENYKNTQPIMNT
NGSYFVYSKLNVQKSNWEAGNTFTCSVLHEGLHNHHTEKSLSHSPGK
;
D,G,H
3 'polypeptide(L)'
;DIQMTQSPSSLSASVGDRVTITCRASQGISNYLAWYQQKPGKVPQLLISAASTLQSGVPSRFSGSGSGTDFTLTISSLQP
EDVATYYCQKYNSAPRTFGQGTKVEIKRADAAPTVSIFPPSSEQLTSGGASVVCFLNNFYPKDINVKWKIDGSERQNGVL
NSWTDQDSKDSTYSMSSTLTLTKDEYERHNSYTCEATHKTSTSPIVKSFNRNEC
;
E,F,I
#
# COMPACT_ATOMS: atom_id res chain seq x y z
N ALA A 3 -34.20 2.95 -35.52
CA ALA A 3 -35.05 4.13 -35.54
C ALA A 3 -34.29 5.30 -36.15
N LYS A 4 -34.98 6.41 -36.38
CA LYS A 4 -34.29 7.59 -36.89
C LYS A 4 -33.31 8.13 -35.84
N SER A 5 -33.70 8.07 -34.58
CA SER A 5 -32.73 8.23 -33.51
C SER A 5 -31.93 6.94 -33.37
N ARG A 6 -30.90 6.99 -32.53
CA ARG A 6 -29.95 5.90 -32.35
C ARG A 6 -29.62 5.20 -33.67
N THR A 7 -29.41 5.99 -34.70
CA THR A 7 -28.80 5.54 -35.94
C THR A 7 -27.44 6.20 -35.98
N ILE A 8 -26.49 5.58 -35.31
CA ILE A 8 -25.24 6.24 -34.98
C ILE A 8 -24.28 6.14 -36.15
N GLY A 9 -23.50 7.19 -36.37
CA GLY A 9 -22.31 7.10 -37.18
C GLY A 9 -21.11 7.49 -36.35
N ILE A 10 -20.27 6.53 -35.99
CA ILE A 10 -19.18 6.80 -35.06
C ILE A 10 -17.99 7.33 -35.83
N ILE A 11 -17.41 8.42 -35.36
CA ILE A 11 -16.21 9.00 -35.94
C ILE A 11 -15.17 9.06 -34.85
N GLY A 12 -14.06 8.36 -35.04
CA GLY A 12 -12.93 8.57 -34.17
C GLY A 12 -12.34 9.94 -34.41
N ALA A 13 -11.58 10.42 -33.43
CA ALA A 13 -10.87 11.68 -33.56
C ALA A 13 -9.68 11.66 -32.62
N PRO A 14 -8.71 10.83 -32.90
CA PRO A 14 -7.58 10.67 -31.97
C PRO A 14 -6.64 11.86 -32.03
N PHE A 15 -7.14 13.00 -31.59
CA PHE A 15 -6.45 14.27 -31.74
C PHE A 15 -6.28 14.93 -30.39
N SER A 16 -5.09 15.45 -30.13
CA SER A 16 -4.81 16.06 -28.84
C SER A 16 -4.03 17.36 -28.93
N LYS A 17 -3.74 17.86 -30.13
CA LYS A 17 -2.88 19.01 -30.27
C LYS A 17 -3.53 20.29 -29.87
N GLY A 18 -4.82 20.30 -29.58
CA GLY A 18 -5.46 21.50 -29.12
C GLY A 18 -5.32 21.73 -27.64
N GLN A 19 -4.47 20.99 -26.99
CA GLN A 19 -4.39 20.96 -25.54
C GLN A 19 -2.94 21.29 -25.18
N PRO A 20 -2.61 21.46 -23.92
CA PRO A 20 -1.18 21.43 -23.55
C PRO A 20 -0.62 20.05 -23.78
N ARG A 21 0.59 19.80 -23.32
CA ARG A 21 1.18 18.48 -23.50
C ARG A 21 0.13 17.40 -23.25
N GLY A 22 -0.19 16.67 -24.31
CA GLY A 22 -1.43 15.94 -24.40
C GLY A 22 -1.29 14.46 -24.09
N GLY A 23 -2.18 13.68 -24.68
CA GLY A 23 -2.34 12.30 -24.30
C GLY A 23 -3.78 11.87 -24.45
N VAL A 24 -4.69 12.80 -24.75
CA VAL A 24 -6.08 12.44 -25.00
C VAL A 24 -6.27 11.83 -26.37
N GLU A 25 -5.24 11.82 -27.21
CA GLU A 25 -5.40 11.25 -28.54
C GLU A 25 -5.73 9.77 -28.48
N GLU A 26 -5.39 9.09 -27.40
CA GLU A 26 -5.87 7.75 -27.18
C GLU A 26 -7.17 7.76 -26.39
N GLY A 27 -8.09 8.59 -26.86
CA GLY A 27 -9.42 8.61 -26.33
C GLY A 27 -10.29 7.63 -27.09
N PRO A 28 -10.32 7.74 -28.41
CA PRO A 28 -11.04 6.74 -29.19
C PRO A 28 -10.55 5.31 -28.97
N THR A 29 -9.24 5.13 -28.84
CA THR A 29 -8.71 3.78 -28.65
C THR A 29 -9.30 3.14 -27.41
N VAL A 30 -9.29 3.85 -26.29
CA VAL A 30 -9.79 3.26 -25.07
C VAL A 30 -11.31 3.19 -25.07
N LEU A 31 -11.99 4.24 -25.55
CA LEU A 31 -13.44 4.20 -25.59
C LEU A 31 -13.96 3.09 -26.47
N ARG A 32 -13.22 2.68 -27.49
CA ARG A 32 -13.63 1.54 -28.29
C ARG A 32 -13.20 0.21 -27.69
N LYS A 33 -11.96 0.12 -27.21
CA LYS A 33 -11.51 -1.11 -26.59
C LYS A 33 -12.32 -1.44 -25.34
N ALA A 34 -12.93 -0.46 -24.71
CA ALA A 34 -13.93 -0.71 -23.68
C ALA A 34 -15.27 -1.12 -24.28
N GLY A 35 -15.31 -1.44 -25.56
CA GLY A 35 -16.51 -1.96 -26.17
C GLY A 35 -17.63 -0.94 -26.27
N LEU A 36 -17.43 0.10 -27.05
CA LEU A 36 -18.53 1.03 -27.25
C LEU A 36 -19.42 0.60 -28.40
N LEU A 37 -18.83 0.22 -29.54
CA LEU A 37 -19.65 -0.28 -30.64
C LEU A 37 -20.37 -1.55 -30.24
N GLU A 38 -19.67 -2.47 -29.58
CA GLU A 38 -20.29 -3.73 -29.20
C GLU A 38 -21.40 -3.53 -28.19
N LYS A 39 -21.37 -2.46 -27.41
CA LYS A 39 -22.42 -2.18 -26.46
C LYS A 39 -23.54 -1.35 -27.06
N LEU A 40 -23.24 -0.60 -28.12
CA LEU A 40 -24.30 0.17 -28.77
C LEU A 40 -25.14 -0.69 -29.70
N LYS A 41 -24.74 -1.92 -29.96
CA LYS A 41 -25.51 -2.77 -30.85
C LYS A 41 -26.56 -3.60 -30.15
N GLU A 42 -26.48 -3.79 -28.83
CA GLU A 42 -27.57 -4.48 -28.15
C GLU A 42 -28.86 -3.68 -28.22
N GLN A 43 -28.84 -2.41 -27.84
CA GLN A 43 -30.03 -1.65 -28.14
C GLN A 43 -30.12 -1.44 -29.65
N GLU A 44 -31.33 -1.22 -30.14
CA GLU A 44 -31.54 -1.28 -31.57
C GLU A 44 -30.88 -0.09 -32.25
N CYS A 45 -29.55 -0.11 -32.36
CA CYS A 45 -28.80 1.00 -32.93
C CYS A 45 -28.10 0.53 -34.19
N ASP A 46 -28.18 1.33 -35.24
CA ASP A 46 -27.58 0.97 -36.53
C ASP A 46 -26.18 1.59 -36.62
N VAL A 47 -25.32 1.17 -35.70
CA VAL A 47 -24.01 1.77 -35.57
C VAL A 47 -23.20 1.52 -36.83
N LYS A 48 -22.65 2.58 -37.41
CA LYS A 48 -21.71 2.48 -38.50
C LYS A 48 -20.42 3.19 -38.10
N ASP A 49 -19.33 2.44 -38.08
CA ASP A 49 -18.05 2.97 -37.64
C ASP A 49 -17.33 3.60 -38.83
N TYR A 50 -17.29 4.92 -38.86
CA TYR A 50 -16.54 5.63 -39.88
C TYR A 50 -15.06 5.69 -39.57
N GLY A 51 -14.62 4.98 -38.55
CA GLY A 51 -13.21 4.79 -38.30
C GLY A 51 -12.52 6.04 -37.80
N ASP A 52 -11.42 5.83 -37.07
CA ASP A 52 -10.63 6.94 -36.58
C ASP A 52 -10.12 7.78 -37.75
N LEU A 53 -10.28 9.08 -37.64
CA LEU A 53 -9.88 9.96 -38.72
C LEU A 53 -8.37 9.95 -38.88
N PRO A 54 -7.86 9.85 -40.09
CA PRO A 54 -6.43 10.03 -40.30
C PRO A 54 -6.07 11.50 -40.34
N PHE A 55 -5.40 11.98 -39.31
CA PHE A 55 -5.00 13.38 -39.27
C PHE A 55 -3.60 13.53 -39.84
N ALA A 56 -3.51 14.21 -40.97
CA ALA A 56 -2.21 14.45 -41.58
C ALA A 56 -1.36 15.28 -40.65
N ASP A 57 -0.05 15.04 -40.70
CA ASP A 57 0.89 15.70 -39.80
C ASP A 57 1.20 17.10 -40.31
N ILE A 58 1.32 18.04 -39.37
CA ILE A 58 1.83 19.37 -39.67
C ILE A 58 3.15 19.53 -38.93
N PRO A 59 4.28 19.34 -39.59
CA PRO A 59 5.56 19.32 -38.87
C PRO A 59 5.97 20.66 -38.34
N ASN A 60 6.01 21.67 -39.21
CA ASN A 60 6.43 23.01 -38.84
C ASN A 60 5.17 23.83 -38.62
N ASP A 61 4.82 24.04 -37.36
CA ASP A 61 3.52 24.61 -37.03
C ASP A 61 3.70 25.44 -35.76
N SER A 62 3.96 26.68 -35.92
CA SER A 62 4.38 27.60 -34.88
C SER A 62 3.19 28.38 -34.32
N PRO A 63 3.26 28.79 -33.06
CA PRO A 63 2.14 29.50 -32.44
C PRO A 63 1.83 30.79 -33.16
N PHE A 64 0.56 31.20 -33.05
CA PHE A 64 0.11 32.38 -33.78
C PHE A 64 0.50 33.66 -33.05
N GLN A 65 -0.08 33.91 -31.89
CA GLN A 65 0.44 34.91 -30.97
C GLN A 65 0.77 34.28 -29.63
N ILE A 66 -0.21 33.65 -29.01
CA ILE A 66 0.01 32.77 -27.88
C ILE A 66 -0.63 31.41 -28.09
N VAL A 67 -1.53 31.31 -29.07
CA VAL A 67 -2.27 30.09 -29.39
C VAL A 67 -1.31 29.01 -29.85
N LYS A 68 -1.16 27.96 -29.05
CA LYS A 68 -0.27 26.89 -29.42
C LYS A 68 -0.81 26.17 -30.65
N ASN A 69 0.12 25.76 -31.53
CA ASN A 69 -0.08 24.93 -32.72
C ASN A 69 -1.44 25.11 -33.36
N PRO A 70 -1.72 26.29 -33.93
CA PRO A 70 -3.04 26.53 -34.50
C PRO A 70 -3.31 25.83 -35.81
N ARG A 71 -2.33 25.64 -36.67
CA ARG A 71 -2.60 25.00 -37.96
C ARG A 71 -3.01 23.56 -37.79
N SER A 72 -2.37 22.85 -36.85
CA SER A 72 -2.74 21.46 -36.62
C SER A 72 -4.19 21.35 -36.21
N VAL A 73 -4.61 22.16 -35.24
CA VAL A 73 -5.99 22.11 -34.77
C VAL A 73 -6.95 22.55 -35.87
N GLY A 74 -6.60 23.60 -36.61
CA GLY A 74 -7.50 24.08 -37.64
C GLY A 74 -7.73 23.05 -38.73
N LYS A 75 -6.67 22.41 -39.20
CA LYS A 75 -6.84 21.41 -40.23
C LYS A 75 -7.51 20.15 -39.69
N ALA A 76 -7.17 19.75 -38.47
CA ALA A 76 -7.84 18.58 -37.89
C ALA A 76 -9.33 18.83 -37.77
N SER A 77 -9.73 20.02 -37.34
CA SER A 77 -11.14 20.32 -37.22
C SER A 77 -11.81 20.47 -38.58
N GLU A 78 -11.10 20.97 -39.60
CA GLU A 78 -11.71 20.99 -40.93
C GLU A 78 -11.95 19.59 -41.44
N GLN A 79 -11.00 18.70 -41.23
CA GLN A 79 -11.18 17.30 -41.62
C GLN A 79 -12.35 16.69 -40.88
N LEU A 80 -12.44 16.94 -39.57
CA LEU A 80 -13.54 16.38 -38.80
C LEU A 80 -14.87 16.96 -39.25
N ALA A 81 -14.92 18.24 -39.58
CA ALA A 81 -16.17 18.82 -40.03
C ALA A 81 -16.60 18.22 -41.36
N GLY A 82 -15.65 17.98 -42.26
CA GLY A 82 -16.01 17.30 -43.50
C GLY A 82 -16.56 15.92 -43.23
N LYS A 83 -15.92 15.17 -42.34
CA LYS A 83 -16.42 13.83 -42.03
C LYS A 83 -17.79 13.88 -41.36
N VAL A 84 -18.03 14.88 -40.51
CA VAL A 84 -19.31 14.96 -39.82
C VAL A 84 -20.41 15.33 -40.80
N ALA A 85 -20.13 16.24 -41.73
CA ALA A 85 -21.12 16.48 -42.78
C ALA A 85 -21.37 15.22 -43.57
N GLU A 86 -20.34 14.42 -43.81
CA GLU A 86 -20.54 13.17 -44.52
C GLU A 86 -21.47 12.24 -43.76
N VAL A 87 -21.28 12.11 -42.45
CA VAL A 87 -22.13 11.19 -41.68
C VAL A 87 -23.49 11.76 -41.37
N LYS A 88 -23.68 13.07 -41.50
CA LYS A 88 -25.00 13.64 -41.35
C LYS A 88 -25.80 13.61 -42.64
N LYS A 89 -25.13 13.63 -43.79
CA LYS A 89 -25.86 13.42 -45.04
C LYS A 89 -26.39 12.01 -45.16
N ASN A 90 -25.87 11.07 -44.37
CA ASN A 90 -26.41 9.72 -44.34
C ASN A 90 -27.58 9.59 -43.37
N GLY A 91 -28.02 10.70 -42.78
CA GLY A 91 -29.11 10.63 -41.82
C GLY A 91 -28.74 10.00 -40.50
N ARG A 92 -27.48 10.08 -40.11
CA ARG A 92 -27.04 9.44 -38.88
C ARG A 92 -26.84 10.45 -37.77
N ILE A 93 -26.34 9.97 -36.64
CA ILE A 93 -26.04 10.80 -35.48
C ILE A 93 -24.53 10.78 -35.31
N SER A 94 -23.89 11.91 -35.57
CA SER A 94 -22.44 11.97 -35.64
C SER A 94 -21.87 11.84 -34.25
N LEU A 95 -21.54 10.62 -33.84
CA LEU A 95 -20.96 10.39 -32.52
C LEU A 95 -19.45 10.52 -32.64
N VAL A 96 -18.95 11.73 -32.45
CA VAL A 96 -17.53 12.02 -32.56
C VAL A 96 -16.92 11.81 -31.19
N LEU A 97 -16.23 10.70 -31.00
CA LEU A 97 -15.60 10.41 -29.73
C LEU A 97 -14.11 10.70 -29.86
N GLY A 98 -13.62 11.64 -29.06
CA GLY A 98 -12.28 12.16 -29.22
C GLY A 98 -11.35 11.85 -28.08
N GLY A 99 -10.33 12.67 -27.87
CA GLY A 99 -10.17 13.92 -28.59
C GLY A 99 -10.05 15.01 -27.57
N ASP A 100 -10.21 16.26 -27.98
CA ASP A 100 -10.37 17.38 -27.06
C ASP A 100 -11.35 18.36 -27.69
N HIS A 101 -11.88 19.30 -26.89
CA HIS A 101 -12.79 20.27 -27.48
C HIS A 101 -12.21 21.11 -28.59
N SER A 102 -10.89 21.14 -28.76
CA SER A 102 -10.40 21.78 -29.96
C SER A 102 -11.02 21.16 -31.20
N LEU A 103 -11.57 19.97 -31.08
CA LEU A 103 -12.28 19.30 -32.17
C LEU A 103 -13.75 19.68 -32.22
N ALA A 104 -14.26 20.37 -31.20
CA ALA A 104 -15.67 20.76 -31.25
C ALA A 104 -15.91 21.76 -32.35
N ILE A 105 -14.91 22.57 -32.70
CA ILE A 105 -15.07 23.50 -33.82
C ILE A 105 -15.44 22.74 -35.06
N GLY A 106 -14.74 21.64 -35.34
CA GLY A 106 -15.08 20.84 -36.49
C GLY A 106 -16.38 20.10 -36.30
N SER A 107 -16.56 19.50 -35.13
CA SER A 107 -17.71 18.65 -34.90
C SER A 107 -19.02 19.40 -35.01
N ILE A 108 -19.04 20.69 -34.70
CA ILE A 108 -20.25 21.49 -34.80
C ILE A 108 -20.32 22.23 -36.12
N SER A 109 -19.20 22.66 -36.67
CA SER A 109 -19.24 23.34 -37.96
C SER A 109 -19.69 22.39 -39.06
N GLY A 110 -19.22 21.14 -39.01
CA GLY A 110 -19.70 20.16 -39.97
C GLY A 110 -21.16 19.84 -39.78
N HIS A 111 -21.58 19.64 -38.53
CA HIS A 111 -22.97 19.36 -38.24
C HIS A 111 -23.88 20.49 -38.65
N ALA A 112 -23.41 21.73 -38.59
CA ALA A 112 -24.19 22.89 -38.99
C ALA A 112 -24.19 23.11 -40.49
N ARG A 113 -23.28 22.48 -41.22
CA ARG A 113 -23.37 22.53 -42.68
C ARG A 113 -24.64 21.87 -43.17
N VAL A 114 -25.10 20.84 -42.47
CA VAL A 114 -26.26 20.07 -42.86
C VAL A 114 -27.50 20.64 -42.20
N HIS A 115 -27.53 20.67 -40.88
CA HIS A 115 -28.63 21.24 -40.12
C HIS A 115 -28.21 22.61 -39.62
N PRO A 116 -28.53 23.69 -40.33
CA PRO A 116 -28.05 25.01 -39.92
C PRO A 116 -28.58 25.47 -38.58
N ASP A 117 -29.70 24.91 -38.11
CA ASP A 117 -30.38 25.45 -36.94
C ASP A 117 -30.18 24.59 -35.71
N LEU A 118 -29.08 23.87 -35.61
CA LEU A 118 -28.88 23.02 -34.45
C LEU A 118 -28.76 23.87 -33.20
N GLY A 119 -29.16 23.28 -32.08
CA GLY A 119 -28.95 23.88 -30.77
C GLY A 119 -27.96 23.03 -30.01
N VAL A 120 -26.94 23.68 -29.47
CA VAL A 120 -25.82 23.00 -28.84
C VAL A 120 -26.04 22.99 -27.34
N ILE A 121 -25.91 21.82 -26.72
CA ILE A 121 -25.91 21.70 -25.27
C ILE A 121 -24.50 21.33 -24.85
N TRP A 122 -23.81 22.26 -24.23
CA TRP A 122 -22.40 22.12 -23.91
C TRP A 122 -22.26 21.72 -22.46
N VAL A 123 -21.92 20.46 -22.21
CA VAL A 123 -21.73 19.96 -20.86
C VAL A 123 -20.23 19.96 -20.60
N ASP A 124 -19.75 20.95 -19.85
CA ASP A 124 -18.34 21.08 -19.59
C ASP A 124 -18.19 21.86 -18.29
N ALA A 125 -17.20 21.50 -17.50
CA ALA A 125 -16.91 22.29 -16.32
C ALA A 125 -16.44 23.68 -16.71
N HIS A 126 -15.96 23.84 -17.92
CA HIS A 126 -15.37 25.08 -18.40
C HIS A 126 -16.32 25.69 -19.42
N THR A 127 -16.20 26.98 -19.65
CA THR A 127 -16.98 27.55 -20.74
C THR A 127 -16.37 27.23 -22.09
N ASP A 128 -15.06 27.08 -22.16
CA ASP A 128 -14.36 26.87 -23.42
C ASP A 128 -14.75 27.94 -24.42
N ILE A 129 -14.67 29.22 -24.01
CA ILE A 129 -15.14 30.31 -24.82
C ILE A 129 -14.11 31.43 -24.95
N ASN A 130 -12.87 31.19 -24.54
CA ASN A 130 -11.82 32.18 -24.75
C ASN A 130 -11.67 32.47 -26.24
N THR A 131 -11.38 33.72 -26.56
CA THR A 131 -10.95 34.04 -27.91
C THR A 131 -9.44 33.96 -27.96
N PRO A 132 -8.86 33.84 -29.16
CA PRO A 132 -7.39 33.82 -29.24
C PRO A 132 -6.74 35.06 -28.66
N LEU A 133 -7.50 36.12 -28.40
CA LEU A 133 -7.00 37.33 -27.78
C LEU A 133 -7.12 37.29 -26.27
N THR A 134 -8.29 36.89 -25.76
CA THR A 134 -8.54 36.89 -24.34
C THR A 134 -8.04 35.64 -23.65
N THR A 135 -7.47 34.70 -24.39
CA THR A 135 -6.98 33.50 -23.74
C THR A 135 -5.75 33.83 -22.91
N THR A 136 -5.45 32.95 -21.97
CA THR A 136 -4.28 33.10 -21.11
C THR A 136 -3.28 31.97 -21.28
N SER A 137 -3.74 30.74 -21.43
CA SER A 137 -2.84 29.63 -21.66
C SER A 137 -2.47 29.48 -23.12
N GLY A 138 -3.21 30.12 -24.01
CA GLY A 138 -2.96 29.98 -25.43
C GLY A 138 -3.16 28.59 -25.96
N ASN A 139 -4.08 27.84 -25.39
CA ASN A 139 -4.45 26.53 -25.90
C ASN A 139 -5.74 26.66 -26.69
N LEU A 140 -6.00 25.69 -27.54
CA LEU A 140 -7.21 25.71 -28.34
C LEU A 140 -8.29 24.79 -27.81
N HIS A 141 -7.98 23.91 -26.87
CA HIS A 141 -9.03 23.18 -26.21
C HIS A 141 -9.92 24.09 -25.40
N GLY A 142 -9.40 25.24 -24.97
CA GLY A 142 -10.17 26.21 -24.24
C GLY A 142 -10.82 27.27 -25.08
N GLN A 143 -10.75 27.17 -26.41
CA GLN A 143 -11.37 28.19 -27.23
C GLN A 143 -12.21 27.66 -28.39
N PRO A 144 -13.00 26.60 -28.25
CA PRO A 144 -13.77 26.15 -29.41
C PRO A 144 -15.06 26.89 -29.61
N VAL A 145 -15.71 27.38 -28.56
CA VAL A 145 -16.98 28.07 -28.76
C VAL A 145 -16.76 29.42 -29.43
N SER A 146 -15.67 30.11 -29.10
CA SER A 146 -15.45 31.43 -29.65
C SER A 146 -15.32 31.42 -31.16
N PHE A 147 -14.92 30.29 -31.75
CA PHE A 147 -14.88 30.20 -33.19
C PHE A 147 -16.23 29.88 -33.80
N LEU A 148 -17.22 29.54 -32.98
CA LEU A 148 -18.52 29.15 -33.49
C LEU A 148 -19.57 30.23 -33.34
N LEU A 149 -19.47 31.09 -32.32
CA LEU A 149 -20.53 32.05 -32.07
C LEU A 149 -20.51 33.14 -33.14
N LYS A 150 -21.70 33.44 -33.67
CA LYS A 150 -21.82 34.54 -34.62
C LYS A 150 -21.55 35.88 -33.96
N GLU A 151 -21.79 35.99 -32.66
CA GLU A 151 -21.65 37.27 -31.99
C GLU A 151 -20.20 37.64 -31.71
N LEU A 152 -19.25 36.73 -31.94
CA LEU A 152 -17.85 37.03 -31.71
C LEU A 152 -17.09 37.29 -33.00
N LYS A 153 -17.78 37.50 -34.11
CA LYS A 153 -17.11 37.88 -35.33
C LYS A 153 -16.47 39.25 -35.17
N GLY A 154 -15.20 39.36 -35.54
CA GLY A 154 -14.44 40.55 -35.35
C GLY A 154 -13.59 40.53 -34.09
N LYS A 155 -14.01 39.75 -33.10
CA LYS A 155 -13.22 39.52 -31.91
C LYS A 155 -12.36 38.27 -32.04
N ILE A 156 -12.39 37.62 -33.19
CA ILE A 156 -11.61 36.42 -33.46
C ILE A 156 -10.59 36.76 -34.54
N PRO A 157 -9.30 36.78 -34.24
CA PRO A 157 -8.32 37.13 -35.26
C PRO A 157 -8.26 36.05 -36.32
N ASP A 158 -7.67 36.41 -37.46
CA ASP A 158 -7.51 35.46 -38.56
C ASP A 158 -6.42 34.47 -38.18
N VAL A 159 -6.79 33.52 -37.33
CA VAL A 159 -5.86 32.52 -36.83
C VAL A 159 -5.46 31.65 -38.01
N PRO A 160 -4.19 31.27 -38.16
CA PRO A 160 -3.83 30.38 -39.27
C PRO A 160 -4.45 29.01 -39.10
N GLY A 161 -5.02 28.49 -40.18
CA GLY A 161 -5.64 27.20 -40.17
C GLY A 161 -7.12 27.22 -39.88
N PHE A 162 -7.64 28.31 -39.35
CA PHE A 162 -9.07 28.46 -39.09
C PHE A 162 -9.71 29.44 -40.07
N SER A 163 -9.18 29.54 -41.27
CA SER A 163 -9.77 30.39 -42.28
C SER A 163 -11.06 29.82 -42.84
N TRP A 164 -11.26 28.50 -42.72
CA TRP A 164 -12.48 27.88 -43.20
C TRP A 164 -13.65 28.05 -42.25
N VAL A 165 -13.41 28.47 -41.01
CA VAL A 165 -14.43 28.45 -39.98
C VAL A 165 -15.41 29.59 -40.23
N THR A 166 -16.60 29.25 -40.62
CA THR A 166 -17.65 30.24 -40.57
C THR A 166 -18.46 30.04 -39.30
N PRO A 167 -18.56 31.03 -38.42
CA PRO A 167 -19.30 30.83 -37.18
C PRO A 167 -20.74 30.47 -37.48
N CYS A 168 -21.24 29.44 -36.80
CA CYS A 168 -22.49 28.82 -37.18
C CYS A 168 -23.59 28.97 -36.16
N ILE A 169 -23.30 28.88 -34.87
CA ILE A 169 -24.33 28.95 -33.85
C ILE A 169 -24.44 30.40 -33.39
N SER A 170 -25.64 30.79 -33.00
CA SER A 170 -25.86 32.09 -32.39
C SER A 170 -25.49 32.01 -30.93
N ALA A 171 -25.61 33.13 -30.22
CA ALA A 171 -25.42 33.08 -28.78
C ALA A 171 -26.60 32.43 -28.08
N LYS A 172 -27.79 32.50 -28.68
CA LYS A 172 -29.01 31.99 -28.09
C LYS A 172 -29.32 30.57 -28.53
N ASP A 173 -28.33 29.84 -29.02
CA ASP A 173 -28.52 28.46 -29.43
C ASP A 173 -27.59 27.51 -28.68
N ILE A 174 -26.94 27.99 -27.63
CA ILE A 174 -26.01 27.19 -26.86
C ILE A 174 -26.39 27.28 -25.40
N VAL A 175 -26.38 26.15 -24.72
CA VAL A 175 -26.71 26.08 -23.31
C VAL A 175 -25.58 25.36 -22.59
N TYR A 176 -24.94 26.04 -21.65
CA TYR A 176 -23.90 25.42 -20.86
C TYR A 176 -24.51 24.73 -19.64
N ILE A 177 -24.03 23.53 -19.34
CA ILE A 177 -24.45 22.84 -18.13
C ILE A 177 -23.21 22.37 -17.41
N GLY A 178 -23.11 22.70 -16.13
CA GLY A 178 -22.03 22.23 -15.31
C GLY A 178 -20.86 23.18 -15.12
N LEU A 179 -21.00 24.45 -15.53
CA LEU A 179 -19.90 25.39 -15.40
C LEU A 179 -19.51 25.56 -13.94
N ARG A 180 -18.23 25.32 -13.64
CA ARG A 180 -17.74 25.60 -12.31
C ARG A 180 -16.32 26.14 -12.33
N ASP A 181 -15.73 26.37 -13.49
CA ASP A 181 -14.36 26.89 -13.60
C ASP A 181 -14.33 27.83 -14.80
N VAL A 182 -14.57 29.11 -14.55
CA VAL A 182 -14.71 30.08 -15.61
C VAL A 182 -13.73 31.22 -15.37
N ASP A 183 -12.92 31.53 -16.38
CA ASP A 183 -11.98 32.63 -16.27
C ASP A 183 -12.73 33.96 -16.35
N PRO A 184 -12.10 35.04 -15.90
CA PRO A 184 -12.77 36.34 -16.01
C PRO A 184 -13.14 36.71 -17.43
N GLY A 185 -12.26 36.46 -18.40
CA GLY A 185 -12.61 36.78 -19.77
C GLY A 185 -13.74 35.92 -20.29
N GLU A 186 -13.70 34.62 -19.97
CA GLU A 186 -14.79 33.74 -20.34
C GLU A 186 -16.09 34.20 -19.74
N HIS A 187 -16.07 34.62 -18.48
CA HIS A 187 -17.32 35.04 -17.85
C HIS A 187 -17.81 36.36 -18.41
N TYR A 188 -16.91 37.28 -18.77
CA TYR A 188 -17.37 38.50 -19.41
C TYR A 188 -18.05 38.19 -20.73
N ILE A 189 -17.44 37.32 -21.54
CA ILE A 189 -18.07 36.95 -22.79
C ILE A 189 -19.40 36.27 -22.54
N LEU A 190 -19.46 35.42 -21.53
CA LEU A 190 -20.66 34.66 -21.24
C LEU A 190 -21.81 35.58 -20.83
N LYS A 191 -21.54 36.57 -20.00
CA LYS A 191 -22.59 37.47 -19.55
C LYS A 191 -22.94 38.54 -20.58
N THR A 192 -22.00 38.95 -21.41
CA THR A 192 -22.30 39.99 -22.38
C THR A 192 -23.19 39.46 -23.49
N LEU A 193 -22.89 38.27 -24.01
CA LEU A 193 -23.66 37.71 -25.10
C LEU A 193 -25.03 37.22 -24.67
N GLY A 194 -25.28 37.16 -23.37
CA GLY A 194 -26.52 36.60 -22.90
C GLY A 194 -26.66 35.12 -23.16
N ILE A 195 -25.56 34.38 -23.09
CA ILE A 195 -25.60 32.94 -23.26
C ILE A 195 -26.32 32.32 -22.08
N LYS A 196 -27.28 31.46 -22.35
CA LYS A 196 -27.95 30.73 -21.28
C LYS A 196 -27.00 29.68 -20.75
N TYR A 197 -26.69 29.76 -19.47
CA TYR A 197 -25.79 28.80 -18.85
C TYR A 197 -26.36 28.35 -17.52
N PHE A 198 -26.17 27.09 -17.20
CA PHE A 198 -26.59 26.52 -15.92
C PHE A 198 -25.32 26.10 -15.21
N SER A 199 -24.68 27.04 -14.54
CA SER A 199 -23.48 26.74 -13.80
C SER A 199 -23.81 25.78 -12.69
N MET A 200 -22.78 25.37 -11.94
CA MET A 200 -23.03 24.41 -10.89
C MET A 200 -23.98 24.98 -9.86
N THR A 201 -23.97 26.29 -9.67
CA THR A 201 -24.87 26.92 -8.71
C THR A 201 -26.32 26.78 -9.15
N GLU A 202 -26.60 27.02 -10.42
CA GLU A 202 -27.97 26.87 -10.88
C GLU A 202 -28.43 25.43 -10.80
N VAL A 203 -27.54 24.48 -11.04
CA VAL A 203 -27.91 23.08 -10.87
C VAL A 203 -28.23 22.79 -9.42
N ASP A 204 -27.41 23.28 -8.49
CA ASP A 204 -27.73 23.06 -7.08
C ASP A 204 -29.04 23.73 -6.69
N ARG A 205 -29.31 24.91 -7.22
CA ARG A 205 -30.54 25.62 -6.88
C ARG A 205 -31.76 24.88 -7.41
N LEU A 206 -31.70 24.42 -8.65
CA LEU A 206 -32.89 23.93 -9.33
C LEU A 206 -33.08 22.44 -9.27
N GLY A 207 -32.02 21.65 -9.08
CA GLY A 207 -32.12 20.24 -9.30
C GLY A 207 -31.87 19.97 -10.76
N ILE A 208 -31.19 18.86 -11.08
CA ILE A 208 -30.90 18.56 -12.47
C ILE A 208 -32.17 18.36 -13.27
N GLY A 209 -33.24 17.90 -12.65
CA GLY A 209 -34.48 17.73 -13.38
C GLY A 209 -35.01 19.04 -13.91
N LYS A 210 -35.07 20.05 -13.05
CA LYS A 210 -35.53 21.37 -13.49
C LYS A 210 -34.52 22.01 -14.42
N VAL A 211 -33.23 21.73 -14.23
CA VAL A 211 -32.23 22.29 -15.11
C VAL A 211 -32.44 21.78 -16.54
N MET A 212 -32.64 20.47 -16.68
CA MET A 212 -32.84 19.93 -18.03
C MET A 212 -34.18 20.34 -18.60
N GLU A 213 -35.21 20.47 -17.75
CA GLU A 213 -36.48 20.97 -18.26
C GLU A 213 -36.32 22.37 -18.83
N GLU A 214 -35.62 23.26 -18.12
CA GLU A 214 -35.41 24.60 -18.65
C GLU A 214 -34.52 24.59 -19.87
N THR A 215 -33.50 23.73 -19.91
CA THR A 215 -32.64 23.66 -21.08
C THR A 215 -33.44 23.29 -22.32
N LEU A 216 -34.25 22.24 -22.23
CA LEU A 216 -35.00 21.81 -23.38
C LEU A 216 -36.14 22.75 -23.71
N SER A 217 -36.75 23.39 -22.72
CA SER A 217 -37.77 24.38 -23.03
C SER A 217 -37.17 25.64 -23.62
N TYR A 218 -35.89 25.88 -23.40
CA TYR A 218 -35.24 27.04 -24.00
C TYR A 218 -34.81 26.76 -25.42
N LEU A 219 -34.23 25.60 -25.67
CA LEU A 219 -33.82 25.28 -27.04
C LEU A 219 -35.01 24.85 -27.88
N LEU A 220 -35.66 23.76 -27.49
CA LEU A 220 -36.75 23.18 -28.24
C LEU A 220 -38.10 23.79 -27.88
N GLY A 221 -38.13 24.99 -27.31
CA GLY A 221 -39.38 25.59 -26.94
C GLY A 221 -40.03 26.36 -28.07
N ARG A 222 -39.26 27.25 -28.69
CA ARG A 222 -39.78 28.02 -29.81
C ARG A 222 -40.01 27.15 -31.03
N LYS A 223 -39.12 26.19 -31.27
CA LYS A 223 -39.19 25.36 -32.47
C LYS A 223 -38.33 24.13 -32.27
N LYS A 224 -38.80 22.98 -32.73
CA LYS A 224 -38.02 21.76 -32.63
C LYS A 224 -36.81 21.85 -33.55
N ARG A 225 -35.64 21.55 -33.02
CA ARG A 225 -34.41 21.66 -33.78
C ARG A 225 -33.50 20.51 -33.40
N PRO A 226 -32.53 20.18 -34.23
CA PRO A 226 -31.53 19.19 -33.82
C PRO A 226 -30.75 19.67 -32.62
N ILE A 227 -30.31 18.72 -31.80
CA ILE A 227 -29.51 18.99 -30.61
C ILE A 227 -28.13 18.40 -30.84
N HIS A 228 -27.09 19.12 -30.45
CA HIS A 228 -25.73 18.63 -30.55
C HIS A 228 -25.13 18.61 -29.16
N LEU A 229 -25.37 17.54 -28.42
CA LEU A 229 -24.82 17.44 -27.08
C LEU A 229 -23.31 17.26 -27.16
N SER A 230 -22.56 18.29 -26.80
CA SER A 230 -21.11 18.25 -26.89
C SER A 230 -20.53 17.99 -25.50
N PHE A 231 -20.60 16.73 -25.10
CA PHE A 231 -20.25 16.36 -23.73
C PHE A 231 -18.76 16.52 -23.50
N ASP A 232 -18.40 16.81 -22.25
CA ASP A 232 -17.01 16.88 -21.85
C ASP A 232 -16.87 16.21 -20.49
N VAL A 233 -16.03 15.17 -20.44
CA VAL A 233 -16.01 14.33 -19.25
C VAL A 233 -15.46 15.03 -18.03
N ASP A 234 -14.85 16.20 -18.17
CA ASP A 234 -14.52 16.96 -16.97
C ASP A 234 -15.75 17.64 -16.39
N GLY A 235 -16.85 17.65 -17.14
CA GLY A 235 -18.09 18.18 -16.60
C GLY A 235 -18.60 17.38 -15.42
N LEU A 236 -18.42 16.07 -15.44
CA LEU A 236 -18.77 15.25 -14.30
C LEU A 236 -17.73 15.40 -13.20
N ASP A 237 -18.14 15.05 -11.99
CA ASP A 237 -17.28 15.23 -10.84
C ASP A 237 -16.03 14.36 -10.99
N PRO A 238 -14.88 14.83 -10.49
CA PRO A 238 -13.64 14.05 -10.62
C PRO A 238 -13.69 12.69 -9.97
N SER A 239 -14.59 12.46 -9.01
CA SER A 239 -14.72 11.13 -8.45
C SER A 239 -15.20 10.13 -9.49
N PHE A 240 -15.88 10.59 -10.54
CA PHE A 240 -16.40 9.71 -11.57
C PHE A 240 -15.57 9.71 -12.84
N THR A 241 -14.95 10.84 -13.18
CA THR A 241 -14.08 10.93 -14.35
C THR A 241 -12.76 11.58 -13.92
N PRO A 242 -11.91 10.85 -13.22
CA PRO A 242 -10.64 11.43 -12.78
C PRO A 242 -9.63 11.58 -13.88
N ALA A 243 -9.67 10.70 -14.87
CA ALA A 243 -8.67 10.70 -15.95
C ALA A 243 -9.08 11.64 -17.07
N THR A 244 -9.15 12.92 -16.74
CA THR A 244 -9.43 13.95 -17.72
C THR A 244 -8.41 15.06 -17.57
N GLY A 245 -8.40 15.96 -18.55
CA GLY A 245 -7.40 16.99 -18.64
C GLY A 245 -7.30 17.89 -17.42
N THR A 246 -8.38 18.63 -17.14
CA THR A 246 -8.40 19.61 -16.06
C THR A 246 -9.60 19.32 -15.18
N PRO A 247 -9.50 18.34 -14.28
CA PRO A 247 -10.65 18.01 -13.43
C PRO A 247 -10.89 19.12 -12.43
N VAL A 248 -12.16 19.48 -12.25
CA VAL A 248 -12.56 20.51 -11.30
C VAL A 248 -13.51 19.88 -10.31
N VAL A 249 -13.19 20.01 -9.02
CA VAL A 249 -13.92 19.28 -8.00
C VAL A 249 -15.28 19.93 -7.74
N GLY A 250 -16.25 19.10 -7.39
CA GLY A 250 -17.57 19.59 -7.08
C GLY A 250 -18.41 19.82 -8.32
N GLY A 251 -18.54 18.78 -9.14
CA GLY A 251 -19.26 18.90 -10.39
C GLY A 251 -20.38 17.89 -10.51
N LEU A 252 -20.93 17.75 -11.72
CA LEU A 252 -22.08 16.89 -11.94
C LEU A 252 -21.80 15.48 -11.47
N THR A 253 -22.76 14.89 -10.78
CA THR A 253 -22.60 13.52 -10.34
C THR A 253 -22.87 12.57 -11.50
N TYR A 254 -22.58 11.29 -11.27
CA TYR A 254 -22.86 10.28 -12.28
C TYR A 254 -24.33 10.27 -12.63
N ARG A 255 -25.20 10.29 -11.62
CA ARG A 255 -26.63 10.28 -11.87
C ARG A 255 -27.07 11.51 -12.65
N GLU A 256 -26.48 12.67 -12.35
CA GLU A 256 -26.88 13.87 -13.05
C GLU A 256 -26.46 13.83 -14.50
N GLY A 257 -25.27 13.32 -14.79
CA GLY A 257 -24.86 13.18 -16.18
C GLY A 257 -25.75 12.21 -16.93
N LEU A 258 -26.06 11.07 -16.32
CA LEU A 258 -26.98 10.14 -16.96
C LEU A 258 -28.34 10.77 -17.17
N TYR A 259 -28.81 11.58 -16.24
CA TYR A 259 -30.12 12.19 -16.42
C TYR A 259 -30.09 13.21 -17.55
N ILE A 260 -29.01 13.97 -17.66
CA ILE A 260 -28.89 14.92 -18.77
C ILE A 260 -29.00 14.17 -20.09
N THR A 261 -28.23 13.11 -20.23
CA THR A 261 -28.26 12.38 -21.49
C THR A 261 -29.60 11.71 -21.74
N GLU A 262 -30.24 11.16 -20.71
CA GLU A 262 -31.53 10.52 -20.91
C GLU A 262 -32.58 11.52 -21.33
N GLU A 263 -32.61 12.70 -20.70
CA GLU A 263 -33.57 13.69 -21.11
C GLU A 263 -33.30 14.24 -22.50
N ILE A 264 -32.03 14.30 -22.90
CA ILE A 264 -31.74 14.71 -24.26
C ILE A 264 -32.22 13.66 -25.25
N TYR A 265 -31.98 12.39 -24.95
CA TYR A 265 -32.42 11.33 -25.84
C TYR A 265 -33.94 11.32 -25.97
N LYS A 266 -34.65 11.41 -24.85
CA LYS A 266 -36.10 11.27 -24.91
C LYS A 266 -36.77 12.34 -25.74
N THR A 267 -36.10 13.46 -26.00
CA THR A 267 -36.62 14.39 -26.98
C THR A 267 -36.60 13.78 -28.37
N GLY A 268 -35.75 12.79 -28.58
CA GLY A 268 -35.65 12.18 -29.89
C GLY A 268 -35.02 13.08 -30.94
N LEU A 269 -34.51 14.23 -30.55
CA LEU A 269 -33.95 15.21 -31.48
C LEU A 269 -32.43 15.23 -31.43
N LEU A 270 -31.81 14.36 -30.65
CA LEU A 270 -30.37 14.33 -30.62
C LEU A 270 -29.84 14.10 -32.03
N SER A 271 -28.91 14.93 -32.46
CA SER A 271 -28.42 14.82 -33.82
C SER A 271 -26.92 14.95 -33.91
N GLY A 272 -26.22 14.73 -32.81
CA GLY A 272 -24.78 14.84 -32.79
C GLY A 272 -24.31 14.75 -31.37
N LEU A 273 -23.21 14.05 -31.13
CA LEU A 273 -22.73 13.84 -29.78
C LEU A 273 -21.21 13.81 -29.81
N ASP A 274 -20.59 14.47 -28.84
CA ASP A 274 -19.14 14.47 -28.72
C ASP A 274 -18.79 13.99 -27.32
N ILE A 275 -17.87 13.05 -27.23
CA ILE A 275 -17.37 12.58 -25.95
C ILE A 275 -15.89 12.96 -25.91
N MET A 276 -15.59 14.10 -25.33
CA MET A 276 -14.26 14.67 -25.45
C MET A 276 -13.50 14.57 -24.14
N GLU A 277 -12.19 14.75 -24.25
CA GLU A 277 -11.29 14.96 -23.11
C GLU A 277 -11.13 13.72 -22.25
N VAL A 278 -11.27 12.52 -22.80
CA VAL A 278 -10.90 11.33 -22.05
C VAL A 278 -9.40 11.14 -22.19
N ASN A 279 -8.68 11.22 -21.07
CA ASN A 279 -7.22 11.25 -21.09
C ASN A 279 -6.69 10.10 -20.27
N PRO A 280 -6.55 8.91 -20.85
CA PRO A 280 -6.09 7.76 -20.06
C PRO A 280 -4.66 7.89 -19.55
N SER A 281 -3.94 8.94 -19.89
CA SER A 281 -2.60 9.09 -19.36
C SER A 281 -2.56 9.84 -18.04
N LEU A 282 -3.66 10.46 -17.62
CA LEU A 282 -3.70 11.18 -16.36
C LEU A 282 -4.38 10.39 -15.25
N GLY A 283 -4.71 9.13 -15.49
CA GLY A 283 -5.20 8.32 -14.41
C GLY A 283 -4.06 7.94 -13.48
N LYS A 284 -4.19 8.27 -12.20
CA LYS A 284 -3.14 7.91 -11.25
C LYS A 284 -2.94 6.40 -11.20
N THR A 285 -4.03 5.65 -11.30
CA THR A 285 -4.03 4.21 -11.29
C THR A 285 -4.88 3.71 -12.46
N PRO A 286 -4.62 2.50 -12.96
CA PRO A 286 -5.46 2.00 -14.07
C PRO A 286 -6.92 1.92 -13.72
N GLU A 287 -7.26 1.79 -12.45
CA GLU A 287 -8.66 1.83 -12.06
C GLU A 287 -9.27 3.19 -12.36
N GLU A 288 -8.51 4.28 -12.22
CA GLU A 288 -9.05 5.59 -12.54
C GLU A 288 -9.37 5.71 -14.01
N VAL A 289 -8.48 5.23 -14.87
CA VAL A 289 -8.76 5.25 -16.30
C VAL A 289 -9.97 4.39 -16.62
N THR A 290 -10.06 3.22 -16.00
CA THR A 290 -11.20 2.36 -16.24
C THR A 290 -12.49 3.04 -15.82
N ARG A 291 -12.48 3.73 -14.68
CA ARG A 291 -13.68 4.41 -14.21
C ARG A 291 -14.07 5.54 -15.15
N THR A 292 -13.10 6.34 -15.60
CA THR A 292 -13.43 7.41 -16.53
C THR A 292 -14.01 6.86 -17.82
N VAL A 293 -13.41 5.80 -18.35
CA VAL A 293 -13.89 5.27 -19.62
C VAL A 293 -15.24 4.62 -19.45
N ASN A 294 -15.47 3.91 -18.35
CA ASN A 294 -16.79 3.35 -18.11
C ASN A 294 -17.83 4.43 -17.97
N THR A 295 -17.51 5.53 -17.30
CA THR A 295 -18.47 6.62 -17.18
C THR A 295 -18.76 7.24 -18.53
N ALA A 296 -17.73 7.46 -19.35
CA ALA A 296 -17.96 8.02 -20.67
C ALA A 296 -18.81 7.08 -21.51
N VAL A 297 -18.55 5.79 -21.43
CA VAL A 297 -19.34 4.82 -22.18
C VAL A 297 -20.78 4.81 -21.70
N ALA A 298 -20.99 4.87 -20.39
CA ALA A 298 -22.35 4.87 -19.87
C ALA A 298 -23.11 6.11 -20.32
N ILE A 299 -22.44 7.26 -20.29
CA ILE A 299 -23.05 8.49 -20.79
C ILE A 299 -23.43 8.32 -22.25
N THR A 300 -22.49 7.81 -23.06
CA THR A 300 -22.75 7.65 -24.48
C THR A 300 -23.93 6.74 -24.73
N LEU A 301 -23.98 5.61 -24.02
CA LEU A 301 -25.07 4.68 -24.21
C LEU A 301 -26.39 5.33 -23.84
N ALA A 302 -26.42 6.04 -22.72
CA ALA A 302 -27.67 6.66 -22.30
C ALA A 302 -28.14 7.71 -23.28
N CYS A 303 -27.22 8.32 -24.05
CA CYS A 303 -27.67 9.23 -25.09
C CYS A 303 -28.46 8.52 -26.18
N PHE A 304 -28.33 7.20 -26.29
CA PHE A 304 -28.92 6.43 -27.37
C PHE A 304 -29.88 5.38 -26.84
N GLY A 305 -30.71 5.73 -25.88
CA GLY A 305 -31.83 4.92 -25.48
C GLY A 305 -31.65 4.11 -24.23
N LEU A 306 -30.42 3.87 -23.80
CA LEU A 306 -30.24 3.00 -22.64
C LEU A 306 -30.72 3.69 -21.38
N ALA A 307 -31.98 3.48 -21.01
CA ALA A 307 -32.55 4.13 -19.85
C ALA A 307 -32.25 3.34 -18.60
N ARG A 308 -32.22 4.02 -17.46
CA ARG A 308 -31.97 3.34 -16.20
C ARG A 308 -33.14 2.49 -15.76
N GLU A 309 -34.36 2.87 -16.12
CA GLU A 309 -35.51 2.05 -15.79
C GLU A 309 -35.49 0.72 -16.51
N GLY A 310 -34.67 0.57 -17.53
CA GLY A 310 -34.56 -0.68 -18.26
C GLY A 310 -35.26 -0.61 -19.60
N ASN A 311 -34.69 -1.31 -20.59
CA ASN A 311 -35.21 -1.29 -21.94
C ASN A 311 -35.59 -2.69 -22.39
N HIS A 312 -36.67 -2.78 -23.14
CA HIS A 312 -37.12 -4.05 -23.68
C HIS A 312 -37.47 -3.89 -25.15
N LYS A 313 -37.15 -4.91 -25.93
CA LYS A 313 -37.53 -4.95 -27.32
C LYS A 313 -39.04 -5.07 -27.44
N PRO A 314 -39.62 -4.61 -28.53
CA PRO A 314 -41.09 -4.65 -28.67
C PRO A 314 -41.62 -6.05 -28.98
N ILE A 315 -41.34 -6.99 -28.08
CA ILE A 315 -41.81 -8.36 -28.22
C ILE A 315 -42.46 -8.76 -26.90
N ASP A 316 -43.23 -9.85 -26.95
CA ASP A 316 -43.94 -10.32 -25.77
C ASP A 316 -43.02 -11.23 -24.96
N TYR A 317 -42.41 -10.68 -23.93
CA TYR A 317 -41.44 -11.39 -23.11
C TYR A 317 -42.06 -12.46 -22.24
N LEU A 318 -43.37 -12.44 -22.04
CA LEU A 318 -44.03 -13.48 -21.25
C LEU A 318 -44.53 -14.60 -22.16
N ASN A 319 -43.59 -15.13 -22.94
CA ASN A 319 -43.82 -16.27 -23.83
C ASN A 319 -42.58 -17.15 -23.89
N GLU B 1 24.60 20.44 -25.57
CA GLU B 1 23.82 21.17 -24.58
C GLU B 1 22.52 20.45 -24.31
N VAL B 2 22.15 19.57 -25.23
CA VAL B 2 20.90 18.82 -25.15
C VAL B 2 21.31 17.37 -24.91
N GLN B 3 22.39 17.17 -24.16
CA GLN B 3 22.94 15.84 -23.97
C GLN B 3 21.89 14.88 -23.43
N LEU B 4 21.85 13.70 -24.03
CA LEU B 4 21.13 12.54 -23.51
C LEU B 4 22.21 11.55 -23.10
N VAL B 5 22.68 11.69 -21.86
CA VAL B 5 23.71 10.78 -21.38
C VAL B 5 23.06 9.46 -21.01
N GLU B 6 23.55 8.38 -21.58
CA GLU B 6 23.02 7.05 -21.33
C GLU B 6 23.87 6.32 -20.31
N SER B 7 23.22 5.51 -19.49
CA SER B 7 23.91 4.74 -18.47
C SER B 7 23.28 3.36 -18.46
N GLY B 8 23.65 2.54 -17.48
CA GLY B 8 23.00 1.26 -17.34
C GLY B 8 23.94 0.10 -17.50
N GLY B 9 23.41 -1.06 -17.87
CA GLY B 9 24.19 -2.28 -17.86
C GLY B 9 25.11 -2.45 -19.05
N GLY B 10 25.13 -3.64 -19.62
CA GLY B 10 25.99 -3.92 -20.74
C GLY B 10 26.49 -5.35 -20.83
N VAL B 11 26.48 -6.08 -19.72
CA VAL B 11 26.89 -7.48 -19.70
C VAL B 11 25.92 -8.23 -18.80
N VAL B 12 25.00 -8.98 -19.39
CA VAL B 12 24.16 -9.92 -18.67
C VAL B 12 24.09 -11.17 -19.53
N ARG B 13 24.64 -12.26 -19.03
CA ARG B 13 24.67 -13.48 -19.82
C ARG B 13 23.31 -14.18 -19.83
N PRO B 14 22.71 -14.49 -18.68
CA PRO B 14 21.49 -15.31 -18.70
C PRO B 14 20.30 -14.50 -19.18
N GLY B 15 19.11 -15.09 -19.08
CA GLY B 15 17.88 -14.34 -19.25
C GLY B 15 17.61 -13.47 -18.04
N GLY B 16 18.64 -12.76 -17.59
CA GLY B 16 18.50 -11.91 -16.43
C GLY B 16 17.81 -10.60 -16.76
N SER B 17 17.98 -9.65 -15.85
CA SER B 17 17.32 -8.36 -15.97
C SER B 17 18.33 -7.21 -15.85
N LEU B 18 17.96 -6.07 -16.42
CA LEU B 18 18.73 -4.84 -16.31
C LEU B 18 17.79 -3.67 -16.13
N ARG B 19 18.35 -2.50 -15.83
CA ARG B 19 17.60 -1.25 -15.84
C ARG B 19 18.52 -0.15 -16.35
N LEU B 20 18.29 0.30 -17.56
CA LEU B 20 19.10 1.33 -18.18
C LEU B 20 18.66 2.70 -17.67
N SER B 21 19.38 3.72 -18.10
CA SER B 21 19.04 5.08 -17.72
C SER B 21 19.47 6.01 -18.82
N CYS B 22 18.88 7.20 -18.84
CA CYS B 22 19.23 8.21 -19.84
C CYS B 22 19.07 9.57 -19.15
N ALA B 23 20.16 10.08 -18.61
CA ALA B 23 20.11 11.31 -17.85
C ALA B 23 20.02 12.50 -18.80
N ALA B 24 18.81 12.97 -19.03
CA ALA B 24 18.58 14.04 -19.99
C ALA B 24 18.86 15.39 -19.38
N SER B 25 19.34 16.31 -20.21
CA SER B 25 19.66 17.66 -19.74
C SER B 25 19.63 18.61 -20.91
N GLY B 26 19.25 19.86 -20.66
CA GLY B 26 19.27 20.86 -21.70
C GLY B 26 17.89 21.33 -22.11
N PHE B 27 16.94 20.42 -22.11
CA PHE B 27 15.56 20.72 -22.46
C PHE B 27 14.65 20.49 -21.27
N THR B 28 13.47 21.08 -21.30
CA THR B 28 12.49 20.81 -20.27
C THR B 28 11.98 19.38 -20.41
N PHE B 29 12.39 18.52 -19.49
CA PHE B 29 12.19 17.09 -19.66
C PHE B 29 10.72 16.70 -19.62
N ASP B 30 9.94 17.25 -18.70
CA ASP B 30 8.56 16.81 -18.55
C ASP B 30 7.68 17.30 -19.67
N ASP B 31 8.26 17.79 -20.76
CA ASP B 31 7.52 18.28 -21.91
C ASP B 31 7.64 17.36 -23.11
N TYR B 32 8.84 16.88 -23.39
CA TYR B 32 9.11 16.03 -24.55
C TYR B 32 8.79 14.58 -24.23
N GLY B 33 8.48 13.82 -25.28
CA GLY B 33 8.19 12.42 -25.12
C GLY B 33 9.35 11.52 -25.50
N MET B 34 10.07 11.04 -24.50
CA MET B 34 11.28 10.27 -24.73
C MET B 34 10.93 8.85 -25.16
N THR B 35 11.87 8.20 -25.84
CA THR B 35 11.69 6.84 -26.30
C THR B 35 12.99 6.09 -26.10
N TRP B 36 13.00 4.81 -26.48
CA TRP B 36 14.19 3.99 -26.51
C TRP B 36 14.23 3.22 -27.82
N VAL B 37 15.38 3.21 -28.47
CA VAL B 37 15.57 2.38 -29.65
C VAL B 37 16.84 1.57 -29.46
N ARG B 38 16.91 0.45 -30.15
CA ARG B 38 18.05 -0.43 -30.08
C ARG B 38 18.67 -0.51 -31.46
N GLN B 39 19.92 -0.96 -31.51
CA GLN B 39 20.57 -1.20 -32.79
C GLN B 39 21.63 -2.26 -32.59
N ALA B 40 21.36 -3.47 -33.06
CA ALA B 40 22.36 -4.51 -33.03
C ALA B 40 23.56 -4.04 -33.86
N PRO B 41 24.78 -4.25 -33.37
CA PRO B 41 25.95 -3.64 -34.02
C PRO B 41 26.03 -4.03 -35.49
N GLY B 42 26.14 -3.02 -36.34
CA GLY B 42 26.19 -3.24 -37.77
C GLY B 42 24.87 -3.59 -38.41
N LYS B 43 23.76 -3.46 -37.69
CA LYS B 43 22.45 -3.82 -38.21
C LYS B 43 21.55 -2.58 -38.18
N GLY B 44 20.31 -2.78 -38.62
CA GLY B 44 19.35 -1.70 -38.63
C GLY B 44 18.84 -1.40 -37.24
N LEU B 45 18.16 -0.27 -37.12
CA LEU B 45 17.62 0.17 -35.85
C LEU B 45 16.29 -0.52 -35.61
N GLU B 46 15.85 -0.54 -34.36
CA GLU B 46 14.55 -1.08 -34.01
C GLU B 46 13.99 -0.25 -32.86
N TRP B 47 12.76 0.21 -33.01
CA TRP B 47 12.13 0.97 -31.95
C TRP B 47 11.79 0.05 -30.81
N VAL B 48 12.37 0.29 -29.63
CA VAL B 48 12.09 -0.56 -28.48
C VAL B 48 10.75 -0.19 -27.87
N SER B 49 10.59 1.05 -27.46
CA SER B 49 9.36 1.51 -26.81
C SER B 49 9.43 3.01 -26.59
N GLY B 50 8.33 3.57 -26.11
CA GLY B 50 8.24 5.00 -25.90
C GLY B 50 7.17 5.36 -24.91
N ILE B 51 7.26 6.57 -24.37
CA ILE B 51 6.37 7.06 -23.32
C ILE B 51 6.04 8.52 -23.56
N ASN B 52 5.31 9.10 -22.61
CA ASN B 52 4.75 10.42 -22.73
C ASN B 52 5.55 11.41 -21.91
N TRP B 53 5.07 12.65 -21.85
CA TRP B 53 5.58 13.60 -20.89
C TRP B 53 5.32 13.16 -19.47
N ASN B 54 4.38 12.24 -19.28
CA ASN B 54 3.85 11.86 -17.98
C ASN B 54 4.18 10.43 -17.59
N GLY B 55 4.17 9.51 -18.54
CA GLY B 55 4.22 8.10 -18.21
C GLY B 55 2.81 7.58 -18.07
N GLY B 56 2.41 6.63 -18.89
CA GLY B 56 1.03 6.21 -18.88
C GLY B 56 0.51 5.81 -20.24
N SER B 57 1.16 6.27 -21.30
CA SER B 57 0.89 5.74 -22.62
C SER B 57 2.14 5.07 -23.16
N THR B 58 2.77 4.26 -22.31
CA THR B 58 3.93 3.49 -22.70
C THR B 58 3.54 2.46 -23.76
N GLY B 59 3.99 2.66 -24.99
CA GLY B 59 3.82 1.65 -26.02
C GLY B 59 5.13 0.93 -26.29
N TYR B 60 5.05 -0.38 -26.50
CA TYR B 60 6.24 -1.21 -26.69
C TYR B 60 6.17 -1.91 -28.04
N ALA B 61 7.34 -2.20 -28.60
CA ALA B 61 7.40 -2.99 -29.80
C ALA B 61 6.96 -4.42 -29.52
N ASP B 62 6.41 -5.07 -30.53
CA ASP B 62 5.97 -6.45 -30.36
C ASP B 62 7.11 -7.43 -30.48
N SER B 63 8.18 -7.14 -29.76
CA SER B 63 9.28 -8.08 -29.52
C SER B 63 9.75 -8.01 -28.09
N VAL B 64 9.38 -6.96 -27.35
CA VAL B 64 9.75 -6.77 -25.96
C VAL B 64 8.49 -6.49 -25.18
N LYS B 65 7.35 -6.93 -25.70
CA LYS B 65 6.06 -6.51 -25.17
C LYS B 65 5.90 -6.88 -23.71
N GLY B 66 6.10 -8.15 -23.38
CA GLY B 66 5.92 -8.57 -22.01
C GLY B 66 7.16 -8.52 -21.16
N ARG B 67 8.26 -8.03 -21.69
CA ARG B 67 9.54 -8.13 -21.00
C ARG B 67 10.05 -6.79 -20.50
N PHE B 68 9.96 -5.74 -21.30
CA PHE B 68 10.51 -4.45 -20.95
C PHE B 68 9.41 -3.54 -20.40
N THR B 69 9.81 -2.62 -19.54
CA THR B 69 8.92 -1.55 -19.08
C THR B 69 9.72 -0.26 -18.99
N ILE B 70 9.12 0.83 -19.45
CA ILE B 70 9.73 2.15 -19.32
C ILE B 70 9.08 2.87 -18.15
N SER B 71 9.90 3.41 -17.27
CA SER B 71 9.45 4.40 -16.32
C SER B 71 10.11 5.72 -16.67
N ARG B 72 9.73 6.76 -15.95
CA ARG B 72 10.24 8.09 -16.21
C ARG B 72 10.09 8.92 -14.95
N ASP B 73 11.07 9.77 -14.68
CA ASP B 73 11.06 10.60 -13.49
C ASP B 73 11.26 12.04 -13.93
N ASN B 74 10.15 12.75 -14.14
CA ASN B 74 10.25 14.12 -14.63
C ASN B 74 10.94 15.04 -13.65
N ALA B 75 10.81 14.80 -12.35
CA ALA B 75 11.44 15.67 -11.37
C ALA B 75 12.94 15.48 -11.31
N LYS B 76 13.45 14.39 -11.89
CA LYS B 76 14.87 14.06 -11.78
C LYS B 76 15.52 13.79 -13.13
N ASN B 77 14.76 13.88 -14.23
CA ASN B 77 15.30 13.87 -15.58
C ASN B 77 16.02 12.56 -15.92
N SER B 78 15.33 11.44 -15.81
CA SER B 78 15.87 10.16 -16.22
C SER B 78 14.87 9.43 -17.11
N LEU B 79 15.35 8.38 -17.77
CA LEU B 79 14.55 7.63 -18.72
C LEU B 79 14.74 6.12 -18.51
N TYR B 80 14.57 5.69 -17.26
CA TYR B 80 14.70 4.29 -16.90
C TYR B 80 13.98 3.37 -17.87
N LEU B 81 14.62 2.27 -18.26
CA LEU B 81 13.96 1.22 -19.02
C LEU B 81 14.33 -0.13 -18.39
N GLN B 82 13.36 -0.75 -17.74
CA GLN B 82 13.54 -2.02 -17.06
C GLN B 82 13.44 -3.14 -18.09
N MET B 83 14.52 -3.90 -18.25
CA MET B 83 14.54 -5.09 -19.10
C MET B 83 14.49 -6.34 -18.25
N ASN B 84 13.59 -7.24 -18.62
CA ASN B 84 13.39 -8.45 -17.85
C ASN B 84 13.35 -9.64 -18.80
N SER B 85 13.84 -10.78 -18.31
CA SER B 85 13.84 -12.02 -19.08
C SER B 85 14.45 -11.80 -20.46
N LEU B 86 15.70 -11.34 -20.46
CA LEU B 86 16.40 -11.07 -21.70
C LEU B 86 16.50 -12.35 -22.52
N ARG B 87 16.23 -12.24 -23.82
CA ARG B 87 16.13 -13.40 -24.68
C ARG B 87 17.42 -13.63 -25.47
N ALA B 88 18.47 -12.90 -25.16
CA ALA B 88 19.80 -13.05 -25.74
C ALA B 88 19.86 -12.64 -27.20
N GLU B 89 18.73 -12.32 -27.81
CA GLU B 89 18.69 -11.62 -29.07
C GLU B 89 18.67 -10.11 -28.87
N ASP B 90 18.57 -9.66 -27.62
CA ASP B 90 18.54 -8.24 -27.29
C ASP B 90 19.94 -7.71 -27.03
N THR B 91 20.86 -8.03 -27.94
CA THR B 91 22.28 -7.75 -27.75
C THR B 91 22.66 -6.48 -28.50
N ALA B 92 21.80 -5.48 -28.44
CA ALA B 92 21.95 -4.28 -29.24
C ALA B 92 22.41 -3.11 -28.37
N LEU B 93 22.88 -2.07 -29.05
CA LEU B 93 23.21 -0.82 -28.40
C LEU B 93 21.95 0.00 -28.27
N TYR B 94 21.59 0.39 -27.03
CA TYR B 94 20.29 0.97 -26.76
C TYR B 94 20.41 2.49 -26.68
N HIS B 95 19.70 3.18 -27.56
CA HIS B 95 19.67 4.62 -27.58
C HIS B 95 18.40 5.14 -26.92
N CYS B 96 18.52 6.30 -26.28
CA CYS B 96 17.37 7.08 -25.86
C CYS B 96 17.27 8.30 -26.76
N ALA B 97 16.07 8.54 -27.28
CA ALA B 97 15.86 9.61 -28.23
C ALA B 97 14.74 10.51 -27.74
N ARG B 98 14.81 11.77 -28.13
CA ARG B 98 13.78 12.72 -27.74
C ARG B 98 12.68 12.70 -28.79
N ASP B 99 11.76 13.66 -28.72
CA ASP B 99 10.50 13.54 -29.43
C ASP B 99 10.41 14.54 -30.58
N ARG B 100 11.39 15.41 -30.72
CA ARG B 100 11.52 16.42 -31.77
C ARG B 100 10.58 17.61 -31.64
N ARG B 101 9.59 17.56 -30.77
CA ARG B 101 8.79 18.75 -30.55
C ARG B 101 8.02 18.62 -29.24
N ARG B 102 7.22 19.65 -28.96
CA ARG B 102 7.02 20.09 -27.59
C ARG B 102 6.11 19.15 -26.81
N GLY B 103 5.10 18.59 -27.43
CA GLY B 103 3.97 18.18 -26.63
C GLY B 103 3.86 16.76 -26.16
N SER B 104 4.66 15.85 -26.68
CA SER B 104 4.40 14.42 -26.51
C SER B 104 2.99 14.09 -26.95
N TYR B 105 2.61 14.61 -28.11
CA TYR B 105 1.28 14.50 -28.68
C TYR B 105 1.06 13.17 -29.36
N GLY B 106 1.86 12.16 -29.06
CA GLY B 106 1.73 10.90 -29.74
C GLY B 106 2.69 10.78 -30.91
N SER B 107 2.21 11.09 -32.11
CA SER B 107 3.01 10.93 -33.31
C SER B 107 4.08 12.01 -33.36
N ASP B 108 5.34 11.61 -33.18
CA ASP B 108 6.47 12.50 -33.40
C ASP B 108 7.71 11.67 -33.68
N ALA B 109 8.63 12.25 -34.45
CA ALA B 109 9.86 11.58 -34.83
C ALA B 109 10.90 11.76 -33.73
N PHE B 110 12.16 11.44 -34.02
CA PHE B 110 13.22 11.45 -33.02
C PHE B 110 14.33 12.40 -33.44
N ASP B 111 14.40 13.57 -32.82
CA ASP B 111 15.39 14.55 -33.23
C ASP B 111 16.75 14.30 -32.59
N ILE B 112 16.82 14.36 -31.27
CA ILE B 112 18.10 14.33 -30.58
C ILE B 112 18.23 13.00 -29.87
N TRP B 113 19.42 12.42 -29.98
CA TRP B 113 19.68 11.07 -29.50
C TRP B 113 20.88 11.05 -28.57
N GLY B 114 20.82 10.15 -27.60
CA GLY B 114 22.00 9.71 -26.89
C GLY B 114 22.68 8.58 -27.65
N GLN B 115 23.71 8.03 -27.04
CA GLN B 115 24.37 6.87 -27.63
C GLN B 115 25.04 6.07 -26.53
N GLY B 116 25.04 4.77 -26.70
CA GLY B 116 25.76 3.91 -25.78
C GLY B 116 24.91 2.89 -25.06
N THR B 117 25.36 2.48 -23.88
CA THR B 117 24.76 1.40 -23.11
C THR B 117 24.67 0.13 -23.97
N MET B 118 25.85 -0.32 -24.37
CA MET B 118 25.94 -1.49 -25.23
C MET B 118 25.61 -2.74 -24.41
N VAL B 119 24.34 -3.11 -24.41
CA VAL B 119 23.89 -4.27 -23.64
C VAL B 119 24.19 -5.53 -24.43
N THR B 120 24.90 -6.46 -23.79
CA THR B 120 25.29 -7.73 -24.41
C THR B 120 24.58 -8.87 -23.68
N VAL B 121 23.95 -9.76 -24.43
CA VAL B 121 23.24 -10.87 -23.83
C VAL B 121 23.08 -12.00 -24.83
N SER B 122 25.19 -14.27 -24.81
CA SER B 122 26.18 -14.11 -23.74
C SER B 122 26.07 -15.21 -22.72
N SER B 123 27.18 -15.91 -22.48
CA SER B 123 27.23 -16.87 -21.39
C SER B 123 28.56 -16.85 -20.65
N ALA B 124 29.52 -16.06 -21.10
CA ALA B 124 30.88 -16.13 -20.57
C ALA B 124 31.28 -14.79 -19.97
N LYS B 125 32.39 -14.82 -19.24
CA LYS B 125 32.85 -13.68 -18.46
C LYS B 125 33.77 -12.80 -19.31
N THR B 126 34.02 -11.60 -18.79
CA THR B 126 34.95 -10.66 -19.43
C THR B 126 36.34 -11.28 -19.41
N THR B 127 36.82 -11.68 -20.59
CA THR B 127 38.05 -12.45 -20.62
C THR B 127 39.10 -11.80 -21.51
N PRO B 128 40.37 -11.89 -21.14
CA PRO B 128 41.43 -11.39 -22.01
C PRO B 128 41.42 -12.13 -23.33
N PRO B 129 41.89 -11.50 -24.40
CA PRO B 129 41.90 -12.17 -25.70
C PRO B 129 42.97 -13.25 -25.78
N SER B 130 42.97 -13.99 -26.88
CA SER B 130 44.04 -14.97 -27.15
C SER B 130 44.57 -14.64 -28.55
N VAL B 131 45.47 -13.67 -28.63
CA VAL B 131 46.02 -13.25 -29.90
C VAL B 131 46.98 -14.33 -30.40
N TYR B 132 46.56 -15.06 -31.45
CA TYR B 132 47.28 -16.27 -31.88
C TYR B 132 47.62 -16.18 -33.36
N PRO B 133 48.35 -15.13 -33.79
CA PRO B 133 48.57 -14.95 -35.23
C PRO B 133 49.91 -15.45 -35.72
N LEU B 134 50.00 -15.64 -37.04
CA LEU B 134 51.27 -15.66 -37.77
C LEU B 134 51.00 -15.27 -39.21
N ALA B 135 52.07 -14.86 -39.88
CA ALA B 135 52.04 -14.58 -41.32
C ALA B 135 53.44 -14.76 -41.87
N PRO B 136 53.64 -15.67 -42.82
CA PRO B 136 54.98 -15.90 -43.37
C PRO B 136 55.50 -14.71 -44.16
N GLY B 137 54.69 -13.66 -44.25
CA GLY B 137 55.10 -12.45 -44.91
C GLY B 137 56.36 -11.86 -44.32
N SER B 138 57.36 -11.65 -45.17
CA SER B 138 57.20 -11.92 -46.60
C SER B 138 58.02 -13.12 -47.06
N ALA B 139 57.40 -14.29 -47.07
CA ALA B 139 58.02 -15.47 -47.64
C ALA B 139 57.71 -15.54 -49.14
N ALA B 140 58.43 -16.40 -49.84
CA ALA B 140 58.25 -16.60 -51.28
C ALA B 140 57.32 -17.79 -51.47
N GLN B 141 56.05 -17.60 -51.10
CA GLN B 141 55.05 -18.65 -51.32
C GLN B 141 54.53 -18.62 -52.75
N THR B 142 53.80 -17.57 -53.10
CA THR B 142 53.29 -17.38 -54.46
C THR B 142 53.38 -15.94 -54.95
N ASN B 143 53.60 -14.96 -54.08
CA ASN B 143 53.58 -13.55 -54.45
C ASN B 143 54.81 -12.87 -53.86
N SER B 144 55.22 -11.78 -54.50
CA SER B 144 56.19 -10.87 -53.93
C SER B 144 55.53 -9.81 -53.07
N MET B 145 54.20 -9.78 -53.02
CA MET B 145 53.43 -8.79 -52.27
C MET B 145 52.57 -9.59 -51.30
N VAL B 146 53.12 -9.92 -50.14
CA VAL B 146 52.41 -10.72 -49.15
C VAL B 146 52.05 -9.80 -47.99
N THR B 147 50.77 -9.77 -47.63
CA THR B 147 50.29 -8.86 -46.61
C THR B 147 50.67 -9.39 -45.22
N LEU B 148 50.41 -8.60 -44.18
CA LEU B 148 50.78 -8.97 -42.82
C LEU B 148 49.59 -8.73 -41.92
N GLY B 149 49.08 -9.80 -41.31
CA GLY B 149 47.85 -9.70 -40.55
C GLY B 149 47.93 -10.44 -39.23
N CYS B 150 46.98 -10.11 -38.37
CA CYS B 150 46.82 -10.72 -37.06
C CYS B 150 45.43 -11.31 -36.92
N LEU B 151 45.29 -12.17 -35.93
CA LEU B 151 43.99 -12.70 -35.54
C LEU B 151 43.86 -12.60 -34.02
N VAL B 152 42.73 -12.06 -33.57
CA VAL B 152 42.44 -11.93 -32.15
C VAL B 152 41.27 -12.84 -31.85
N LYS B 153 41.50 -13.84 -31.02
CA LYS B 153 40.54 -14.91 -30.79
C LYS B 153 40.19 -15.00 -29.32
N GLY B 154 38.92 -15.22 -29.03
CA GLY B 154 38.48 -15.44 -27.68
C GLY B 154 38.62 -14.24 -26.76
N TYR B 155 37.87 -13.18 -27.03
CA TYR B 155 37.78 -12.05 -26.13
C TYR B 155 36.32 -11.63 -26.02
N PHE B 156 36.01 -10.94 -24.93
CA PHE B 156 34.63 -10.61 -24.63
C PHE B 156 34.60 -9.58 -23.50
N PRO B 157 33.69 -8.61 -23.55
CA PRO B 157 32.82 -8.36 -24.70
C PRO B 157 33.41 -7.30 -25.64
N GLU B 158 32.59 -6.82 -26.57
CA GLU B 158 33.00 -5.75 -27.45
C GLU B 158 33.24 -4.47 -26.66
N PRO B 159 34.12 -3.58 -27.15
CA PRO B 159 35.00 -3.75 -28.31
C PRO B 159 36.46 -3.90 -27.91
N VAL B 160 37.33 -4.04 -28.90
CA VAL B 160 38.76 -4.04 -28.68
C VAL B 160 39.41 -3.01 -29.59
N THR B 161 40.68 -2.72 -29.31
CA THR B 161 41.46 -1.79 -30.12
C THR B 161 42.75 -2.49 -30.53
N VAL B 162 43.01 -2.52 -31.84
CA VAL B 162 44.23 -3.10 -32.39
C VAL B 162 44.97 -2.00 -33.12
N THR B 163 46.22 -1.76 -32.72
CA THR B 163 47.06 -0.75 -33.35
C THR B 163 48.31 -1.41 -33.91
N TRP B 164 48.90 -0.75 -34.91
CA TRP B 164 49.97 -1.32 -35.72
C TRP B 164 51.19 -0.42 -35.63
N ASN B 165 52.32 -0.99 -35.24
CA ASN B 165 53.57 -0.24 -35.05
C ASN B 165 53.34 0.95 -34.11
N SER B 166 52.67 0.65 -32.98
CA SER B 166 52.24 1.68 -32.04
C SER B 166 51.33 2.70 -32.72
N GLY B 167 50.49 2.21 -33.64
CA GLY B 167 49.53 3.06 -34.32
C GLY B 167 50.09 3.89 -35.45
N SER B 168 51.38 3.76 -35.77
CA SER B 168 51.97 4.61 -36.79
C SER B 168 51.52 4.21 -38.18
N LEU B 169 51.51 2.91 -38.48
CA LEU B 169 51.20 2.45 -39.84
C LEU B 169 49.70 2.49 -40.05
N SER B 170 49.27 3.25 -41.07
CA SER B 170 47.86 3.33 -41.44
C SER B 170 47.58 2.83 -42.84
N SER B 171 48.61 2.64 -43.67
CA SER B 171 48.40 2.20 -45.05
C SER B 171 47.85 0.77 -45.07
N GLY B 172 46.72 0.60 -45.75
CA GLY B 172 46.11 -0.71 -45.87
C GLY B 172 45.65 -1.33 -44.57
N VAL B 173 45.55 -0.54 -43.50
CA VAL B 173 45.08 -1.06 -42.22
C VAL B 173 43.58 -1.27 -42.32
N HIS B 174 43.16 -2.51 -42.46
CA HIS B 174 41.74 -2.86 -42.56
C HIS B 174 41.42 -3.70 -41.33
N THR B 175 41.03 -3.03 -40.25
CA THR B 175 40.66 -3.73 -39.03
C THR B 175 39.25 -4.30 -39.18
N PHE B 176 39.14 -5.59 -39.42
CA PHE B 176 37.85 -6.16 -39.73
C PHE B 176 36.99 -6.17 -38.46
N PRO B 177 35.74 -5.74 -38.55
CA PRO B 177 34.88 -5.72 -37.35
C PRO B 177 34.74 -7.10 -36.75
N ALA B 178 34.66 -7.12 -35.42
CA ALA B 178 34.65 -8.36 -34.67
C ALA B 178 33.48 -9.23 -35.09
N VAL B 179 33.72 -10.53 -35.11
CA VAL B 179 32.72 -11.52 -35.49
C VAL B 179 32.54 -12.47 -34.32
N LEU B 180 31.29 -12.73 -33.96
CA LEU B 180 30.96 -13.63 -32.88
C LEU B 180 31.37 -15.04 -33.25
N GLU B 181 31.99 -15.74 -32.31
CA GLU B 181 32.38 -17.13 -32.51
C GLU B 181 31.15 -18.03 -32.33
N SER B 182 31.30 -19.30 -32.65
CA SER B 182 30.36 -20.29 -32.14
C SER B 182 30.65 -20.64 -30.70
N ASP B 183 31.77 -20.14 -30.17
CA ASP B 183 32.19 -20.39 -28.80
C ASP B 183 31.83 -19.21 -27.88
N LEU B 184 30.90 -18.37 -28.30
CA LEU B 184 30.39 -17.27 -27.48
C LEU B 184 31.49 -16.27 -27.13
N TYR B 185 32.53 -16.24 -27.95
CA TYR B 185 33.51 -15.18 -27.95
C TYR B 185 33.45 -14.48 -29.31
N THR B 186 34.36 -13.54 -29.51
CA THR B 186 34.32 -12.69 -30.69
C THR B 186 35.66 -12.74 -31.41
N LEU B 187 35.59 -12.72 -32.74
CA LEU B 187 36.76 -12.90 -33.58
C LEU B 187 36.95 -11.69 -34.47
N SER B 188 38.17 -11.19 -34.54
CA SER B 188 38.47 -10.03 -35.38
C SER B 188 39.78 -10.28 -36.11
N SER B 189 40.24 -9.26 -36.85
CA SER B 189 41.49 -9.34 -37.60
C SER B 189 41.85 -7.94 -38.07
N SER B 190 43.07 -7.83 -38.60
CA SER B 190 43.56 -6.59 -39.19
C SER B 190 44.81 -6.90 -39.98
N VAL B 191 45.00 -6.16 -41.08
CA VAL B 191 46.08 -6.45 -42.04
C VAL B 191 46.82 -5.15 -42.36
N THR B 192 48.04 -5.31 -42.85
CA THR B 192 48.83 -4.23 -43.43
C THR B 192 49.15 -4.61 -44.88
N VAL B 193 49.94 -3.78 -45.54
CA VAL B 193 50.37 -4.03 -46.91
C VAL B 193 51.89 -3.95 -46.97
N PRO B 194 52.59 -5.00 -46.54
CA PRO B 194 54.04 -5.06 -46.76
C PRO B 194 54.40 -5.77 -48.05
N SER B 195 55.64 -5.58 -48.47
CA SER B 195 56.21 -6.31 -49.59
C SER B 195 57.46 -7.06 -49.13
N SER B 196 58.06 -7.84 -50.03
CA SER B 196 59.27 -8.58 -49.72
C SER B 196 60.45 -7.66 -49.41
N PRO B 197 60.76 -6.64 -50.24
CA PRO B 197 61.95 -5.81 -49.96
C PRO B 197 61.64 -4.61 -49.08
N ARG B 198 61.14 -4.85 -47.88
CA ARG B 198 60.92 -3.80 -46.88
C ARG B 198 61.53 -4.27 -45.57
N PRO B 199 62.87 -4.32 -45.50
CA PRO B 199 63.53 -4.84 -44.29
C PRO B 199 63.29 -4.02 -43.04
N SER B 200 63.10 -2.72 -43.17
CA SER B 200 62.91 -1.85 -41.99
C SER B 200 61.46 -1.85 -41.53
N GLU B 201 60.90 -3.04 -41.31
CA GLU B 201 59.52 -3.20 -40.87
C GLU B 201 59.49 -4.11 -39.65
N THR B 202 59.65 -3.51 -38.47
CA THR B 202 59.42 -4.20 -37.21
C THR B 202 57.98 -3.90 -36.80
N VAL B 203 57.07 -4.82 -37.11
CA VAL B 203 55.64 -4.61 -36.97
C VAL B 203 55.21 -5.08 -35.60
N THR B 204 54.66 -4.15 -34.80
CA THR B 204 54.13 -4.47 -33.48
C THR B 204 52.62 -4.48 -33.56
N CYS B 205 52.04 -5.68 -33.48
CA CYS B 205 50.61 -5.85 -33.59
C CYS B 205 49.98 -5.61 -32.23
N ASN B 206 49.74 -4.34 -31.91
CA ASN B 206 49.38 -3.92 -30.56
C ASN B 206 47.87 -4.07 -30.39
N VAL B 207 47.46 -5.23 -29.87
CA VAL B 207 46.06 -5.50 -29.53
C VAL B 207 45.83 -5.13 -28.08
N ALA B 208 44.76 -4.37 -27.83
CA ALA B 208 44.39 -3.97 -26.48
C ALA B 208 42.95 -4.40 -26.23
N HIS B 209 42.69 -4.92 -25.03
CA HIS B 209 41.36 -5.39 -24.64
C HIS B 209 40.96 -4.65 -23.36
N PRO B 210 40.55 -3.38 -23.46
CA PRO B 210 40.27 -2.60 -22.25
C PRO B 210 39.12 -3.15 -21.42
N ALA B 211 38.25 -3.98 -22.00
CA ALA B 211 37.18 -4.59 -21.23
C ALA B 211 37.73 -5.40 -20.07
N SER B 212 38.76 -6.20 -20.33
CA SER B 212 39.53 -6.85 -19.27
C SER B 212 40.80 -6.08 -18.94
N SER B 213 41.02 -4.93 -19.58
CA SER B 213 42.22 -4.11 -19.37
C SER B 213 43.49 -4.93 -19.62
N THR B 214 43.47 -5.74 -20.66
CA THR B 214 44.59 -6.60 -21.02
C THR B 214 45.08 -6.24 -22.41
N LYS B 215 46.41 -6.22 -22.56
CA LYS B 215 47.04 -5.83 -23.81
C LYS B 215 48.03 -6.92 -24.23
N VAL B 216 47.93 -7.36 -25.48
CA VAL B 216 48.78 -8.40 -26.03
C VAL B 216 49.46 -7.82 -27.27
N ASP B 217 50.78 -7.76 -27.25
CA ASP B 217 51.56 -7.21 -28.35
C ASP B 217 52.35 -8.35 -28.99
N LYS B 218 51.81 -8.90 -30.07
CA LYS B 218 52.47 -9.99 -30.80
C LYS B 218 53.37 -9.35 -31.85
N LYS B 219 54.66 -9.28 -31.55
CA LYS B 219 55.62 -8.69 -32.47
C LYS B 219 55.69 -9.52 -33.75
N ILE B 220 55.71 -8.84 -34.89
CA ILE B 220 55.83 -9.50 -36.19
C ILE B 220 56.98 -8.88 -36.97
N VAL B 221 57.91 -9.72 -37.39
CA VAL B 221 58.99 -9.35 -38.30
C VAL B 221 59.05 -10.47 -39.33
N PRO B 222 59.23 -10.18 -40.62
CA PRO B 222 59.28 -11.26 -41.61
C PRO B 222 60.39 -12.25 -41.31
N ARG B 223 60.03 -13.53 -41.39
CA ARG B 223 60.94 -14.61 -41.01
C ARG B 223 60.92 -15.73 -42.05
N ASP B 224 61.59 -16.83 -41.72
CA ASP B 224 61.60 -18.01 -42.59
C ASP B 224 60.30 -18.78 -42.46
N ASP C 1 0.55 -5.94 -37.38
CA ASP C 1 1.16 -4.62 -37.25
C ASP C 1 1.15 -3.88 -38.56
N ILE C 2 2.02 -2.87 -38.66
CA ILE C 2 2.34 -2.21 -39.91
C ILE C 2 3.77 -2.59 -40.26
N GLN C 3 3.96 -3.20 -41.42
CA GLN C 3 5.27 -3.60 -41.88
C GLN C 3 5.77 -2.56 -42.87
N MET C 4 6.93 -1.99 -42.60
CA MET C 4 7.53 -1.00 -43.46
C MET C 4 8.64 -1.66 -44.27
N THR C 5 8.65 -1.41 -45.57
CA THR C 5 9.62 -2.06 -46.46
C THR C 5 10.34 -1.00 -47.28
N GLN C 6 11.59 -0.74 -46.94
CA GLN C 6 12.50 -0.03 -47.83
C GLN C 6 12.54 -0.78 -49.15
N SER C 7 12.41 -0.09 -50.27
CA SER C 7 12.35 -0.89 -51.49
C SER C 7 13.75 -1.37 -51.87
N PRO C 8 14.76 -0.49 -52.01
CA PRO C 8 16.11 -1.02 -52.22
C PRO C 8 16.75 -1.37 -50.90
N SER C 9 17.04 -2.66 -50.69
CA SER C 9 17.72 -3.05 -49.47
C SER C 9 19.18 -2.62 -49.49
N SER C 10 19.68 -2.21 -50.66
CA SER C 10 20.98 -1.61 -50.81
C SER C 10 21.10 -1.11 -52.24
N LEU C 11 21.78 0.02 -52.43
CA LEU C 11 21.94 0.57 -53.76
C LEU C 11 23.26 1.32 -53.85
N SER C 12 23.69 1.53 -55.09
CA SER C 12 24.94 2.26 -55.34
C SER C 12 24.79 2.91 -56.71
N ALA C 13 24.43 4.18 -56.74
CA ALA C 13 24.10 4.75 -58.03
C ALA C 13 25.29 5.45 -58.69
N SER C 14 25.76 6.55 -58.11
CA SER C 14 26.92 7.28 -58.60
C SER C 14 27.13 8.54 -57.78
N VAL C 15 28.33 9.12 -57.84
CA VAL C 15 28.47 10.51 -57.43
C VAL C 15 27.87 11.36 -58.53
N GLY C 16 26.72 11.97 -58.26
CA GLY C 16 25.93 12.47 -59.36
C GLY C 16 24.50 11.98 -59.32
N ASP C 17 24.17 11.06 -60.23
CA ASP C 17 22.81 10.68 -60.55
C ASP C 17 21.95 10.46 -59.30
N ARG C 18 20.65 10.71 -59.47
CA ARG C 18 19.70 10.75 -58.37
C ARG C 18 19.48 9.36 -57.79
N VAL C 19 18.95 9.34 -56.58
CA VAL C 19 18.68 8.11 -55.84
C VAL C 19 17.29 8.23 -55.23
N THR C 20 16.48 7.18 -55.37
CA THR C 20 15.10 7.18 -54.91
C THR C 20 14.82 5.94 -54.08
N ILE C 21 14.80 6.09 -52.76
CA ILE C 21 14.43 5.01 -51.85
C ILE C 21 12.93 5.04 -51.65
N THR C 22 12.30 3.87 -51.61
CA THR C 22 10.85 3.76 -51.43
C THR C 22 10.56 3.06 -50.12
N CYS C 23 9.49 3.48 -49.43
CA CYS C 23 9.16 2.90 -48.14
C CYS C 23 7.69 2.50 -48.06
N ARG C 24 7.22 1.74 -49.03
CA ARG C 24 5.85 1.24 -49.00
C ARG C 24 5.53 0.60 -47.65
N ALA C 25 4.50 1.12 -46.98
CA ALA C 25 4.07 0.61 -45.69
C ALA C 25 2.98 -0.43 -45.88
N SER C 26 2.40 -0.93 -44.78
CA SER C 26 1.40 -1.98 -44.85
C SER C 26 -0.02 -1.39 -44.89
N GLN C 27 -0.38 -0.64 -43.86
CA GLN C 27 -1.66 0.05 -43.82
C GLN C 27 -1.43 1.55 -43.77
N GLY C 28 -2.31 2.28 -44.42
CA GLY C 28 -2.15 3.71 -44.61
C GLY C 28 -1.80 4.46 -43.36
N ILE C 29 -0.60 5.06 -43.34
CA ILE C 29 -0.19 5.88 -42.21
C ILE C 29 -0.43 7.36 -42.46
N SER C 30 -0.67 7.76 -43.71
CA SER C 30 -1.22 9.08 -44.03
C SER C 30 -0.33 10.20 -43.51
N ASN C 31 0.83 10.33 -44.13
CA ASN C 31 1.71 11.48 -43.91
C ASN C 31 2.32 11.46 -42.52
N TYR C 32 2.71 10.28 -42.05
CA TYR C 32 3.49 10.16 -40.83
C TYR C 32 4.68 9.32 -41.21
N LEU C 33 5.70 9.94 -41.78
CA LEU C 33 6.85 9.17 -42.22
C LEU C 33 8.08 10.04 -42.11
N ALA C 34 9.05 9.61 -41.34
CA ALA C 34 10.30 10.32 -41.16
C ALA C 34 11.43 9.53 -41.79
N TRP C 35 12.28 10.21 -42.54
CA TRP C 35 13.43 9.60 -43.18
C TRP C 35 14.69 9.96 -42.42
N TYR C 36 15.50 8.97 -42.10
CA TYR C 36 16.69 9.18 -41.30
C TYR C 36 17.95 8.96 -42.12
N GLN C 37 19.09 9.19 -41.48
CA GLN C 37 20.39 9.01 -42.10
C GLN C 37 21.36 8.70 -40.98
N GLN C 38 22.08 7.59 -41.09
CA GLN C 38 22.91 7.18 -39.96
C GLN C 38 24.41 7.42 -40.14
N LYS C 39 24.96 7.25 -41.34
CA LYS C 39 26.40 7.41 -41.53
C LYS C 39 27.17 6.54 -40.55
N PRO C 40 27.30 5.24 -40.84
CA PRO C 40 27.57 4.24 -39.79
C PRO C 40 28.67 4.65 -38.83
N GLY C 41 28.51 4.23 -37.59
CA GLY C 41 29.40 4.64 -36.53
C GLY C 41 28.98 5.89 -35.80
N LYS C 42 27.80 6.43 -36.10
CA LYS C 42 27.33 7.65 -35.48
C LYS C 42 25.88 7.45 -35.10
N VAL C 43 25.23 8.56 -34.77
CA VAL C 43 23.85 8.57 -34.32
C VAL C 43 22.97 9.01 -35.48
N PRO C 44 21.84 8.33 -35.74
CA PRO C 44 21.01 8.71 -36.88
C PRO C 44 20.45 10.10 -36.75
N GLN C 45 20.73 10.97 -37.71
CA GLN C 45 20.07 12.26 -37.70
C GLN C 45 18.82 12.20 -38.55
N LEU C 46 17.83 12.98 -38.17
CA LEU C 46 16.56 13.01 -38.86
C LEU C 46 16.69 13.91 -40.07
N LEU C 47 16.07 13.52 -41.17
CA LEU C 47 16.11 14.31 -42.39
C LEU C 47 14.77 14.96 -42.70
N ILE C 48 13.71 14.17 -42.74
CA ILE C 48 12.42 14.60 -43.27
C ILE C 48 11.36 14.27 -42.24
N SER C 49 10.49 15.22 -41.92
CA SER C 49 9.63 15.07 -40.75
C SER C 49 8.30 14.40 -41.10
N ALA C 50 7.49 15.05 -41.93
CA ALA C 50 6.24 14.45 -42.36
C ALA C 50 6.25 14.37 -43.87
N ALA C 51 6.98 13.38 -44.38
CA ALA C 51 7.00 12.96 -45.76
C ALA C 51 7.54 14.00 -46.75
N SER C 52 7.61 15.29 -46.41
CA SER C 52 8.55 16.12 -47.15
C SER C 52 9.43 16.99 -46.26
N THR C 53 8.88 18.09 -45.78
CA THR C 53 9.22 18.81 -44.55
C THR C 53 10.68 19.13 -44.31
N LEU C 54 11.60 18.56 -45.07
CA LEU C 54 12.99 19.00 -45.21
C LEU C 54 13.56 19.65 -43.95
N GLN C 55 13.69 18.91 -42.86
CA GLN C 55 14.10 19.47 -41.58
C GLN C 55 15.26 20.45 -41.72
N SER C 56 15.26 21.43 -40.83
CA SER C 56 16.22 22.52 -40.92
C SER C 56 17.65 22.00 -40.90
N GLY C 57 18.49 22.57 -41.76
CA GLY C 57 19.87 22.17 -41.87
C GLY C 57 20.13 21.06 -42.86
N VAL C 58 19.10 20.33 -43.27
CA VAL C 58 19.28 19.26 -44.24
C VAL C 58 19.43 19.86 -45.62
N PRO C 59 20.44 19.47 -46.40
CA PRO C 59 20.63 20.06 -47.72
C PRO C 59 19.42 19.80 -48.60
N SER C 60 19.13 20.77 -49.46
CA SER C 60 17.91 20.72 -50.27
C SER C 60 17.93 19.63 -51.32
N ARG C 61 18.94 18.77 -51.34
CA ARG C 61 18.90 17.63 -52.26
C ARG C 61 17.77 16.68 -51.90
N PHE C 62 17.59 16.38 -50.63
CA PHE C 62 16.60 15.40 -50.19
C PHE C 62 15.22 15.98 -50.43
N SER C 63 14.39 15.27 -51.19
CA SER C 63 13.06 15.76 -51.55
C SER C 63 12.04 14.65 -51.40
N GLY C 64 12.01 14.02 -50.23
CA GLY C 64 11.06 12.94 -50.02
C GLY C 64 9.63 13.39 -50.27
N SER C 65 8.79 12.43 -50.63
CA SER C 65 7.42 12.74 -51.04
C SER C 65 6.53 11.53 -50.76
N GLY C 66 5.28 11.63 -51.17
CA GLY C 66 4.34 10.53 -51.03
C GLY C 66 3.45 10.71 -49.81
N SER C 67 2.32 10.01 -49.84
CA SER C 67 1.39 9.99 -48.73
C SER C 67 0.51 8.75 -48.81
N GLY C 68 -0.06 8.37 -47.68
CA GLY C 68 -0.93 7.21 -47.65
C GLY C 68 -0.23 5.93 -47.24
N THR C 69 0.11 5.10 -48.20
CA THR C 69 0.71 3.80 -47.93
C THR C 69 2.17 3.73 -48.33
N ASP C 70 2.53 4.23 -49.52
CA ASP C 70 3.89 4.18 -50.01
C ASP C 70 4.47 5.58 -50.17
N PHE C 71 5.78 5.69 -50.02
CA PHE C 71 6.47 6.97 -50.05
C PHE C 71 7.77 6.80 -50.82
N THR C 72 8.52 7.88 -50.95
CA THR C 72 9.84 7.84 -51.55
C THR C 72 10.78 8.74 -50.76
N LEU C 73 12.02 8.81 -51.24
CA LEU C 73 13.00 9.78 -50.76
C LEU C 73 13.98 9.99 -51.91
N THR C 74 13.82 11.06 -52.65
CA THR C 74 14.61 11.27 -53.86
C THR C 74 15.77 12.18 -53.51
N ILE C 75 16.97 11.61 -53.44
CA ILE C 75 18.16 12.44 -53.37
C ILE C 75 18.48 12.93 -54.78
N SER C 76 18.45 14.24 -54.97
CA SER C 76 18.62 14.78 -56.31
C SER C 76 20.00 14.49 -56.86
N SER C 77 21.04 14.77 -56.10
CA SER C 77 22.41 14.41 -56.46
C SER C 77 23.08 13.77 -55.25
N LEU C 78 23.85 12.72 -55.49
CA LEU C 78 24.28 11.89 -54.36
C LEU C 78 25.36 12.59 -53.53
N GLN C 79 26.37 13.20 -54.18
CA GLN C 79 27.38 13.97 -53.46
C GLN C 79 28.03 13.19 -52.33
N PRO C 80 29.03 12.36 -52.63
CA PRO C 80 29.32 11.16 -51.81
C PRO C 80 29.42 11.40 -50.32
N GLU C 81 29.48 12.64 -49.88
CA GLU C 81 29.37 12.85 -48.44
C GLU C 81 27.99 12.49 -47.90
N ASP C 82 27.08 12.04 -48.76
CA ASP C 82 25.76 11.56 -48.34
C ASP C 82 25.70 10.04 -48.29
N VAL C 83 26.83 9.36 -48.36
CA VAL C 83 26.86 7.91 -48.36
C VAL C 83 26.58 7.43 -46.94
N ALA C 84 25.44 6.80 -46.75
CA ALA C 84 24.99 6.41 -45.41
C ALA C 84 23.85 5.42 -45.57
N THR C 85 23.25 5.02 -44.46
CA THR C 85 22.09 4.15 -44.47
C THR C 85 20.88 4.97 -44.03
N TYR C 86 19.80 4.88 -44.79
CA TYR C 86 18.62 5.70 -44.58
C TYR C 86 17.48 4.84 -44.08
N TYR C 87 16.73 5.37 -43.12
CA TYR C 87 15.65 4.61 -42.50
C TYR C 87 14.30 5.27 -42.75
N CYS C 88 13.26 4.77 -42.10
CA CYS C 88 11.90 5.16 -42.46
C CYS C 88 11.05 4.94 -41.22
N GLN C 89 10.60 6.01 -40.59
CA GLN C 89 10.22 5.91 -39.19
C GLN C 89 8.80 5.40 -39.00
N LYS C 90 7.82 5.97 -39.70
CA LYS C 90 6.41 5.69 -39.44
C LYS C 90 6.04 6.08 -38.01
N TYR C 91 6.05 7.37 -37.74
CA TYR C 91 5.76 7.87 -36.40
C TYR C 91 4.27 8.22 -36.31
N ASN C 92 3.50 7.32 -35.75
CA ASN C 92 2.17 7.65 -35.26
C ASN C 92 2.02 6.89 -33.96
N SER C 93 0.78 6.74 -33.49
CA SER C 93 0.56 6.58 -32.06
C SER C 93 1.56 5.67 -31.37
N ALA C 94 1.56 4.35 -31.63
CA ALA C 94 2.71 3.61 -31.11
C ALA C 94 2.96 2.22 -31.69
N PRO C 95 3.00 2.02 -32.99
CA PRO C 95 3.90 0.99 -33.51
C PRO C 95 5.28 1.55 -33.82
N ARG C 96 5.30 2.75 -34.41
CA ARG C 96 6.51 3.57 -34.64
C ARG C 96 7.69 2.76 -35.15
N THR C 97 7.45 1.70 -35.91
CA THR C 97 8.51 0.78 -36.34
C THR C 97 9.28 1.35 -37.51
N PHE C 98 10.61 1.21 -37.49
CA PHE C 98 11.39 1.72 -38.60
C PHE C 98 11.35 0.75 -39.77
N GLY C 99 12.17 1.04 -40.77
CA GLY C 99 12.38 0.15 -41.88
C GLY C 99 13.72 -0.56 -41.79
N GLN C 100 13.97 -1.42 -42.76
CA GLN C 100 15.19 -2.22 -42.76
C GLN C 100 16.42 -1.34 -42.91
N GLY C 101 16.29 -0.24 -43.63
CA GLY C 101 17.46 0.56 -43.95
C GLY C 101 17.74 0.48 -45.43
N THR C 102 18.71 1.26 -45.90
CA THR C 102 19.06 1.23 -47.31
C THR C 102 20.51 1.64 -47.45
N LYS C 103 21.39 0.66 -47.53
CA LYS C 103 22.80 0.94 -47.77
C LYS C 103 22.94 1.69 -49.08
N VAL C 104 23.44 2.92 -49.00
CA VAL C 104 23.68 3.75 -50.18
C VAL C 104 25.18 3.91 -50.30
N GLU C 105 25.70 3.68 -51.50
CA GLU C 105 27.13 3.83 -51.73
C GLU C 105 27.35 4.30 -53.16
N ILE C 106 28.61 4.47 -53.54
CA ILE C 106 28.99 4.96 -54.85
C ILE C 106 29.79 3.88 -55.55
N LYS C 107 30.27 4.18 -56.75
CA LYS C 107 31.21 3.30 -57.42
C LYS C 107 32.55 4.01 -57.62
N ARG C 108 33.54 3.24 -58.06
CA ARG C 108 34.82 3.75 -58.56
C ARG C 108 35.24 2.81 -59.67
N ALA C 109 36.51 2.87 -60.05
CA ALA C 109 37.05 1.87 -60.98
C ALA C 109 36.80 0.47 -60.42
N ASP C 110 35.97 -0.29 -61.12
CA ASP C 110 35.58 -1.62 -60.66
C ASP C 110 36.76 -2.57 -60.79
N ALA C 111 37.20 -3.15 -59.68
CA ALA C 111 38.43 -3.91 -59.67
C ALA C 111 38.25 -5.32 -59.11
N ALA C 112 39.23 -6.16 -59.37
CA ALA C 112 39.41 -7.56 -58.97
C ALA C 112 40.08 -7.65 -57.60
N PRO C 113 39.56 -8.52 -56.73
CA PRO C 113 40.17 -8.70 -55.42
C PRO C 113 41.56 -9.30 -55.49
N THR C 114 42.39 -8.91 -54.52
CA THR C 114 43.70 -9.52 -54.34
C THR C 114 43.58 -10.61 -53.28
N VAL C 115 43.31 -11.83 -53.72
CA VAL C 115 43.07 -12.95 -52.83
C VAL C 115 44.41 -13.47 -52.30
N SER C 116 44.45 -13.77 -51.01
CA SER C 116 45.65 -14.29 -50.38
C SER C 116 45.24 -15.13 -49.18
N ILE C 117 45.93 -16.26 -49.00
CA ILE C 117 45.56 -17.26 -48.00
C ILE C 117 46.72 -17.44 -47.05
N PHE C 118 46.42 -17.80 -45.80
CA PHE C 118 47.44 -17.90 -44.77
C PHE C 118 47.27 -19.18 -43.95
N PRO C 119 48.37 -19.82 -43.59
CA PRO C 119 48.29 -21.07 -42.80
C PRO C 119 47.96 -20.78 -41.35
N PRO C 120 47.63 -21.81 -40.57
CA PRO C 120 47.41 -21.59 -39.13
C PRO C 120 48.68 -21.17 -38.43
N SER C 121 48.52 -20.49 -37.31
CA SER C 121 49.68 -20.00 -36.59
C SER C 121 50.33 -21.11 -35.76
N SER C 122 51.66 -21.15 -35.80
CA SER C 122 52.39 -22.14 -35.02
C SER C 122 52.19 -21.94 -33.53
N GLU C 123 51.96 -20.70 -33.10
CA GLU C 123 51.57 -20.45 -31.72
C GLU C 123 50.23 -21.08 -31.40
N GLN C 124 49.32 -21.13 -32.39
CA GLN C 124 48.12 -21.95 -32.24
C GLN C 124 48.44 -23.43 -32.36
N LEU C 125 49.51 -23.78 -33.08
CA LEU C 125 49.89 -25.18 -33.19
C LEU C 125 50.36 -25.75 -31.86
N THR C 126 50.53 -24.91 -30.85
CA THR C 126 50.70 -25.37 -29.48
C THR C 126 49.39 -25.38 -28.69
N SER C 127 48.29 -24.91 -29.27
CA SER C 127 47.08 -24.64 -28.51
C SER C 127 45.98 -25.67 -28.71
N GLY C 128 45.90 -26.32 -29.88
CA GLY C 128 44.83 -27.25 -30.13
C GLY C 128 43.81 -26.78 -31.15
N GLY C 129 44.27 -26.07 -32.17
CA GLY C 129 43.39 -25.60 -33.24
C GLY C 129 44.17 -25.20 -34.47
N ALA C 130 43.43 -24.81 -35.50
CA ALA C 130 44.01 -24.38 -36.77
C ALA C 130 43.11 -23.28 -37.35
N SER C 131 43.72 -22.15 -37.72
CA SER C 131 42.98 -21.02 -38.25
C SER C 131 43.58 -20.64 -39.60
N VAL C 132 42.91 -21.01 -40.68
CA VAL C 132 43.35 -20.67 -42.03
C VAL C 132 42.46 -19.55 -42.54
N VAL C 133 43.05 -18.39 -42.82
CA VAL C 133 42.31 -17.20 -43.19
C VAL C 133 42.69 -16.82 -44.61
N CYS C 134 41.68 -16.64 -45.46
CA CYS C 134 41.89 -16.11 -46.81
C CYS C 134 41.36 -14.69 -46.87
N PHE C 135 42.27 -13.73 -47.06
CA PHE C 135 41.92 -12.31 -47.10
C PHE C 135 41.75 -11.85 -48.55
N LEU C 136 40.59 -11.24 -48.83
CA LEU C 136 40.28 -10.70 -50.14
C LEU C 136 40.05 -9.20 -49.98
N ASN C 137 40.82 -8.40 -50.72
CA ASN C 137 40.90 -6.97 -50.45
C ASN C 137 40.69 -6.14 -51.70
N ASN C 138 40.07 -4.96 -51.52
CA ASN C 138 39.97 -3.94 -52.56
C ASN C 138 39.28 -4.49 -53.83
N PHE C 139 37.98 -4.76 -53.70
CA PHE C 139 37.24 -5.28 -54.84
C PHE C 139 35.90 -4.58 -54.96
N TYR C 140 35.35 -4.60 -56.17
CA TYR C 140 34.04 -4.02 -56.44
C TYR C 140 33.38 -4.78 -57.58
N PRO C 141 32.14 -5.23 -57.43
CA PRO C 141 31.24 -4.96 -56.31
C PRO C 141 31.41 -5.84 -55.08
N LYS C 142 30.32 -5.94 -54.32
CA LYS C 142 30.32 -6.68 -53.06
C LYS C 142 30.41 -8.19 -53.27
N ASP C 143 29.97 -8.69 -54.42
CA ASP C 143 29.69 -10.11 -54.59
C ASP C 143 30.98 -10.92 -54.70
N ILE C 144 31.28 -11.71 -53.66
CA ILE C 144 32.11 -12.90 -53.77
C ILE C 144 31.59 -13.95 -52.81
N ASN C 145 31.42 -15.18 -53.31
CA ASN C 145 31.17 -16.35 -52.49
C ASN C 145 32.46 -17.16 -52.43
N VAL C 146 32.90 -17.48 -51.22
CA VAL C 146 34.22 -18.07 -51.02
C VAL C 146 34.04 -19.54 -50.64
N LYS C 147 34.82 -20.40 -51.29
CA LYS C 147 34.78 -21.83 -51.04
C LYS C 147 36.12 -22.30 -50.48
N TRP C 148 36.05 -23.23 -49.53
CA TRP C 148 37.21 -23.89 -48.96
C TRP C 148 37.20 -25.37 -49.31
N LYS C 149 38.39 -25.92 -49.59
CA LYS C 149 38.51 -27.24 -50.18
C LYS C 149 39.40 -28.13 -49.32
N ILE C 150 38.90 -29.32 -48.95
CA ILE C 150 39.74 -30.35 -48.34
C ILE C 150 40.40 -31.09 -49.50
N ASP C 151 41.47 -30.51 -50.03
CA ASP C 151 42.26 -31.10 -51.11
C ASP C 151 41.39 -31.51 -52.30
N GLY C 152 40.20 -30.92 -52.43
CA GLY C 152 39.27 -31.28 -53.47
C GLY C 152 37.85 -31.55 -53.01
N SER C 153 37.63 -31.72 -51.70
CA SER C 153 36.31 -32.06 -51.17
C SER C 153 35.76 -30.90 -50.36
N GLU C 154 34.43 -30.86 -50.24
CA GLU C 154 33.75 -29.70 -49.65
C GLU C 154 33.97 -29.59 -48.15
N ARG C 155 33.78 -28.37 -47.65
CA ARG C 155 33.92 -28.06 -46.23
C ARG C 155 32.66 -27.41 -45.70
N GLN C 156 32.33 -27.73 -44.45
CA GLN C 156 31.23 -27.11 -43.75
C GLN C 156 31.66 -26.88 -42.31
N ASN C 157 30.91 -26.02 -41.61
CA ASN C 157 31.16 -25.60 -40.24
C ASN C 157 32.43 -24.78 -40.09
N GLY C 158 33.09 -24.40 -41.18
CA GLY C 158 34.32 -23.65 -41.10
C GLY C 158 34.31 -22.36 -41.89
N VAL C 159 33.38 -22.25 -42.83
CA VAL C 159 33.28 -21.05 -43.66
C VAL C 159 32.65 -19.94 -42.83
N LEU C 160 33.46 -18.95 -42.45
CA LEU C 160 33.01 -17.86 -41.61
C LEU C 160 33.08 -16.55 -42.39
N ASN C 161 32.07 -15.71 -42.15
CA ASN C 161 31.91 -14.46 -42.87
C ASN C 161 32.52 -13.32 -42.06
N SER C 162 33.25 -12.46 -42.75
CA SER C 162 33.69 -11.19 -42.18
C SER C 162 33.77 -10.15 -43.28
N TRP C 163 32.70 -9.37 -43.42
CA TRP C 163 32.59 -8.29 -44.38
C TRP C 163 33.16 -7.01 -43.79
N THR C 164 33.49 -6.05 -44.65
CA THR C 164 33.77 -4.69 -44.22
C THR C 164 32.90 -3.71 -44.99
N ASP C 165 32.33 -2.75 -44.29
CA ASP C 165 31.63 -1.67 -44.98
C ASP C 165 32.61 -0.79 -45.72
N GLN C 166 32.07 -0.03 -46.66
CA GLN C 166 32.89 0.62 -47.66
C GLN C 166 33.96 1.49 -47.03
N ASP C 167 35.16 1.42 -47.60
CA ASP C 167 36.25 2.26 -47.13
C ASP C 167 35.94 3.73 -47.33
N SER C 168 36.53 4.57 -46.48
CA SER C 168 36.31 6.00 -46.60
C SER C 168 37.12 6.60 -47.74
N LYS C 169 38.38 6.20 -47.90
CA LYS C 169 39.28 6.87 -48.85
C LYS C 169 39.10 6.34 -50.27
N ASP C 170 39.41 5.06 -50.51
CA ASP C 170 39.29 4.50 -51.84
C ASP C 170 37.92 3.89 -52.08
N SER C 171 37.05 3.90 -51.07
CA SER C 171 35.68 3.42 -51.20
C SER C 171 35.65 1.97 -51.67
N THR C 172 36.51 1.16 -51.06
CA THR C 172 36.66 -0.24 -51.44
C THR C 172 36.16 -1.15 -50.31
N TYR C 173 36.02 -2.43 -50.65
CA TYR C 173 35.41 -3.43 -49.77
C TYR C 173 36.47 -4.46 -49.44
N SER C 174 36.20 -5.30 -48.44
CA SER C 174 37.14 -6.36 -48.07
C SER C 174 36.42 -7.52 -47.40
N MET C 175 36.88 -8.74 -47.71
CA MET C 175 36.42 -9.97 -47.09
C MET C 175 37.59 -10.76 -46.54
N SER C 176 37.42 -11.35 -45.37
CA SER C 176 38.36 -12.34 -44.84
C SER C 176 37.65 -13.66 -44.66
N SER C 177 38.10 -14.68 -45.40
CA SER C 177 37.49 -16.01 -45.33
C SER C 177 38.07 -16.72 -44.10
N THR C 178 37.46 -16.45 -42.96
CA THR C 178 37.91 -17.08 -41.72
C THR C 178 37.56 -18.56 -41.71
N LEU C 179 38.55 -19.40 -41.40
CA LEU C 179 38.34 -20.83 -41.25
C LEU C 179 39.08 -21.28 -39.99
N THR C 180 38.37 -21.99 -39.11
CA THR C 180 38.94 -22.47 -37.87
C THR C 180 38.78 -23.98 -37.80
N LEU C 181 39.87 -24.69 -37.58
CA LEU C 181 39.89 -26.14 -37.57
C LEU C 181 40.52 -26.66 -36.28
N THR C 182 40.56 -27.98 -36.16
CA THR C 182 41.16 -28.66 -35.02
C THR C 182 42.49 -29.30 -35.45
N LYS C 183 43.21 -29.85 -34.47
CA LYS C 183 44.53 -30.36 -34.76
C LYS C 183 44.46 -31.65 -35.54
N ASP C 184 43.52 -32.53 -35.16
CA ASP C 184 43.32 -33.77 -35.88
C ASP C 184 42.98 -33.50 -37.34
N GLU C 185 42.12 -32.52 -37.59
CA GLU C 185 41.76 -32.14 -38.95
C GLU C 185 42.89 -31.43 -39.67
N TYR C 186 43.77 -30.74 -38.93
CA TYR C 186 44.81 -29.95 -39.56
C TYR C 186 45.94 -30.82 -40.12
N GLU C 187 46.36 -31.83 -39.37
CA GLU C 187 47.49 -32.64 -39.78
C GLU C 187 47.11 -33.73 -40.78
N ARG C 188 45.82 -33.93 -41.05
CA ARG C 188 45.42 -34.89 -42.07
C ARG C 188 45.76 -34.40 -43.46
N HIS C 189 45.62 -33.10 -43.71
CA HIS C 189 45.74 -32.54 -45.04
C HIS C 189 46.64 -31.31 -45.01
N ASN C 190 47.17 -30.95 -46.18
CA ASN C 190 48.07 -29.81 -46.28
C ASN C 190 47.54 -28.74 -47.24
N SER C 191 47.09 -29.13 -48.44
CA SER C 191 46.73 -28.16 -49.49
C SER C 191 45.35 -27.59 -49.17
N TYR C 192 45.33 -26.48 -48.46
CA TYR C 192 44.08 -25.83 -48.08
C TYR C 192 43.84 -24.68 -49.05
N THR C 193 42.67 -24.67 -49.69
CA THR C 193 42.42 -23.68 -50.73
C THR C 193 41.22 -22.80 -50.38
N CYS C 194 41.30 -21.56 -50.85
CA CYS C 194 40.19 -20.61 -50.76
C CYS C 194 39.80 -20.17 -52.16
N GLU C 195 38.51 -20.25 -52.48
CA GLU C 195 38.01 -20.09 -53.85
C GLU C 195 37.24 -18.78 -53.98
N ALA C 196 37.77 -17.85 -54.77
CA ALA C 196 37.13 -16.57 -55.03
C ALA C 196 36.04 -16.72 -56.09
N THR C 197 35.17 -15.71 -56.16
CA THR C 197 34.08 -15.72 -57.15
C THR C 197 33.65 -14.26 -57.35
N HIS C 198 34.20 -13.61 -58.37
CA HIS C 198 34.01 -12.19 -58.58
C HIS C 198 33.65 -11.92 -60.03
N LYS C 199 32.92 -10.82 -60.26
CA LYS C 199 32.51 -10.48 -61.62
C LYS C 199 33.70 -10.12 -62.49
N THR C 200 34.70 -9.44 -61.92
CA THR C 200 35.91 -9.14 -62.67
C THR C 200 36.59 -10.41 -63.15
N SER C 201 37.04 -11.25 -62.22
CA SER C 201 37.71 -12.49 -62.57
C SER C 201 36.66 -13.55 -62.85
N THR C 202 36.33 -13.73 -64.13
CA THR C 202 35.31 -14.71 -64.51
C THR C 202 35.71 -16.11 -64.06
N SER C 203 37.00 -16.34 -63.84
CA SER C 203 37.53 -17.59 -63.32
C SER C 203 37.67 -17.51 -61.80
N PRO C 204 37.20 -18.52 -61.08
CA PRO C 204 37.36 -18.53 -59.62
C PRO C 204 38.83 -18.65 -59.25
N ILE C 205 39.32 -17.67 -58.50
CA ILE C 205 40.75 -17.64 -58.15
C ILE C 205 40.94 -18.51 -56.91
N VAL C 206 41.71 -19.58 -57.06
CA VAL C 206 41.88 -20.57 -56.01
C VAL C 206 43.37 -20.66 -55.67
N LYS C 207 43.70 -20.55 -54.39
CA LYS C 207 45.08 -20.54 -53.91
C LYS C 207 45.22 -21.50 -52.74
N SER C 208 46.35 -22.20 -52.67
CA SER C 208 46.60 -23.16 -51.60
C SER C 208 48.01 -22.97 -51.06
N PHE C 209 48.34 -23.77 -50.05
CA PHE C 209 49.64 -23.78 -49.41
C PHE C 209 49.92 -25.18 -48.89
N ASN C 210 51.19 -25.44 -48.59
CA ASN C 210 51.60 -26.71 -47.98
C ASN C 210 51.82 -26.50 -46.50
N ARG C 211 51.49 -27.55 -45.73
CA ARG C 211 51.60 -27.47 -44.28
C ARG C 211 53.06 -27.36 -43.86
N ASN C 212 53.35 -26.41 -42.97
CA ASN C 212 54.69 -26.17 -42.44
C ASN C 212 55.67 -25.81 -43.56
N GLU C 213 55.14 -25.30 -44.67
CA GLU C 213 55.99 -24.76 -45.73
C GLU C 213 56.31 -23.30 -45.46
N CYS C 214 55.67 -22.72 -44.47
CA CYS C 214 55.60 -21.27 -44.35
C CYS C 214 56.26 -20.74 -43.07
N ASP D 1 -19.11 -23.90 22.50
CA ASP D 1 -19.30 -24.48 21.18
C ASP D 1 -20.46 -25.43 21.14
N ILE D 2 -20.47 -26.29 20.13
CA ILE D 2 -21.36 -27.44 20.07
C ILE D 2 -20.50 -28.67 20.23
N GLN D 3 -20.79 -29.48 21.26
CA GLN D 3 -20.05 -30.70 21.51
C GLN D 3 -20.86 -31.87 20.96
N MET D 4 -20.24 -32.65 20.09
CA MET D 4 -20.88 -33.81 19.49
C MET D 4 -20.35 -35.06 20.19
N THR D 5 -21.26 -35.94 20.57
CA THR D 5 -20.88 -37.14 21.31
C THR D 5 -21.46 -38.37 20.63
N GLN D 6 -20.59 -39.13 19.97
CA GLN D 6 -20.91 -40.48 19.56
C GLN D 6 -21.33 -41.26 20.80
N SER D 7 -22.43 -41.98 20.76
CA SER D 7 -22.82 -42.61 22.01
C SER D 7 -21.95 -43.84 22.29
N PRO D 8 -21.83 -44.81 21.38
CA PRO D 8 -20.86 -45.88 21.62
C PRO D 8 -19.48 -45.46 21.18
N SER D 9 -18.54 -45.33 22.12
CA SER D 9 -17.18 -45.01 21.74
C SER D 9 -16.49 -46.17 21.05
N SER D 10 -17.09 -47.35 21.13
CA SER D 10 -16.67 -48.53 20.38
C SER D 10 -17.71 -49.62 20.59
N LEU D 11 -17.95 -50.42 19.55
CA LEU D 11 -18.94 -51.48 19.65
C LEU D 11 -18.55 -52.63 18.76
N SER D 12 -19.12 -53.80 19.05
CA SER D 12 -18.86 -54.99 18.26
C SER D 12 -20.10 -55.88 18.37
N ALA D 13 -20.96 -55.80 17.36
CA ALA D 13 -22.24 -56.49 17.54
C ALA D 13 -22.23 -57.90 16.99
N SER D 14 -22.12 -58.04 15.66
CA SER D 14 -22.06 -59.34 15.00
C SER D 14 -22.05 -59.17 13.49
N VAL D 15 -21.62 -60.18 12.75
CA VAL D 15 -21.95 -60.23 11.33
C VAL D 15 -23.42 -60.62 11.26
N GLY D 16 -24.27 -59.67 10.86
CA GLY D 16 -25.68 -59.87 11.12
C GLY D 16 -26.32 -58.70 11.84
N ASP D 17 -26.62 -58.90 13.12
CA ASP D 17 -27.48 -58.02 13.90
C ASP D 17 -27.15 -56.55 13.71
N ARG D 18 -28.18 -55.72 13.85
CA ARG D 18 -28.12 -54.31 13.53
C ARG D 18 -27.23 -53.56 14.52
N VAL D 19 -26.81 -52.37 14.09
CA VAL D 19 -25.93 -51.52 14.86
C VAL D 19 -26.48 -50.10 14.80
N THR D 20 -26.56 -49.42 15.94
CA THR D 20 -27.14 -48.09 16.03
C THR D 20 -26.20 -47.16 16.79
N ILE D 21 -25.48 -46.32 16.06
CA ILE D 21 -24.63 -45.29 16.64
C ILE D 21 -25.46 -44.04 16.86
N THR D 22 -25.25 -43.36 17.98
CA THR D 22 -25.99 -42.16 18.33
C THR D 22 -25.03 -40.98 18.40
N CYS D 23 -25.48 -39.80 17.95
CA CYS D 23 -24.62 -38.63 17.93
C CYS D 23 -25.30 -37.41 18.57
N ARG D 24 -25.81 -37.57 19.77
CA ARG D 24 -26.39 -36.45 20.50
C ARG D 24 -25.46 -35.25 20.50
N ALA D 25 -25.96 -34.13 19.98
CA ALA D 25 -25.19 -32.90 19.92
C ALA D 25 -25.47 -32.04 21.14
N SER D 26 -24.92 -30.83 21.19
CA SER D 26 -25.08 -29.96 22.34
C SER D 26 -26.26 -29.02 22.18
N GLN D 27 -26.23 -28.19 21.15
CA GLN D 27 -27.35 -27.32 20.82
C GLN D 27 -27.89 -27.67 19.45
N GLY D 28 -29.21 -27.54 19.32
CA GLY D 28 -29.92 -28.00 18.15
C GLY D 28 -29.31 -27.58 16.84
N ILE D 29 -28.84 -28.55 16.06
CA ILE D 29 -28.30 -28.25 14.75
C ILE D 29 -29.33 -28.45 13.64
N SER D 30 -30.43 -29.15 13.92
CA SER D 30 -31.61 -29.13 13.06
C SER D 30 -31.29 -29.63 11.66
N ASN D 31 -31.01 -30.92 11.58
CA ASN D 31 -30.88 -31.61 10.29
C ASN D 31 -29.65 -31.16 9.53
N TYR D 32 -28.55 -30.97 10.24
CA TYR D 32 -27.26 -30.75 9.60
C TYR D 32 -26.33 -31.76 10.24
N LEU D 33 -26.35 -32.99 9.74
CA LEU D 33 -25.53 -34.02 10.34
C LEU D 33 -25.12 -35.01 9.27
N ALA D 34 -23.82 -35.17 9.07
CA ALA D 34 -23.30 -36.10 8.09
C ALA D 34 -22.58 -37.22 8.82
N TRP D 35 -22.83 -38.45 8.38
CA TRP D 35 -22.21 -39.64 8.94
C TRP D 35 -21.14 -40.14 8.00
N TYR D 36 -19.95 -40.39 8.52
CA TYR D 36 -18.83 -40.80 7.70
C TYR D 36 -18.44 -42.24 8.00
N GLN D 37 -17.45 -42.71 7.24
CA GLN D 37 -16.92 -44.06 7.39
C GLN D 37 -15.48 -44.03 6.92
N GLN D 38 -14.56 -44.45 7.77
CA GLN D 38 -13.15 -44.29 7.42
C GLN D 38 -12.45 -45.56 6.95
N LYS D 39 -12.75 -46.73 7.52
CA LYS D 39 -12.04 -47.95 7.15
C LYS D 39 -10.54 -47.76 7.28
N PRO D 40 -10.00 -47.85 8.50
CA PRO D 40 -8.71 -47.23 8.81
C PRO D 40 -7.63 -47.50 7.79
N GLY D 41 -6.77 -46.50 7.60
CA GLY D 41 -5.77 -46.55 6.57
C GLY D 41 -6.20 -45.95 5.25
N LYS D 42 -7.38 -45.35 5.18
CA LYS D 42 -7.89 -44.78 3.96
C LYS D 42 -8.47 -43.42 4.27
N VAL D 43 -9.22 -42.89 3.32
CA VAL D 43 -9.81 -41.56 3.41
C VAL D 43 -11.28 -41.72 3.77
N PRO D 44 -11.82 -40.94 4.72
CA PRO D 44 -13.21 -41.11 5.11
C PRO D 44 -14.16 -40.81 3.98
N GLN D 45 -14.99 -41.77 3.61
CA GLN D 45 -16.03 -41.47 2.64
C GLN D 45 -17.30 -41.08 3.37
N LEU D 46 -18.07 -40.20 2.74
CA LEU D 46 -19.28 -39.70 3.33
C LEU D 46 -20.40 -40.71 3.07
N LEU D 47 -21.26 -40.90 4.06
CA LEU D 47 -22.36 -41.84 3.92
C LEU D 47 -23.71 -41.13 3.82
N ILE D 48 -24.01 -40.24 4.75
CA ILE D 48 -25.34 -39.68 4.91
C ILE D 48 -25.21 -38.17 4.97
N SER D 49 -26.03 -37.46 4.18
CA SER D 49 -25.77 -36.05 3.98
C SER D 49 -26.49 -35.17 4.99
N ALA D 50 -27.81 -35.19 5.01
CA ALA D 50 -28.57 -34.44 6.00
C ALA D 50 -29.46 -35.42 6.77
N ALA D 51 -28.82 -36.14 7.69
CA ALA D 51 -29.44 -36.99 8.67
C ALA D 51 -30.21 -38.19 8.12
N SER D 52 -30.60 -38.21 6.83
CA SER D 52 -30.87 -39.52 6.26
C SER D 52 -30.20 -39.74 4.91
N THR D 53 -30.79 -39.18 3.86
CA THR D 53 -30.18 -38.74 2.61
C THR D 53 -29.27 -39.73 1.88
N LEU D 54 -28.89 -40.83 2.52
CA LEU D 54 -28.32 -42.03 1.89
C LEU D 54 -27.52 -41.73 0.63
N GLN D 55 -26.40 -41.02 0.74
CA GLN D 55 -25.65 -40.57 -0.42
C GLN D 55 -25.48 -41.68 -1.46
N SER D 56 -25.42 -41.27 -2.72
CA SER D 56 -25.42 -42.21 -3.84
C SER D 56 -24.26 -43.18 -3.71
N GLY D 57 -24.53 -44.46 -3.99
CA GLY D 57 -23.55 -45.50 -3.91
C GLY D 57 -23.44 -46.16 -2.55
N VAL D 58 -23.98 -45.55 -1.52
CA VAL D 58 -23.93 -46.15 -0.18
C VAL D 58 -24.98 -47.25 -0.10
N PRO D 59 -24.63 -48.44 0.36
CA PRO D 59 -25.61 -49.53 0.43
C PRO D 59 -26.77 -49.15 1.33
N SER D 60 -27.96 -49.63 0.96
CA SER D 60 -29.18 -49.23 1.64
C SER D 60 -29.28 -49.78 3.06
N ARG D 61 -28.24 -50.41 3.58
CA ARG D 61 -28.26 -50.80 4.99
C ARG D 61 -28.28 -49.58 5.89
N PHE D 62 -27.47 -48.57 5.61
CA PHE D 62 -27.35 -47.40 6.47
C PHE D 62 -28.64 -46.62 6.39
N SER D 63 -29.26 -46.37 7.53
CA SER D 63 -30.55 -45.70 7.58
C SER D 63 -30.57 -44.66 8.69
N GLY D 64 -29.56 -43.78 8.71
CA GLY D 64 -29.50 -42.78 9.75
C GLY D 64 -30.76 -41.94 9.80
N SER D 65 -31.04 -41.39 10.98
CA SER D 65 -32.29 -40.67 11.21
C SER D 65 -32.07 -39.66 12.32
N GLY D 66 -33.15 -38.99 12.70
CA GLY D 66 -33.11 -38.03 13.78
C GLY D 66 -33.03 -36.60 13.27
N SER D 67 -33.40 -35.67 14.15
CA SER D 67 -33.29 -34.25 13.85
C SER D 67 -33.29 -33.47 15.16
N GLY D 68 -32.77 -32.26 15.10
CA GLY D 68 -32.73 -31.41 16.26
C GLY D 68 -31.41 -31.46 17.01
N THR D 69 -31.38 -32.22 18.10
CA THR D 69 -30.21 -32.31 18.96
C THR D 69 -29.50 -33.65 18.87
N ASP D 70 -30.24 -34.75 18.92
CA ASP D 70 -29.67 -36.08 18.88
C ASP D 70 -30.10 -36.83 17.62
N PHE D 71 -29.24 -37.73 17.17
CA PHE D 71 -29.45 -38.46 15.92
C PHE D 71 -29.04 -39.91 16.13
N THR D 72 -29.17 -40.71 15.09
CA THR D 72 -28.69 -42.08 15.11
C THR D 72 -28.06 -42.41 13.76
N LEU D 73 -27.62 -43.65 13.64
CA LEU D 73 -27.18 -44.24 12.37
C LEU D 73 -27.38 -45.73 12.50
N THR D 74 -28.45 -46.26 11.96
CA THR D 74 -28.81 -47.66 12.15
C THR D 74 -28.32 -48.45 10.95
N ILE D 75 -27.25 -49.20 11.14
CA ILE D 75 -26.86 -50.19 10.13
C ILE D 75 -27.76 -51.40 10.28
N SER D 76 -28.53 -51.70 9.24
CA SER D 76 -29.52 -52.77 9.35
C SER D 76 -28.85 -54.13 9.56
N SER D 77 -27.86 -54.45 8.73
CA SER D 77 -27.06 -55.66 8.91
C SER D 77 -25.60 -55.28 8.75
N LEU D 78 -24.74 -55.85 9.59
CA LEU D 78 -23.38 -55.33 9.68
C LEU D 78 -22.54 -55.70 8.46
N GLN D 79 -22.61 -56.96 8.01
CA GLN D 79 -21.91 -57.37 6.79
C GLN D 79 -20.43 -57.01 6.79
N PRO D 80 -19.59 -57.82 7.43
CA PRO D 80 -18.33 -57.33 8.00
C PRO D 80 -17.47 -56.48 7.10
N GLU D 81 -17.77 -56.43 5.80
CA GLU D 81 -17.07 -55.46 4.99
C GLU D 81 -17.43 -54.02 5.36
N ASP D 82 -18.30 -53.82 6.35
CA ASP D 82 -18.62 -52.50 6.87
C ASP D 82 -17.89 -52.19 8.17
N VAL D 83 -16.89 -52.97 8.52
CA VAL D 83 -16.16 -52.78 9.76
C VAL D 83 -15.25 -51.58 9.58
N ALA D 84 -15.52 -50.51 10.30
CA ALA D 84 -14.79 -49.25 10.12
C ALA D 84 -15.12 -48.35 11.30
N THR D 85 -14.64 -47.12 11.25
CA THR D 85 -14.94 -46.13 12.27
C THR D 85 -15.81 -45.06 11.64
N TYR D 86 -16.91 -44.73 12.31
CA TYR D 86 -17.92 -43.83 11.77
C TYR D 86 -17.90 -42.52 12.54
N TYR D 87 -18.05 -41.42 11.81
CA TYR D 87 -17.98 -40.11 12.42
C TYR D 87 -19.28 -39.36 12.27
N CYS D 88 -19.29 -38.08 12.62
CA CYS D 88 -20.55 -37.34 12.76
C CYS D 88 -20.23 -35.88 12.58
N GLN D 89 -20.65 -35.30 11.46
CA GLN D 89 -19.97 -34.09 10.99
C GLN D 89 -20.49 -32.83 11.65
N LYS D 90 -21.81 -32.64 11.71
CA LYS D 90 -22.40 -31.37 12.15
C LYS D 90 -21.95 -30.23 11.24
N TYR D 91 -22.41 -30.26 10.01
CA TYR D 91 -22.03 -29.25 9.03
C TYR D 91 -23.06 -28.14 9.01
N ASN D 92 -22.77 -27.06 9.71
CA ASN D 92 -23.45 -25.79 9.49
C ASN D 92 -22.38 -24.73 9.59
N SER D 93 -22.80 -23.47 9.77
CA SER D 93 -21.99 -22.36 9.31
C SER D 93 -20.49 -22.53 9.54
N ALA D 94 -20.00 -22.50 10.80
CA ALA D 94 -18.61 -22.91 10.95
C ALA D 94 -18.12 -23.27 12.34
N PRO D 95 -18.80 -24.11 13.10
CA PRO D 95 -18.05 -24.97 14.03
C PRO D 95 -17.65 -26.28 13.38
N ARG D 96 -18.58 -26.86 12.60
CA ARG D 96 -18.37 -28.03 11.75
C ARG D 96 -17.55 -29.14 12.41
N THR D 97 -17.65 -29.28 13.73
CA THR D 97 -16.80 -30.20 14.47
C THR D 97 -17.31 -31.63 14.36
N PHE D 98 -16.40 -32.58 14.16
CA PHE D 98 -16.84 -33.96 14.06
C PHE D 98 -17.11 -34.55 15.44
N GLY D 99 -17.34 -35.85 15.46
CA GLY D 99 -17.44 -36.58 16.70
C GLY D 99 -16.21 -37.42 16.96
N GLN D 100 -16.23 -38.11 18.10
CA GLN D 100 -15.08 -38.90 18.50
C GLN D 100 -14.83 -40.05 17.55
N GLY D 101 -15.88 -40.59 16.96
CA GLY D 101 -15.75 -41.78 16.16
C GLY D 101 -16.43 -42.94 16.83
N THR D 102 -16.49 -44.08 16.17
CA THR D 102 -17.13 -45.25 16.76
C THR D 102 -16.51 -46.49 16.15
N LYS D 103 -15.53 -47.06 16.84
CA LYS D 103 -14.93 -48.31 16.40
C LYS D 103 -16.01 -49.37 16.31
N VAL D 104 -16.26 -49.87 15.11
CA VAL D 104 -17.22 -50.94 14.89
C VAL D 104 -16.44 -52.17 14.46
N GLU D 105 -16.74 -53.31 15.10
CA GLU D 105 -16.06 -54.54 14.76
C GLU D 105 -17.02 -55.70 14.96
N ILE D 106 -16.54 -56.92 14.71
CA ILE D 106 -17.35 -58.12 14.80
C ILE D 106 -16.75 -59.01 15.88
N LYS D 107 -17.33 -60.18 16.07
CA LYS D 107 -16.71 -61.20 16.92
C LYS D 107 -16.34 -62.43 16.10
N ARG D 108 -15.63 -63.34 16.74
CA ARG D 108 -15.39 -64.69 16.25
C ARG D 108 -15.34 -65.59 17.48
N ALA D 109 -14.80 -66.80 17.31
CA ALA D 109 -14.55 -67.64 18.47
C ALA D 109 -13.68 -66.90 19.47
N ASP D 110 -14.25 -66.60 20.64
CA ASP D 110 -13.56 -65.82 21.66
C ASP D 110 -12.44 -66.65 22.27
N ALA D 111 -11.20 -66.16 22.16
CA ALA D 111 -10.05 -66.96 22.53
C ALA D 111 -9.14 -66.26 23.51
N ALA D 112 -8.27 -67.03 24.15
CA ALA D 112 -7.24 -66.70 25.11
C ALA D 112 -5.95 -66.30 24.42
N PRO D 113 -5.31 -65.22 24.88
CA PRO D 113 -4.05 -64.80 24.30
C PRO D 113 -2.93 -65.80 24.53
N THR D 114 -2.01 -65.85 23.58
CA THR D 114 -0.78 -66.63 23.71
C THR D 114 0.32 -65.69 24.19
N VAL D 115 0.49 -65.59 25.51
CA VAL D 115 1.43 -64.66 26.11
C VAL D 115 2.83 -65.25 26.01
N SER D 116 3.80 -64.41 25.66
CA SER D 116 5.19 -64.81 25.55
C SER D 116 6.08 -63.61 25.82
N ILE D 117 7.16 -63.83 26.56
CA ILE D 117 8.02 -62.77 27.04
C ILE D 117 9.42 -62.99 26.48
N PHE D 118 10.17 -61.90 26.29
CA PHE D 118 11.48 -61.99 25.68
C PHE D 118 12.50 -61.15 26.44
N PRO D 119 13.73 -61.64 26.58
CA PRO D 119 14.76 -60.89 27.31
C PRO D 119 15.31 -59.74 26.46
N PRO D 120 16.08 -58.84 27.06
CA PRO D 120 16.70 -57.78 26.26
C PRO D 120 17.73 -58.34 25.30
N SER D 121 17.98 -57.60 24.22
CA SER D 121 18.90 -58.08 23.20
C SER D 121 20.35 -57.86 23.65
N SER D 122 21.18 -58.87 23.40
CA SER D 122 22.60 -58.77 23.72
C SER D 122 23.27 -57.67 22.91
N GLU D 123 22.79 -57.42 21.70
CA GLU D 123 23.27 -56.27 20.93
C GLU D 123 22.94 -54.97 21.64
N GLN D 124 21.80 -54.91 22.34
CA GLN D 124 21.53 -53.81 23.23
C GLN D 124 22.39 -53.90 24.49
N LEU D 125 22.78 -55.11 24.88
CA LEU D 125 23.63 -55.26 26.05
C LEU D 125 25.01 -54.66 25.83
N THR D 126 25.33 -54.27 24.59
CA THR D 126 26.49 -53.44 24.32
C THR D 126 26.17 -51.95 24.27
N SER D 127 24.89 -51.57 24.37
CA SER D 127 24.46 -50.21 24.06
C SER D 127 24.16 -49.36 25.30
N GLY D 128 23.73 -49.96 26.39
CA GLY D 128 23.36 -49.19 27.56
C GLY D 128 21.87 -49.14 27.84
N GLY D 129 21.18 -50.26 27.61
CA GLY D 129 19.76 -50.36 27.89
C GLY D 129 19.29 -51.80 27.93
N ALA D 130 18.01 -51.96 28.24
CA ALA D 130 17.38 -53.28 28.32
C ALA D 130 15.95 -53.15 27.86
N SER D 131 15.55 -54.02 26.93
CA SER D 131 14.20 -53.97 26.36
C SER D 131 13.57 -55.35 26.51
N VAL D 132 12.67 -55.49 27.48
CA VAL D 132 11.96 -56.74 27.71
C VAL D 132 10.54 -56.57 27.19
N VAL D 133 10.17 -57.37 26.18
CA VAL D 133 8.90 -57.23 25.50
C VAL D 133 8.09 -58.50 25.73
N CYS D 134 6.85 -58.33 26.20
CA CYS D 134 5.91 -59.43 26.32
C CYS D 134 4.84 -59.28 25.24
N PHE D 135 4.82 -60.23 24.30
CA PHE D 135 3.88 -60.20 23.18
C PHE D 135 2.67 -61.07 23.49
N LEU D 136 1.49 -60.49 23.36
CA LEU D 136 0.22 -61.18 23.56
C LEU D 136 -0.55 -61.14 22.26
N ASN D 137 -0.92 -62.30 21.74
CA ASN D 137 -1.40 -62.41 20.36
C ASN D 137 -2.70 -63.18 20.27
N ASN D 138 -3.55 -62.78 19.32
CA ASN D 138 -4.76 -63.53 18.95
C ASN D 138 -5.69 -63.74 20.14
N PHE D 139 -6.29 -62.64 20.60
CA PHE D 139 -7.19 -62.74 21.75
C PHE D 139 -8.45 -61.93 21.50
N TYR D 140 -9.51 -62.30 22.21
CA TYR D 140 -10.77 -61.58 22.12
C TYR D 140 -11.51 -61.71 23.44
N PRO D 141 -11.97 -60.61 24.03
CA PRO D 141 -11.99 -59.25 23.49
C PRO D 141 -10.70 -58.46 23.65
N LYS D 142 -10.87 -57.14 23.63
CA LYS D 142 -9.74 -56.21 23.68
C LYS D 142 -9.06 -56.19 25.05
N ASP D 143 -9.80 -56.52 26.11
CA ASP D 143 -9.38 -56.21 27.48
C ASP D 143 -8.25 -57.12 27.94
N ILE D 144 -7.04 -56.56 28.06
CA ILE D 144 -6.01 -57.07 28.95
C ILE D 144 -5.24 -55.90 29.53
N ASN D 145 -5.04 -55.92 30.86
CA ASN D 145 -4.13 -55.02 31.55
C ASN D 145 -2.90 -55.83 31.91
N VAL D 146 -1.73 -55.34 31.54
CA VAL D 146 -0.49 -56.10 31.66
C VAL D 146 0.35 -55.50 32.78
N LYS D 147 0.85 -56.38 33.65
CA LYS D 147 1.69 -55.98 34.77
C LYS D 147 3.09 -56.54 34.62
N TRP D 148 4.09 -55.73 34.99
CA TRP D 148 5.48 -56.15 35.04
C TRP D 148 5.99 -56.14 36.48
N LYS D 149 6.82 -57.11 36.81
CA LYS D 149 7.19 -57.39 38.19
C LYS D 149 8.71 -57.38 38.36
N ILE D 150 9.19 -56.58 39.32
CA ILE D 150 10.60 -56.66 39.74
C ILE D 150 10.65 -57.79 40.76
N ASP D 151 10.72 -59.03 40.26
CA ASP D 151 10.85 -60.23 41.09
C ASP D 151 9.78 -60.27 42.19
N GLY D 152 8.67 -59.56 42.00
CA GLY D 152 7.62 -59.48 43.01
C GLY D 152 7.17 -58.08 43.34
N SER D 153 7.90 -57.04 42.93
CA SER D 153 7.57 -55.67 43.28
C SER D 153 7.15 -54.89 42.03
N GLU D 154 6.38 -53.84 42.24
CA GLU D 154 5.74 -53.13 41.13
C GLU D 154 6.74 -52.34 40.29
N ARG D 155 6.33 -52.05 39.06
CA ARG D 155 7.13 -51.29 38.11
C ARG D 155 6.34 -50.09 37.58
N GLN D 156 7.06 -48.99 37.36
CA GLN D 156 6.50 -47.80 36.75
C GLN D 156 7.54 -47.23 35.79
N ASN D 157 7.08 -46.36 34.90
CA ASN D 157 7.86 -45.72 33.86
C ASN D 157 8.34 -46.70 32.79
N GLY D 158 7.90 -47.96 32.83
CA GLY D 158 8.36 -48.94 31.86
C GLY D 158 7.24 -49.63 31.13
N VAL D 159 6.02 -49.55 31.67
CA VAL D 159 4.87 -50.20 31.05
C VAL D 159 4.45 -49.37 29.85
N LEU D 160 4.69 -49.87 28.64
CA LEU D 160 4.39 -49.15 27.41
C LEU D 160 3.32 -49.89 26.64
N ASN D 161 2.43 -49.13 26.03
CA ASN D 161 1.27 -49.66 25.33
C ASN D 161 1.59 -49.76 23.83
N SER D 162 1.20 -50.88 23.25
CA SER D 162 1.21 -51.03 21.80
C SER D 162 0.07 -51.96 21.39
N TRP D 163 -1.06 -51.37 21.03
CA TRP D 163 -2.24 -52.07 20.57
C TRP D 163 -2.15 -52.31 19.07
N THR D 164 -2.93 -53.24 18.56
CA THR D 164 -3.17 -53.39 17.14
C THR D 164 -4.66 -53.38 16.84
N ASP D 165 -5.05 -52.64 15.82
CA ASP D 165 -6.44 -52.73 15.38
C ASP D 165 -6.71 -54.09 14.74
N GLN D 166 -7.99 -54.39 14.63
CA GLN D 166 -8.41 -55.75 14.36
C GLN D 166 -7.79 -56.27 13.08
N ASP D 167 -7.35 -57.52 13.13
CA ASP D 167 -6.79 -58.17 11.94
C ASP D 167 -7.84 -58.29 10.85
N SER D 168 -7.35 -58.29 9.59
CA SER D 168 -8.26 -58.43 8.48
C SER D 168 -8.75 -59.87 8.29
N LYS D 169 -7.86 -60.86 8.44
CA LYS D 169 -8.21 -62.23 8.11
C LYS D 169 -8.93 -62.95 9.25
N ASP D 170 -8.25 -63.14 10.38
CA ASP D 170 -8.86 -63.81 11.51
C ASP D 170 -9.57 -62.85 12.45
N SER D 171 -9.50 -61.55 12.17
CA SER D 171 -10.20 -60.54 12.94
C SER D 171 -9.79 -60.61 14.42
N THR D 172 -8.49 -60.73 14.64
CA THR D 172 -7.94 -60.88 15.98
C THR D 172 -7.12 -59.64 16.36
N TYR D 173 -6.80 -59.55 17.65
CA TYR D 173 -6.15 -58.39 18.23
C TYR D 173 -4.77 -58.82 18.74
N SER D 174 -3.93 -57.84 19.06
CA SER D 174 -2.60 -58.14 19.58
C SER D 174 -2.07 -56.99 20.44
N MET D 175 -1.38 -57.36 21.51
CA MET D 175 -0.68 -56.43 22.40
C MET D 175 0.78 -56.84 22.57
N SER D 176 1.67 -55.86 22.57
CA SER D 176 3.06 -56.07 22.95
C SER D 176 3.37 -55.22 24.18
N SER D 177 3.70 -55.89 25.29
CA SER D 177 4.02 -55.20 26.53
C SER D 177 5.47 -54.73 26.45
N THR D 178 5.66 -53.56 25.83
CA THR D 178 7.00 -53.00 25.70
C THR D 178 7.50 -52.52 27.04
N LEU D 179 8.72 -52.94 27.40
CA LEU D 179 9.40 -52.47 28.60
C LEU D 179 10.83 -52.14 28.25
N THR D 180 11.27 -50.94 28.62
CA THR D 180 12.63 -50.48 28.33
C THR D 180 13.30 -50.10 29.64
N LEU D 181 14.47 -50.66 29.89
CA LEU D 181 15.20 -50.45 31.15
C LEU D 181 16.63 -50.01 30.85
N THR D 182 17.37 -49.77 31.92
CA THR D 182 18.78 -49.39 31.84
C THR D 182 19.65 -50.55 32.28
N LYS D 183 20.97 -50.37 32.15
CA LYS D 183 21.87 -51.49 32.43
C LYS D 183 21.98 -51.73 33.92
N ASP D 184 22.06 -50.66 34.70
CA ASP D 184 22.10 -50.78 36.15
C ASP D 184 20.86 -51.50 36.65
N GLU D 185 19.69 -51.17 36.12
CA GLU D 185 18.46 -51.83 36.50
C GLU D 185 18.38 -53.26 35.97
N TYR D 186 19.03 -53.54 34.84
CA TYR D 186 18.91 -54.85 34.22
C TYR D 186 19.70 -55.92 34.97
N GLU D 187 20.92 -55.61 35.39
CA GLU D 187 21.77 -56.60 36.03
C GLU D 187 21.46 -56.80 37.51
N ARG D 188 20.58 -55.97 38.09
CA ARG D 188 20.18 -56.17 39.48
C ARG D 188 19.30 -57.41 39.62
N HIS D 189 18.44 -57.66 38.64
CA HIS D 189 17.42 -58.70 38.76
C HIS D 189 17.40 -59.54 37.48
N ASN D 190 16.84 -60.74 37.59
CA ASN D 190 16.78 -61.65 36.45
C ASN D 190 15.34 -62.03 36.10
N SER D 191 14.52 -62.42 37.08
CA SER D 191 13.19 -62.96 36.82
C SER D 191 12.24 -61.81 36.49
N TYR D 192 12.11 -61.50 35.21
CA TYR D 192 11.26 -60.42 34.76
C TYR D 192 9.95 -61.04 34.28
N THR D 193 8.82 -60.58 34.83
CA THR D 193 7.55 -61.22 34.51
C THR D 193 6.58 -60.24 33.87
N CYS D 194 5.74 -60.76 32.99
CA CYS D 194 4.64 -60.01 32.39
C CYS D 194 3.33 -60.70 32.75
N GLU D 195 2.36 -59.92 33.24
CA GLU D 195 1.14 -60.46 33.84
C GLU D 195 -0.06 -60.16 32.95
N ALA D 196 -0.66 -61.22 32.40
CA ALA D 196 -1.85 -61.08 31.57
C ALA D 196 -3.10 -60.95 32.42
N THR D 197 -4.18 -60.48 31.79
CA THR D 197 -5.46 -60.31 32.48
C THR D 197 -6.57 -60.33 31.42
N HIS D 198 -7.16 -61.51 31.21
CA HIS D 198 -8.11 -61.70 30.13
C HIS D 198 -9.34 -62.42 30.65
N LYS D 199 -10.47 -62.18 29.98
CA LYS D 199 -11.72 -62.80 30.40
C LYS D 199 -11.69 -64.31 30.21
N THR D 200 -11.06 -64.79 29.15
CA THR D 200 -10.90 -66.23 28.96
C THR D 200 -10.15 -66.86 30.12
N SER D 201 -8.89 -66.47 30.33
CA SER D 201 -8.07 -67.02 31.40
C SER D 201 -8.39 -66.24 32.66
N THR D 202 -9.29 -66.79 33.49
CA THR D 202 -9.66 -66.13 34.73
C THR D 202 -8.47 -65.93 35.64
N SER D 203 -7.41 -66.72 35.45
CA SER D 203 -6.15 -66.60 36.16
C SER D 203 -5.18 -65.73 35.36
N PRO D 204 -4.54 -64.76 36.00
CA PRO D 204 -3.55 -63.93 35.31
C PRO D 204 -2.34 -64.77 34.91
N ILE D 205 -2.05 -64.82 33.61
CA ILE D 205 -0.98 -65.65 33.11
C ILE D 205 0.33 -64.88 33.24
N VAL D 206 1.25 -65.37 34.05
CA VAL D 206 2.48 -64.68 34.39
C VAL D 206 3.65 -65.57 33.97
N LYS D 207 4.58 -65.00 33.22
CA LYS D 207 5.74 -65.73 32.68
C LYS D 207 7.00 -64.93 32.93
N SER D 208 8.10 -65.63 33.25
CA SER D 208 9.37 -64.98 33.52
C SER D 208 10.48 -65.72 32.79
N PHE D 209 11.69 -65.19 32.94
CA PHE D 209 12.90 -65.75 32.37
C PHE D 209 14.09 -65.42 33.27
N ASN D 210 15.19 -66.14 33.08
CA ASN D 210 16.43 -65.86 33.78
C ASN D 210 17.38 -65.09 32.89
N ARG D 211 18.15 -64.20 33.49
CA ARG D 211 19.05 -63.35 32.73
C ARG D 211 20.18 -64.18 32.13
N ASN D 212 20.43 -63.97 30.83
CA ASN D 212 21.47 -64.67 30.08
C ASN D 212 21.23 -66.18 30.06
N GLU D 213 19.97 -66.58 30.26
CA GLU D 213 19.59 -67.97 30.09
C GLU D 213 19.24 -68.27 28.64
N CYS D 214 19.16 -67.23 27.83
CA CYS D 214 18.48 -67.32 26.54
C CYS D 214 19.41 -67.07 25.36
N ASP E 1 13.32 32.35 13.94
CA ASP E 1 12.69 31.73 15.11
C ASP E 1 12.43 32.75 16.19
N ILE E 2 12.25 32.25 17.41
CA ILE E 2 12.23 33.06 18.61
C ILE E 2 13.49 32.74 19.39
N GLN E 3 14.32 33.75 19.64
CA GLN E 3 15.55 33.58 20.39
C GLN E 3 15.31 34.03 21.82
N MET E 4 15.56 33.13 22.77
CA MET E 4 15.39 33.42 24.17
C MET E 4 16.75 33.69 24.79
N THR E 5 16.86 34.77 25.55
CA THR E 5 18.14 35.16 26.13
C THR E 5 18.00 35.36 27.63
N GLN E 6 18.52 34.42 28.40
CA GLN E 6 18.77 34.64 29.81
C GLN E 6 19.63 35.86 29.97
N SER E 7 19.28 36.79 30.84
CA SER E 7 20.10 37.99 30.86
C SER E 7 21.42 37.72 31.57
N PRO E 8 21.44 37.22 32.81
CA PRO E 8 22.73 36.83 33.38
C PRO E 8 23.12 35.44 32.93
N SER E 9 24.20 35.32 32.17
CA SER E 9 24.67 34.01 31.77
C SER E 9 25.28 33.26 32.94
N SER E 10 25.54 33.95 34.04
CA SER E 10 25.95 33.35 35.30
C SER E 10 25.96 34.44 36.35
N LEU E 11 25.60 34.10 37.58
CA LEU E 11 25.57 35.08 38.65
C LEU E 11 25.87 34.42 39.98
N SER E 12 26.26 35.23 40.95
CA SER E 12 26.56 34.74 42.30
C SER E 12 26.29 35.87 43.25
N ALA E 13 25.12 35.87 43.88
CA ALA E 13 24.77 37.05 44.64
C ALA E 13 25.15 36.92 46.11
N SER E 14 24.50 36.02 46.85
CA SER E 14 24.80 35.78 48.25
C SER E 14 23.82 34.76 48.82
N VAL E 15 24.16 34.13 49.95
CA VAL E 15 23.13 33.49 50.74
C VAL E 15 22.35 34.59 51.44
N GLY E 16 21.12 34.82 51.03
CA GLY E 16 20.48 36.07 51.38
C GLY E 16 19.93 36.81 50.18
N ASP E 17 20.60 37.89 49.79
CA ASP E 17 20.09 38.89 48.86
C ASP E 17 19.44 38.26 47.63
N ARG E 18 18.46 38.99 47.10
CA ARG E 18 17.60 38.50 46.03
C ARG E 18 18.37 38.33 44.73
N VAL E 19 17.78 37.55 43.83
CA VAL E 19 18.36 37.24 42.54
C VAL E 19 17.27 37.37 41.50
N THR E 20 17.56 38.04 40.38
CA THR E 20 16.58 38.31 39.34
C THR E 20 17.15 37.94 37.98
N ILE E 21 16.74 36.78 37.46
CA ILE E 21 17.11 36.36 36.12
C ILE E 21 16.09 36.90 35.13
N THR E 22 16.55 37.36 33.97
CA THR E 22 15.69 37.91 32.95
C THR E 22 15.74 37.04 31.70
N CYS E 23 14.59 36.89 31.02
CA CYS E 23 14.54 36.04 29.84
C CYS E 23 13.89 36.74 28.67
N ARG E 24 14.36 37.93 28.33
CA ARG E 24 13.86 38.64 27.16
C ARG E 24 13.83 37.74 25.93
N ALA E 25 12.66 37.59 25.34
CA ALA E 25 12.49 36.76 24.15
C ALA E 25 12.61 37.62 22.90
N SER E 26 12.38 37.02 21.73
CA SER E 26 12.53 37.74 20.47
C SER E 26 11.22 38.36 20.02
N GLN E 27 10.19 37.53 19.80
CA GLN E 27 8.87 38.01 19.47
C GLN E 27 7.89 37.60 20.56
N GLY E 28 6.92 38.47 20.80
CA GLY E 28 6.00 38.34 21.91
C GLY E 28 5.39 36.96 22.03
N ILE E 29 5.71 36.27 23.13
CA ILE E 29 5.12 34.97 23.41
C ILE E 29 3.92 35.07 24.33
N SER E 30 3.74 36.19 25.02
CA SER E 30 2.49 36.52 25.69
C SER E 30 2.10 35.45 26.72
N ASN E 31 2.87 35.41 27.79
CA ASN E 31 2.53 34.61 28.97
C ASN E 31 2.63 33.13 28.68
N TYR E 32 3.64 32.73 27.94
CA TYR E 32 3.97 31.32 27.78
C TYR E 32 5.44 31.20 28.11
N LEU E 33 5.74 31.11 29.40
CA LEU E 33 7.13 31.06 29.80
C LEU E 33 7.24 30.23 31.06
N ALA E 34 8.02 29.16 31.01
CA ALA E 34 8.23 28.29 32.15
C ALA E 34 9.68 28.42 32.60
N TRP E 35 9.87 28.54 33.91
CA TRP E 35 11.20 28.63 34.50
C TRP E 35 11.55 27.31 35.14
N TYR E 36 12.74 26.80 34.84
CA TYR E 36 13.15 25.50 35.34
C TYR E 36 14.30 25.65 36.33
N GLN E 37 14.71 24.51 36.88
CA GLN E 37 15.81 24.44 37.83
C GLN E 37 16.40 23.06 37.71
N GLN E 38 17.71 22.97 37.46
CA GLN E 38 18.30 21.67 37.18
C GLN E 38 19.11 21.07 38.32
N LYS E 39 19.84 21.87 39.10
CA LYS E 39 20.67 21.30 40.16
C LYS E 39 21.61 20.23 39.61
N PRO E 40 22.71 20.62 38.98
CA PRO E 40 23.39 19.75 38.01
C PRO E 40 23.59 18.33 38.50
N GLY E 41 23.52 17.41 37.56
CA GLY E 41 23.55 16.00 37.88
C GLY E 41 22.20 15.38 38.09
N LYS E 42 21.12 16.11 37.88
CA LYS E 42 19.78 15.61 38.09
C LYS E 42 18.92 16.02 36.92
N VAL E 43 17.62 15.87 37.10
CA VAL E 43 16.63 16.15 36.06
C VAL E 43 16.00 17.50 36.34
N PRO E 44 15.84 18.37 35.34
CA PRO E 44 15.30 19.70 35.61
C PRO E 44 13.87 19.63 36.10
N GLN E 45 13.61 20.18 37.28
CA GLN E 45 12.24 20.28 37.73
C GLN E 45 11.68 21.63 37.32
N LEU E 46 10.38 21.65 37.06
CA LEU E 46 9.71 22.86 36.61
C LEU E 46 9.37 23.69 37.84
N LEU E 47 9.51 25.00 37.72
CA LEU E 47 9.21 25.90 38.82
C LEU E 47 7.96 26.71 38.57
N ILE E 48 7.88 27.39 37.44
CA ILE E 48 6.86 28.39 37.18
C ILE E 48 6.21 28.07 35.84
N SER E 49 4.88 28.06 35.80
CA SER E 49 4.20 27.50 34.64
C SER E 49 3.93 28.54 33.57
N ALA E 50 3.11 29.54 33.87
CA ALA E 50 2.85 30.63 32.93
C ALA E 50 3.25 31.93 33.58
N ALA E 51 4.55 32.17 33.60
CA ALA E 51 5.18 33.42 33.99
C ALA E 51 4.96 33.85 35.44
N SER E 52 3.97 33.31 36.16
CA SER E 52 4.11 33.36 37.61
C SER E 52 3.84 32.03 38.31
N THR E 53 2.56 31.70 38.47
CA THR E 53 1.98 30.37 38.57
C THR E 53 2.62 29.40 39.55
N LEU E 54 3.79 29.71 40.09
CA LEU E 54 4.37 29.08 41.28
C LEU E 54 3.97 27.62 41.46
N GLN E 55 4.37 26.74 40.55
CA GLN E 55 3.93 25.34 40.58
C GLN E 55 3.97 24.75 41.98
N SER E 56 3.05 23.82 42.22
CA SER E 56 2.87 23.26 43.55
C SER E 56 4.16 22.64 44.07
N GLY E 57 4.46 22.89 45.34
CA GLY E 57 5.64 22.38 45.96
C GLY E 57 6.85 23.28 45.85
N VAL E 58 6.82 24.25 44.94
CA VAL E 58 7.95 25.18 44.80
C VAL E 58 7.90 26.20 45.93
N PRO E 59 9.00 26.44 46.64
CA PRO E 59 8.97 27.40 47.74
C PRO E 59 8.58 28.78 47.24
N SER E 60 7.86 29.50 48.09
CA SER E 60 7.30 30.78 47.70
C SER E 60 8.36 31.87 47.50
N ARG E 61 9.64 31.53 47.55
CA ARG E 61 10.66 32.51 47.20
C ARG E 61 10.57 32.91 45.74
N PHE E 62 10.40 31.94 44.84
CA PHE E 62 10.41 32.21 43.42
C PHE E 62 9.15 32.99 43.07
N SER E 63 9.32 34.16 42.45
CA SER E 63 8.20 35.03 42.14
C SER E 63 8.33 35.57 40.73
N GLY E 64 8.54 34.68 39.76
CA GLY E 64 8.69 35.13 38.39
C GLY E 64 7.50 35.96 37.93
N SER E 65 7.76 36.84 36.96
CA SER E 65 6.76 37.80 36.52
C SER E 65 7.03 38.18 35.07
N GLY E 66 6.26 39.12 34.57
CA GLY E 66 6.44 39.62 33.22
C GLY E 66 5.48 38.98 32.23
N SER E 67 5.29 39.66 31.11
CA SER E 67 4.48 39.15 30.02
C SER E 67 4.86 39.86 28.73
N GLY E 68 4.54 39.22 27.61
CA GLY E 68 4.84 39.80 26.32
C GLY E 68 6.13 39.31 25.72
N THR E 69 7.19 40.11 25.83
CA THR E 69 8.47 39.80 25.23
C THR E 69 9.54 39.45 26.26
N ASP E 70 9.66 40.22 27.33
CA ASP E 70 10.65 39.99 28.36
C ASP E 70 10.01 39.62 29.69
N PHE E 71 10.74 38.84 30.48
CA PHE E 71 10.24 38.33 31.74
C PHE E 71 11.35 38.40 32.78
N THR E 72 11.04 37.96 33.99
CA THR E 72 12.03 37.85 35.04
C THR E 72 11.79 36.58 35.83
N LEU E 73 12.62 36.38 36.84
CA LEU E 73 12.44 35.34 37.85
C LEU E 73 13.15 35.82 39.10
N THR E 74 12.41 36.36 40.04
CA THR E 74 13.00 36.99 41.21
C THR E 74 12.99 35.99 42.36
N ILE E 75 14.15 35.43 42.67
CA ILE E 75 14.29 34.67 43.89
C ILE E 75 14.43 35.64 45.05
N SER E 76 13.47 35.61 45.98
CA SER E 76 13.46 36.60 47.05
C SER E 76 14.69 36.47 47.95
N SER E 77 14.98 35.25 48.41
CA SER E 77 16.18 34.96 49.16
C SER E 77 16.82 33.71 48.60
N LEU E 78 18.15 33.70 48.50
CA LEU E 78 18.79 32.65 47.70
C LEU E 78 18.77 31.31 48.42
N GLN E 79 19.09 31.29 49.73
CA GLN E 79 19.01 30.05 50.52
C GLN E 79 19.76 28.89 49.87
N PRO E 80 21.08 28.80 50.07
CA PRO E 80 21.96 28.15 49.09
C PRO E 80 21.53 26.77 48.62
N GLU E 81 20.54 26.16 49.26
CA GLU E 81 20.01 24.94 48.68
C GLU E 81 19.28 25.20 47.36
N ASP E 82 19.23 26.46 46.91
CA ASP E 82 18.67 26.82 45.61
C ASP E 82 19.74 27.05 44.55
N VAL E 83 20.98 26.66 44.83
CA VAL E 83 22.08 26.87 43.91
C VAL E 83 21.94 25.87 42.78
N ALA E 84 21.65 26.35 41.58
CA ALA E 84 21.38 25.49 40.45
C ALA E 84 21.41 26.34 39.19
N THR E 85 21.08 25.73 38.05
CA THR E 85 21.00 26.44 36.79
C THR E 85 19.53 26.51 36.39
N TYR E 86 19.08 27.71 36.02
CA TYR E 86 17.68 27.96 35.75
C TYR E 86 17.48 28.21 34.26
N TYR E 87 16.41 27.67 33.71
CA TYR E 87 16.17 27.78 32.29
C TYR E 87 14.88 28.54 32.01
N CYS E 88 14.43 28.56 30.76
CA CYS E 88 13.36 29.46 30.35
C CYS E 88 12.72 28.84 29.12
N GLN E 89 11.50 28.35 29.27
CA GLN E 89 11.03 27.34 28.32
C GLN E 89 10.47 27.94 27.04
N LYS E 90 9.59 28.93 27.15
CA LYS E 90 8.83 29.43 26.00
C LYS E 90 8.01 28.31 25.36
N TYR E 91 7.00 27.87 26.08
CA TYR E 91 6.14 26.79 25.62
C TYR E 91 4.93 27.36 24.90
N ASN E 92 4.98 27.39 23.59
CA ASN E 92 3.80 27.57 22.77
C ASN E 92 3.99 26.64 21.59
N SER E 93 3.21 26.85 20.53
CA SER E 93 2.87 25.76 19.63
C SER E 93 4.03 24.82 19.33
N ALA E 94 5.07 25.26 18.60
CA ALA E 94 6.24 24.38 18.56
C ALA E 94 7.56 24.98 18.09
N PRO E 95 8.01 26.11 18.58
CA PRO E 95 9.46 26.29 18.70
C PRO E 95 9.98 25.80 20.03
N ARG E 96 9.23 26.10 21.10
CA ARG E 96 9.44 25.59 22.45
C ARG E 96 10.90 25.59 22.90
N THR E 97 11.70 26.53 22.40
CA THR E 97 13.13 26.53 22.65
C THR E 97 13.47 27.09 24.01
N PHE E 98 14.40 26.44 24.72
CA PHE E 98 14.76 26.94 26.03
C PHE E 98 15.71 28.12 25.92
N GLY E 99 16.23 28.54 27.07
CA GLY E 99 17.27 29.54 27.12
C GLY E 99 18.62 28.92 27.43
N GLN E 100 19.63 29.79 27.47
CA GLN E 100 20.99 29.32 27.69
C GLN E 100 21.15 28.71 29.08
N GLY E 101 20.42 29.22 30.04
CA GLY E 101 20.63 28.81 31.41
C GLY E 101 21.18 29.95 32.22
N THR E 102 21.32 29.76 33.52
CA THR E 102 21.86 30.83 34.36
C THR E 102 22.51 30.17 35.57
N LYS E 103 23.81 29.98 35.51
CA LYS E 103 24.56 29.46 36.65
C LYS E 103 24.37 30.39 37.83
N VAL E 104 23.75 29.90 38.89
CA VAL E 104 23.54 30.65 40.12
C VAL E 104 24.39 30.01 41.19
N GLU E 105 25.16 30.82 41.91
CA GLU E 105 26.00 30.31 42.97
C GLU E 105 26.10 31.36 44.07
N ILE E 106 26.86 31.05 45.12
CA ILE E 106 27.02 31.91 46.27
C ILE E 106 28.48 32.31 46.37
N LYS E 107 28.82 33.05 47.41
CA LYS E 107 30.22 33.32 47.72
C LYS E 107 30.58 32.73 49.08
N ARG E 108 31.88 32.76 49.38
CA ARG E 108 32.41 32.49 50.71
C ARG E 108 33.62 33.41 50.87
N ALA E 109 34.47 33.10 51.85
CA ALA E 109 35.74 33.79 51.96
C ALA E 109 36.51 33.66 50.64
N ASP E 110 36.70 34.79 49.96
CA ASP E 110 37.34 34.80 48.65
C ASP E 110 38.82 34.49 48.81
N ALA E 111 39.30 33.42 48.18
CA ALA E 111 40.64 32.92 48.44
C ALA E 111 41.44 32.76 47.14
N ALA E 112 42.75 32.65 47.31
CA ALA E 112 43.81 32.44 46.33
C ALA E 112 44.01 30.96 46.04
N PRO E 113 44.14 30.60 44.77
CA PRO E 113 44.37 29.20 44.42
C PRO E 113 45.72 28.69 44.90
N THR E 114 45.74 27.40 45.20
CA THR E 114 46.99 26.70 45.52
C THR E 114 47.48 26.02 44.26
N VAL E 115 48.32 26.73 43.50
CA VAL E 115 48.82 26.25 42.21
C VAL E 115 49.93 25.24 42.44
N SER E 116 49.90 24.15 41.68
CA SER E 116 50.91 23.11 41.77
C SER E 116 51.02 22.41 40.43
N ILE E 117 52.25 22.11 40.03
CA ILE E 117 52.54 21.59 38.70
C ILE E 117 53.20 20.23 38.84
N PHE E 118 53.00 19.37 37.85
CA PHE E 118 53.50 18.00 37.92
C PHE E 118 54.18 17.59 36.62
N PRO E 119 55.28 16.84 36.70
CA PRO E 119 55.98 16.41 35.48
C PRO E 119 55.24 15.28 34.80
N PRO E 120 55.62 14.91 33.58
CA PRO E 120 55.00 13.76 32.92
C PRO E 120 55.36 12.47 33.64
N SER E 121 54.50 11.47 33.47
CA SER E 121 54.72 10.21 34.17
C SER E 121 55.77 9.37 33.44
N SER E 122 56.65 8.76 34.24
CA SER E 122 57.69 7.90 33.69
C SER E 122 57.08 6.69 33.00
N GLU E 123 55.92 6.23 33.48
CA GLU E 123 55.20 5.18 32.77
C GLU E 123 54.75 5.66 31.39
N GLN E 124 54.43 6.95 31.26
CA GLN E 124 54.23 7.54 29.94
C GLN E 124 55.56 7.72 29.23
N LEU E 125 56.65 7.88 29.99
CA LEU E 125 57.96 8.02 29.36
C LEU E 125 58.40 6.74 28.66
N THR E 126 57.66 5.65 28.84
CA THR E 126 57.81 4.46 28.00
C THR E 126 56.82 4.43 26.85
N SER E 127 55.89 5.37 26.76
CA SER E 127 54.76 5.27 25.85
C SER E 127 54.88 6.13 24.60
N GLY E 128 55.57 7.27 24.68
CA GLY E 128 55.63 8.16 23.54
C GLY E 128 54.85 9.45 23.70
N GLY E 129 54.84 10.00 24.91
CA GLY E 129 54.16 11.26 25.17
C GLY E 129 54.63 11.89 26.47
N ALA E 130 54.09 13.07 26.74
CA ALA E 130 54.40 13.81 27.96
C ALA E 130 53.17 14.57 28.40
N SER E 131 52.79 14.42 29.67
CA SER E 131 51.59 15.05 30.21
C SER E 131 51.97 15.85 31.43
N VAL E 132 52.06 17.17 31.29
CA VAL E 132 52.38 18.06 32.40
C VAL E 132 51.10 18.75 32.82
N VAL E 133 50.67 18.52 34.06
CA VAL E 133 49.40 19.01 34.55
C VAL E 133 49.65 19.98 35.69
N CYS E 134 49.08 21.17 35.59
CA CYS E 134 49.11 22.14 36.68
C CYS E 134 47.72 22.23 37.31
N PHE E 135 47.62 21.80 38.58
CA PHE E 135 46.36 21.78 39.30
C PHE E 135 46.22 23.03 40.15
N LEU E 136 45.10 23.73 39.98
CA LEU E 136 44.78 24.92 40.75
C LEU E 136 43.49 24.66 41.51
N ASN E 137 43.54 24.80 42.84
CA ASN E 137 42.48 24.29 43.70
C ASN E 137 42.00 25.34 44.69
N ASN E 138 40.70 25.29 45.00
CA ASN E 138 40.09 26.09 46.06
C ASN E 138 40.34 27.58 45.88
N PHE E 139 39.68 28.15 44.86
CA PHE E 139 39.85 29.57 44.60
C PHE E 139 38.50 30.22 44.29
N TYR E 140 38.44 31.51 44.51
CA TYR E 140 37.23 32.29 44.22
C TYR E 140 37.63 33.71 43.85
N PRO E 141 37.14 34.25 42.73
CA PRO E 141 36.12 33.68 41.86
C PRO E 141 36.63 32.69 40.82
N LYS E 142 35.85 32.57 39.75
CA LYS E 142 36.12 31.61 38.68
C LYS E 142 37.35 31.98 37.86
N ASP E 143 37.69 33.26 37.79
CA ASP E 143 38.60 33.77 36.78
C ASP E 143 40.04 33.38 37.07
N ILE E 144 40.59 32.46 36.27
CA ILE E 144 42.03 32.35 36.05
C ILE E 144 42.28 31.94 34.60
N ASN E 145 43.19 32.66 33.94
CA ASN E 145 43.73 32.26 32.65
C ASN E 145 45.12 31.72 32.88
N VAL E 146 45.38 30.51 32.38
CA VAL E 146 46.62 29.79 32.70
C VAL E 146 47.50 29.79 31.47
N LYS E 147 48.78 30.12 31.67
CA LYS E 147 49.77 30.14 30.61
C LYS E 147 50.84 29.09 30.85
N TRP E 148 51.28 28.45 29.77
CA TRP E 148 52.39 27.51 29.79
C TRP E 148 53.56 28.05 28.98
N LYS E 149 54.78 27.81 29.46
CA LYS E 149 55.96 28.47 28.94
C LYS E 149 57.01 27.44 28.51
N ILE E 150 57.48 27.55 27.27
CA ILE E 150 58.65 26.79 26.82
C ILE E 150 59.86 27.60 27.28
N ASP E 151 60.22 27.43 28.55
CA ASP E 151 61.40 28.08 29.14
C ASP E 151 61.42 29.59 28.89
N GLY E 152 60.26 30.19 28.61
CA GLY E 152 60.15 31.59 28.30
C GLY E 152 59.36 31.91 27.05
N SER E 153 59.06 30.92 26.21
CA SER E 153 58.37 31.16 24.94
C SER E 153 56.97 30.54 24.99
N GLU E 154 56.08 31.07 24.16
CA GLU E 154 54.67 30.71 24.23
C GLU E 154 54.39 29.30 23.75
N ARG E 155 53.26 28.75 24.19
CA ARG E 155 52.81 27.41 23.82
C ARG E 155 51.41 27.47 23.24
N GLN E 156 51.17 26.61 22.26
CA GLN E 156 49.85 26.43 21.67
C GLN E 156 49.65 24.95 21.41
N ASN E 157 48.39 24.57 21.20
CA ASN E 157 47.94 23.19 21.00
C ASN E 157 48.11 22.32 22.23
N GLY E 158 48.48 22.88 23.38
CA GLY E 158 48.68 22.09 24.57
C GLY E 158 47.89 22.57 25.76
N VAL E 159 47.40 23.81 25.70
CA VAL E 159 46.64 24.39 26.81
C VAL E 159 45.24 23.79 26.77
N LEU E 160 44.93 22.92 27.73
CA LEU E 160 43.65 22.24 27.78
C LEU E 160 42.88 22.67 29.02
N ASN E 161 41.58 22.80 28.86
CA ASN E 161 40.71 23.30 29.90
C ASN E 161 40.07 22.14 30.64
N SER E 162 40.04 22.24 31.96
CA SER E 162 39.25 21.33 32.79
C SER E 162 38.77 22.08 34.01
N TRP E 163 37.54 22.58 33.94
CA TRP E 163 36.88 23.29 35.03
C TRP E 163 36.16 22.30 35.93
N THR E 164 35.84 22.73 37.13
CA THR E 164 34.92 22.00 37.99
C THR E 164 33.80 22.94 38.47
N ASP E 165 32.57 22.44 38.42
CA ASP E 165 31.48 23.20 39.00
C ASP E 165 31.61 23.23 40.53
N GLN E 166 30.91 24.18 41.12
CA GLN E 166 31.16 24.55 42.49
C GLN E 166 31.06 23.34 43.42
N ASP E 167 31.98 23.26 44.36
CA ASP E 167 31.96 22.19 45.35
C ASP E 167 30.70 22.29 46.21
N SER E 168 30.27 21.13 46.72
CA SER E 168 29.10 21.12 47.58
C SER E 168 29.41 21.60 48.99
N LYS E 169 30.55 21.20 49.56
CA LYS E 169 30.82 21.48 50.97
C LYS E 169 31.41 22.87 51.17
N ASP E 170 32.61 23.13 50.65
CA ASP E 170 33.24 24.42 50.81
C ASP E 170 32.87 25.40 49.70
N SER E 171 32.09 24.94 48.72
CA SER E 171 31.61 25.79 47.64
C SER E 171 32.77 26.44 46.89
N THR E 172 33.79 25.64 46.61
CA THR E 172 35.01 26.11 45.96
C THR E 172 35.12 25.54 44.55
N TYR E 173 36.05 26.10 43.78
CA TYR E 173 36.22 25.80 42.36
C TYR E 173 37.59 25.15 42.18
N SER E 174 37.82 24.56 41.01
CA SER E 174 39.12 23.96 40.71
C SER E 174 39.39 23.93 39.21
N MET E 175 40.64 24.15 38.85
CA MET E 175 41.14 24.05 37.48
C MET E 175 42.35 23.13 37.43
N SER E 176 42.43 22.29 36.40
CA SER E 176 43.63 21.54 36.09
C SER E 176 44.14 21.96 34.72
N SER E 177 45.33 22.54 34.66
CA SER E 177 45.92 22.97 33.41
C SER E 177 46.56 21.77 32.72
N THR E 178 45.72 21.02 32.00
CA THR E 178 46.20 19.84 31.29
C THR E 178 47.08 20.24 30.12
N LEU E 179 48.26 19.64 30.04
CA LEU E 179 49.16 19.83 28.91
C LEU E 179 49.69 18.47 28.48
N THR E 180 49.58 18.16 27.20
CA THR E 180 50.02 16.89 26.64
C THR E 180 51.03 17.17 25.53
N LEU E 181 52.19 16.56 25.64
CA LEU E 181 53.28 16.78 24.69
C LEU E 181 53.80 15.45 24.14
N THR E 182 54.77 15.53 23.26
CA THR E 182 55.42 14.36 22.66
C THR E 182 56.82 14.20 23.24
N LYS E 183 57.47 13.10 22.86
CA LYS E 183 58.75 12.79 23.48
C LYS E 183 59.84 13.70 22.94
N ASP E 184 59.81 13.96 21.63
CA ASP E 184 60.77 14.89 21.03
C ASP E 184 60.66 16.27 21.67
N GLU E 185 59.44 16.74 21.90
CA GLU E 185 59.23 18.02 22.56
C GLU E 185 59.57 17.98 24.04
N TYR E 186 59.45 16.81 24.68
CA TYR E 186 59.67 16.73 26.12
C TYR E 186 61.15 16.80 26.48
N GLU E 187 62.01 16.11 25.74
CA GLU E 187 63.41 16.05 26.10
C GLU E 187 64.19 17.27 25.61
N ARG E 188 63.58 18.15 24.83
CA ARG E 188 64.26 19.38 24.43
C ARG E 188 64.42 20.33 25.60
N HIS E 189 63.42 20.39 26.47
CA HIS E 189 63.37 21.41 27.52
C HIS E 189 63.02 20.75 28.85
N ASN E 190 63.33 21.44 29.94
CA ASN E 190 63.07 20.92 31.27
C ASN E 190 62.15 21.82 32.08
N SER E 191 62.43 23.13 32.12
CA SER E 191 61.71 24.05 32.99
C SER E 191 60.34 24.37 32.40
N TYR E 192 59.34 23.58 32.78
CA TYR E 192 57.99 23.74 32.27
C TYR E 192 57.20 24.51 33.31
N THR E 193 56.59 25.63 32.92
CA THR E 193 55.92 26.48 33.89
C THR E 193 54.43 26.63 33.57
N CYS E 194 53.64 26.79 34.63
CA CYS E 194 52.22 27.09 34.53
C CYS E 194 51.96 28.42 35.24
N GLU E 195 51.26 29.33 34.56
CA GLU E 195 51.12 30.72 34.99
C GLU E 195 49.69 30.99 35.43
N ALA E 196 49.51 31.27 36.72
CA ALA E 196 48.21 31.59 37.27
C ALA E 196 47.86 33.06 37.02
N THR E 197 46.57 33.38 37.17
CA THR E 197 46.11 34.76 36.97
C THR E 197 44.79 34.91 37.75
N HIS E 198 44.88 35.41 38.97
CA HIS E 198 43.74 35.45 39.87
C HIS E 198 43.63 36.84 40.50
N LYS E 199 42.41 37.21 40.88
CA LYS E 199 42.19 38.52 41.47
C LYS E 199 42.86 38.63 42.84
N THR E 200 42.86 37.56 43.62
CA THR E 200 43.58 37.57 44.89
C THR E 200 45.05 37.86 44.69
N SER E 201 45.76 36.98 43.99
CA SER E 201 47.18 37.15 43.76
C SER E 201 47.35 38.07 42.55
N THR E 202 47.57 39.36 42.83
CA THR E 202 47.74 40.33 41.76
C THR E 202 48.93 39.99 40.88
N SER E 203 49.87 39.22 41.41
CA SER E 203 51.02 38.69 40.68
C SER E 203 50.71 37.32 40.12
N PRO E 204 51.02 37.09 38.84
CA PRO E 204 50.81 35.76 38.25
C PRO E 204 51.75 34.74 38.89
N ILE E 205 51.18 33.70 39.49
CA ILE E 205 51.98 32.72 40.22
C ILE E 205 52.47 31.70 39.19
N VAL E 206 53.79 31.61 39.03
CA VAL E 206 54.41 30.79 38.00
C VAL E 206 55.34 29.80 38.69
N LYS E 207 55.19 28.52 38.38
CA LYS E 207 55.96 27.45 38.99
C LYS E 207 56.50 26.52 37.92
N SER E 208 57.72 26.03 38.11
CA SER E 208 58.36 25.14 37.15
C SER E 208 59.00 23.96 37.88
N PHE E 209 59.58 23.06 37.08
CA PHE E 209 60.28 21.88 37.58
C PHE E 209 61.38 21.52 36.60
N ASN E 210 62.31 20.69 37.05
CA ASN E 210 63.38 20.17 36.20
C ASN E 210 63.05 18.75 35.78
N ARG E 211 63.45 18.42 34.56
CA ARG E 211 63.14 17.11 34.00
C ARG E 211 63.90 16.03 34.76
N ASN E 212 63.18 14.97 35.14
CA ASN E 212 63.73 13.83 35.87
C ASN E 212 64.34 14.26 37.21
N GLU E 213 63.86 15.39 37.74
CA GLU E 213 64.22 15.81 39.08
C GLU E 213 63.29 15.18 40.10
N CYS E 214 62.23 14.54 39.64
CA CYS E 214 61.08 14.24 40.48
C CYS E 214 60.84 12.74 40.64
N ALA F 3 -44.33 1.99 21.73
CA ALA F 3 -45.46 2.42 20.91
C ALA F 3 -45.91 1.28 20.04
N LYS F 4 -47.04 1.46 19.34
CA LYS F 4 -47.50 0.44 18.40
C LYS F 4 -46.52 0.32 17.24
N SER F 5 -45.97 1.43 16.80
CA SER F 5 -44.80 1.38 15.95
C SER F 5 -43.58 1.06 16.79
N ARG F 6 -42.45 0.84 16.14
CA ARG F 6 -41.21 0.42 16.77
C ARG F 6 -41.45 -0.58 17.90
N THR F 7 -42.32 -1.53 17.65
CA THR F 7 -42.48 -2.71 18.48
C THR F 7 -41.96 -3.86 17.62
N ILE F 8 -40.67 -4.03 17.61
CA ILE F 8 -40.02 -4.86 16.61
C ILE F 8 -40.06 -6.32 17.02
N GLY F 9 -40.23 -7.20 16.06
CA GLY F 9 -39.92 -8.60 16.24
C GLY F 9 -38.86 -9.02 15.24
N ILE F 10 -37.64 -9.26 15.71
CA ILE F 10 -36.54 -9.52 14.80
C ILE F 10 -36.51 -10.99 14.43
N ILE F 11 -36.40 -11.27 13.15
CA ILE F 11 -36.29 -12.63 12.65
C ILE F 11 -35.00 -12.72 11.85
N GLY F 12 -34.07 -13.55 12.29
CA GLY F 12 -32.95 -13.86 11.46
C GLY F 12 -33.39 -14.67 10.26
N ALA F 13 -32.58 -14.67 9.22
CA ALA F 13 -32.83 -15.48 8.03
C ALA F 13 -31.51 -15.75 7.35
N PRO F 14 -30.66 -16.53 7.96
CA PRO F 14 -29.31 -16.75 7.42
C PRO F 14 -29.34 -17.66 6.21
N PHE F 15 -29.95 -17.19 5.14
CA PHE F 15 -30.24 -18.00 3.97
C PHE F 15 -29.64 -17.34 2.74
N SER F 16 -28.99 -18.13 1.89
CA SER F 16 -28.34 -17.61 0.71
C SER F 16 -28.55 -18.45 -0.52
N LYS F 17 -29.34 -19.51 -0.46
CA LYS F 17 -29.44 -20.43 -1.58
C LYS F 17 -30.25 -19.88 -2.73
N GLY F 18 -30.87 -18.73 -2.57
CA GLY F 18 -31.60 -18.13 -3.67
C GLY F 18 -30.73 -17.32 -4.57
N GLN F 19 -29.43 -17.42 -4.44
CA GLN F 19 -28.50 -16.54 -5.10
C GLN F 19 -27.54 -17.42 -5.87
N PRO F 20 -26.64 -16.88 -6.69
CA PRO F 20 -25.52 -17.70 -7.16
C PRO F 20 -24.63 -18.05 -5.98
N ARG F 21 -23.46 -18.61 -6.26
CA ARG F 21 -22.55 -18.98 -5.19
C ARG F 21 -22.53 -17.87 -4.15
N GLY F 22 -23.01 -18.20 -2.96
CA GLY F 22 -23.48 -17.22 -2.00
C GLY F 22 -22.47 -16.91 -0.92
N GLY F 23 -23.00 -16.50 0.23
CA GLY F 23 -22.20 -15.92 1.28
C GLY F 23 -22.97 -14.87 2.05
N VAL F 24 -24.18 -14.54 1.59
CA VAL F 24 -25.04 -13.62 2.33
C VAL F 24 -25.69 -14.26 3.53
N GLU F 25 -25.54 -15.58 3.70
CA GLU F 25 -26.15 -16.24 4.85
C GLU F 25 -25.59 -15.73 6.15
N GLU F 26 -24.40 -15.17 6.14
CA GLU F 26 -23.90 -14.46 7.32
C GLU F 26 -24.25 -12.99 7.22
N GLY F 27 -25.51 -12.73 6.94
CA GLY F 27 -26.05 -11.41 6.99
C GLY F 27 -26.56 -11.09 8.37
N PRO F 28 -27.43 -11.95 8.90
CA PRO F 28 -27.86 -11.76 10.29
C PRO F 28 -26.72 -11.77 11.28
N THR F 29 -25.72 -12.63 11.09
CA THR F 29 -24.63 -12.70 12.03
C THR F 29 -23.92 -11.36 12.14
N VAL F 30 -23.59 -10.75 11.01
CA VAL F 30 -22.88 -9.49 11.07
C VAL F 30 -23.79 -8.35 11.47
N LEU F 31 -25.02 -8.32 10.96
CA LEU F 31 -25.93 -7.25 11.34
C LEU F 31 -26.24 -7.26 12.82
N ARG F 32 -26.19 -8.41 13.46
CA ARG F 32 -26.37 -8.45 14.91
C ARG F 32 -25.10 -8.19 15.67
N LYS F 33 -23.98 -8.78 15.25
CA LYS F 33 -22.71 -8.53 15.91
C LYS F 33 -22.30 -7.06 15.80
N ALA F 34 -22.79 -6.35 14.80
CA ALA F 34 -22.67 -4.90 14.78
C ALA F 34 -23.67 -4.22 15.69
N GLY F 35 -24.31 -4.98 16.58
CA GLY F 35 -25.17 -4.40 17.58
C GLY F 35 -26.43 -3.78 17.01
N LEU F 36 -27.30 -4.59 16.43
CA LEU F 36 -28.57 -4.05 15.98
C LEU F 36 -29.61 -4.07 17.09
N LEU F 37 -29.74 -5.18 17.80
CA LEU F 37 -30.66 -5.22 18.92
C LEU F 37 -30.26 -4.22 20.00
N GLU F 38 -28.97 -4.17 20.31
CA GLU F 38 -28.50 -3.27 21.35
C GLU F 38 -28.69 -1.82 20.97
N LYS F 39 -28.71 -1.50 19.68
CA LYS F 39 -28.94 -0.14 19.24
C LYS F 39 -30.41 0.17 19.07
N LEU F 40 -31.25 -0.84 18.85
CA LEU F 40 -32.68 -0.61 18.73
C LEU F 40 -33.33 -0.45 20.08
N LYS F 41 -32.64 -0.72 21.17
CA LYS F 41 -33.24 -0.60 22.49
C LYS F 41 -33.07 0.77 23.12
N GLU F 42 -32.12 1.59 22.66
CA GLU F 42 -32.06 2.96 23.17
C GLU F 42 -33.31 3.75 22.81
N GLN F 43 -33.68 3.77 21.54
CA GLN F 43 -34.98 4.36 21.30
C GLN F 43 -36.06 3.41 21.84
N GLU F 44 -37.22 3.97 22.16
CA GLU F 44 -38.19 3.20 22.91
C GLU F 44 -38.78 2.08 22.05
N CYS F 45 -37.99 1.03 21.83
CA CYS F 45 -38.41 -0.07 20.97
C CYS F 45 -38.50 -1.34 21.80
N ASP F 46 -39.59 -2.09 21.62
CA ASP F 46 -39.81 -3.31 22.38
C ASP F 46 -39.30 -4.50 21.57
N VAL F 47 -38.00 -4.49 21.32
CA VAL F 47 -37.38 -5.47 20.44
C VAL F 47 -37.52 -6.85 21.06
N LYS F 48 -38.05 -7.80 20.29
CA LYS F 48 -38.07 -9.20 20.67
C LYS F 48 -37.36 -10.00 19.59
N ASP F 49 -36.30 -10.69 19.96
CA ASP F 49 -35.50 -11.44 19.01
C ASP F 49 -36.07 -12.84 18.87
N TYR F 50 -36.72 -13.10 17.74
CA TYR F 50 -37.22 -14.43 17.43
C TYR F 50 -36.13 -15.35 16.91
N GLY F 51 -34.88 -14.91 16.94
CA GLY F 51 -33.75 -15.76 16.66
C GLY F 51 -33.64 -16.15 15.21
N ASP F 52 -32.41 -16.46 14.80
CA ASP F 52 -32.17 -16.90 13.43
C ASP F 52 -32.96 -18.16 13.15
N LEU F 53 -33.63 -18.16 12.01
CA LEU F 53 -34.47 -19.30 11.66
C LEU F 53 -33.62 -20.52 11.40
N PRO F 54 -33.98 -21.67 11.94
CA PRO F 54 -33.30 -22.91 11.57
C PRO F 54 -33.82 -23.44 10.25
N PHE F 55 -33.02 -23.33 9.20
CA PHE F 55 -33.44 -23.82 7.88
C PHE F 55 -32.98 -25.25 7.71
N ALA F 56 -33.94 -26.16 7.63
CA ALA F 56 -33.61 -27.55 7.41
C ALA F 56 -32.91 -27.72 6.07
N ASP F 57 -32.02 -28.70 6.00
CA ASP F 57 -31.22 -28.91 4.81
C ASP F 57 -32.01 -29.68 3.77
N ILE F 58 -31.83 -29.31 2.51
CA ILE F 58 -32.34 -30.09 1.39
C ILE F 58 -31.15 -30.62 0.60
N PRO F 59 -30.74 -31.86 0.83
CA PRO F 59 -29.50 -32.34 0.22
C PRO F 59 -29.59 -32.51 -1.28
N ASN F 60 -30.58 -33.25 -1.75
CA ASN F 60 -30.76 -33.53 -3.17
C ASN F 60 -31.82 -32.57 -3.67
N ASP F 61 -31.38 -31.52 -4.36
CA ASP F 61 -32.28 -30.43 -4.71
C ASP F 61 -31.80 -29.86 -6.04
N SER F 62 -32.35 -30.37 -7.10
CA SER F 62 -31.91 -30.13 -8.46
C SER F 62 -32.71 -29.00 -9.11
N PRO F 63 -32.10 -28.30 -10.07
CA PRO F 63 -32.78 -27.18 -10.70
C PRO F 63 -34.05 -27.61 -11.40
N PHE F 64 -34.97 -26.66 -11.52
CA PHE F 64 -36.28 -26.97 -12.09
C PHE F 64 -36.22 -26.99 -13.61
N GLN F 65 -36.01 -25.84 -14.24
CA GLN F 65 -35.63 -25.79 -15.63
C GLN F 65 -34.30 -25.06 -15.79
N ILE F 66 -34.23 -23.83 -15.32
CA ILE F 66 -32.96 -23.13 -15.14
C ILE F 66 -32.84 -22.59 -13.73
N VAL F 67 -33.94 -22.53 -12.98
CA VAL F 67 -34.00 -22.00 -11.62
C VAL F 67 -33.14 -22.85 -10.70
N LYS F 68 -32.05 -22.29 -10.21
CA LYS F 68 -31.18 -23.02 -9.31
C LYS F 68 -31.91 -23.31 -8.01
N ASN F 69 -31.66 -24.50 -7.46
CA ASN F 69 -32.09 -25.00 -6.15
C ASN F 69 -33.43 -24.43 -5.71
N PRO F 70 -34.52 -24.78 -6.38
CA PRO F 70 -35.81 -24.20 -6.03
C PRO F 70 -36.43 -24.73 -4.76
N ARG F 71 -36.23 -26.00 -4.42
CA ARG F 71 -36.87 -26.53 -3.22
C ARG F 71 -36.31 -25.90 -1.97
N SER F 72 -35.00 -25.66 -1.93
CA SER F 72 -34.40 -25.02 -0.78
C SER F 72 -35.00 -23.65 -0.55
N VAL F 73 -35.09 -22.84 -1.59
CA VAL F 73 -35.65 -21.50 -1.45
C VAL F 73 -37.11 -21.56 -1.10
N GLY F 74 -37.86 -22.46 -1.73
CA GLY F 74 -39.29 -22.53 -1.46
C GLY F 74 -39.58 -22.91 -0.03
N LYS F 75 -38.88 -23.91 0.50
CA LYS F 75 -39.12 -24.30 1.88
C LYS F 75 -38.60 -23.26 2.85
N ALA F 76 -37.45 -22.65 2.56
CA ALA F 76 -36.95 -21.60 3.44
C ALA F 76 -37.93 -20.45 3.51
N SER F 77 -38.51 -20.07 2.38
CA SER F 77 -39.47 -18.98 2.39
C SER F 77 -40.78 -19.38 3.04
N GLU F 78 -41.19 -20.64 2.93
CA GLU F 78 -42.39 -21.06 3.66
C GLU F 78 -42.16 -20.99 5.16
N GLN F 79 -40.99 -21.43 5.61
CA GLN F 79 -40.66 -21.34 7.02
C GLN F 79 -40.63 -19.88 7.48
N LEU F 80 -40.03 -19.01 6.68
CA LEU F 80 -39.98 -17.60 7.05
C LEU F 80 -41.37 -16.99 7.06
N ALA F 81 -42.23 -17.37 6.12
CA ALA F 81 -43.58 -16.83 6.13
C ALA F 81 -44.35 -17.26 7.35
N GLY F 82 -44.19 -18.53 7.76
CA GLY F 82 -44.81 -18.96 8.99
C GLY F 82 -44.32 -18.16 10.18
N LYS F 83 -43.01 -17.95 10.27
CA LYS F 83 -42.48 -17.16 11.38
C LYS F 83 -42.96 -15.72 11.33
N VAL F 84 -43.08 -15.14 10.14
CA VAL F 84 -43.51 -13.75 10.04
C VAL F 84 -44.97 -13.61 10.42
N ALA F 85 -45.81 -14.57 10.03
CA ALA F 85 -47.18 -14.55 10.52
C ALA F 85 -47.20 -14.70 12.03
N GLU F 86 -46.30 -15.49 12.59
CA GLU F 86 -46.24 -15.61 14.04
C GLU F 86 -45.90 -14.28 14.70
N VAL F 87 -44.93 -13.55 14.14
CA VAL F 87 -44.55 -12.29 14.77
C VAL F 87 -45.49 -11.15 14.45
N LYS F 88 -46.33 -11.29 13.44
CA LYS F 88 -47.35 -10.30 13.17
C LYS F 88 -48.61 -10.54 13.98
N LYS F 89 -48.90 -11.78 14.36
CA LYS F 89 -50.01 -12.02 15.26
C LYS F 89 -49.71 -11.50 16.66
N ASN F 90 -48.46 -11.22 16.98
CA ASN F 90 -48.11 -10.59 18.23
C ASN F 90 -48.19 -9.07 18.16
N GLY F 91 -48.65 -8.52 17.05
CA GLY F 91 -48.71 -7.08 16.91
C GLY F 91 -47.38 -6.41 16.76
N ARG F 92 -46.39 -7.10 16.21
CA ARG F 92 -45.06 -6.55 16.09
C ARG F 92 -44.76 -6.12 14.67
N ILE F 93 -43.53 -5.67 14.45
CA ILE F 93 -43.05 -5.29 13.13
C ILE F 93 -42.00 -6.30 12.72
N SER F 94 -42.32 -7.12 11.73
CA SER F 94 -41.48 -8.26 11.39
C SER F 94 -40.20 -7.75 10.72
N LEU F 95 -39.16 -7.55 11.50
CA LEU F 95 -37.88 -7.09 10.96
C LEU F 95 -37.08 -8.31 10.55
N VAL F 96 -37.24 -8.75 9.32
CA VAL F 96 -36.56 -9.92 8.80
C VAL F 96 -35.25 -9.45 8.21
N LEU F 97 -34.16 -9.67 8.91
CA LEU F 97 -32.85 -9.28 8.42
C LEU F 97 -32.14 -10.51 7.91
N GLY F 98 -31.82 -10.51 6.61
CA GLY F 98 -31.33 -11.69 5.93
C GLY F 98 -29.90 -11.59 5.45
N GLY F 99 -29.55 -12.35 4.43
CA GLY F 99 -30.49 -13.13 3.66
C GLY F 99 -30.34 -12.71 2.22
N ASP F 100 -31.30 -13.06 1.37
CA ASP F 100 -31.40 -12.51 0.03
C ASP F 100 -32.87 -12.34 -0.30
N HIS F 101 -33.18 -11.57 -1.35
CA HIS F 101 -34.60 -11.41 -1.70
C HIS F 101 -35.31 -12.70 -2.03
N SER F 102 -34.61 -13.79 -2.28
CA SER F 102 -35.33 -15.04 -2.39
C SER F 102 -36.17 -15.29 -1.15
N LEU F 103 -35.85 -14.62 -0.05
CA LEU F 103 -36.62 -14.69 1.18
C LEU F 103 -37.76 -13.68 1.22
N ALA F 104 -37.81 -12.75 0.27
CA ALA F 104 -38.90 -11.80 0.28
C ALA F 104 -40.22 -12.48 -0.01
N ILE F 105 -40.20 -13.57 -0.78
CA ILE F 105 -41.43 -14.32 -1.02
C ILE F 105 -42.05 -14.74 0.30
N GLY F 106 -41.24 -15.28 1.20
CA GLY F 106 -41.75 -15.65 2.50
C GLY F 106 -42.09 -14.44 3.35
N SER F 107 -41.19 -13.46 3.36
CA SER F 107 -41.36 -12.32 4.24
C SER F 107 -42.62 -11.52 3.95
N ILE F 108 -43.07 -11.51 2.70
CA ILE F 108 -44.28 -10.79 2.34
C ILE F 108 -45.50 -11.70 2.33
N SER F 109 -45.33 -12.98 1.96
CA SER F 109 -46.48 -13.87 1.99
C SER F 109 -46.94 -14.11 3.42
N GLY F 110 -46.01 -14.24 4.36
CA GLY F 110 -46.41 -14.35 5.75
C GLY F 110 -47.05 -13.09 6.26
N HIS F 111 -46.46 -11.94 5.94
CA HIS F 111 -47.02 -10.66 6.38
C HIS F 111 -48.41 -10.42 5.80
N ALA F 112 -48.67 -10.93 4.60
CA ALA F 112 -49.97 -10.78 3.98
C ALA F 112 -50.99 -11.79 4.48
N ARG F 113 -50.55 -12.85 5.16
CA ARG F 113 -51.51 -13.74 5.81
C ARG F 113 -52.27 -13.01 6.89
N VAL F 114 -51.63 -12.06 7.55
CA VAL F 114 -52.23 -11.32 8.65
C VAL F 114 -52.89 -10.06 8.14
N HIS F 115 -52.10 -9.18 7.51
CA HIS F 115 -52.62 -7.96 6.92
C HIS F 115 -52.73 -8.15 5.42
N PRO F 116 -53.90 -8.54 4.90
CA PRO F 116 -54.00 -8.84 3.47
C PRO F 116 -53.76 -7.64 2.58
N ASP F 117 -53.90 -6.43 3.09
CA ASP F 117 -53.88 -5.23 2.25
C ASP F 117 -52.59 -4.45 2.37
N LEU F 118 -51.48 -5.09 2.69
CA LEU F 118 -50.23 -4.37 2.83
C LEU F 118 -49.82 -3.77 1.49
N GLY F 119 -49.11 -2.66 1.58
CA GLY F 119 -48.48 -2.05 0.41
C GLY F 119 -46.98 -2.17 0.55
N VAL F 120 -46.34 -2.68 -0.49
CA VAL F 120 -44.92 -3.00 -0.44
C VAL F 120 -44.15 -1.87 -1.08
N ILE F 121 -43.12 -1.38 -0.40
CA ILE F 121 -42.18 -0.41 -0.96
C ILE F 121 -40.86 -1.14 -1.16
N TRP F 122 -40.52 -1.40 -2.41
CA TRP F 122 -39.37 -2.22 -2.75
C TRP F 122 -38.21 -1.32 -3.12
N VAL F 123 -37.23 -1.22 -2.23
CA VAL F 123 -36.04 -0.41 -2.47
C VAL F 123 -34.94 -1.36 -2.93
N ASP F 124 -34.68 -1.39 -4.23
CA ASP F 124 -33.70 -2.28 -4.80
C ASP F 124 -33.21 -1.67 -6.09
N ALA F 125 -31.92 -1.84 -6.37
CA ALA F 125 -31.42 -1.42 -7.67
C ALA F 125 -32.05 -2.22 -8.79
N HIS F 126 -32.56 -3.40 -8.47
CA HIS F 126 -33.10 -4.34 -9.44
C HIS F 126 -34.61 -4.39 -9.26
N THR F 127 -35.30 -4.83 -10.30
CA THR F 127 -36.73 -5.03 -10.11
C THR F 127 -37.02 -6.31 -9.35
N ASP F 128 -36.15 -7.31 -9.49
CA ASP F 128 -36.38 -8.63 -8.88
C ASP F 128 -37.76 -9.15 -9.25
N ILE F 129 -38.07 -9.13 -10.54
CA ILE F 129 -39.40 -9.48 -11.00
C ILE F 129 -39.38 -10.49 -12.13
N ASN F 130 -38.25 -11.11 -12.40
CA ASN F 130 -38.21 -12.19 -13.38
C ASN F 130 -39.15 -13.30 -12.99
N THR F 131 -39.79 -13.92 -13.97
CA THR F 131 -40.48 -15.17 -13.72
C THR F 131 -39.52 -16.32 -13.96
N PRO F 132 -39.83 -17.51 -13.44
CA PRO F 132 -38.95 -18.66 -13.72
C PRO F 132 -38.81 -18.96 -15.20
N LEU F 133 -39.65 -18.37 -16.05
CA LEU F 133 -39.55 -18.55 -17.49
C LEU F 133 -38.69 -17.46 -18.14
N THR F 134 -38.93 -16.20 -17.76
CA THR F 134 -38.22 -15.08 -18.36
C THR F 134 -36.88 -14.82 -17.72
N THR F 135 -36.50 -15.59 -16.71
CA THR F 135 -35.21 -15.35 -16.09
C THR F 135 -34.09 -15.78 -17.03
N THR F 136 -32.91 -15.25 -16.79
CA THR F 136 -31.74 -15.58 -17.58
C THR F 136 -30.66 -16.28 -16.76
N SER F 137 -30.43 -15.83 -15.53
CA SER F 137 -29.45 -16.49 -14.68
C SER F 137 -30.03 -17.69 -13.96
N GLY F 138 -31.35 -17.80 -13.92
CA GLY F 138 -31.98 -18.90 -13.21
C GLY F 138 -31.73 -18.88 -11.72
N ASN F 139 -31.60 -17.71 -11.13
CA ASN F 139 -31.50 -17.56 -9.69
C ASN F 139 -32.84 -17.13 -9.15
N LEU F 140 -33.05 -17.35 -7.86
CA LEU F 140 -34.30 -16.96 -7.23
C LEU F 140 -34.20 -15.68 -6.44
N HIS F 141 -33.00 -15.17 -6.20
CA HIS F 141 -32.90 -13.83 -5.63
C HIS F 141 -33.41 -12.79 -6.59
N GLY F 142 -33.40 -13.07 -7.89
CA GLY F 142 -33.92 -12.18 -8.88
C GLY F 142 -35.35 -12.41 -9.26
N GLN F 143 -36.06 -13.30 -8.58
CA GLN F 143 -37.46 -13.52 -8.93
C GLN F 143 -38.42 -13.57 -7.75
N PRO F 144 -38.31 -12.72 -6.72
CA PRO F 144 -39.27 -12.84 -5.63
C PRO F 144 -40.57 -12.11 -5.86
N VAL F 145 -40.57 -11.03 -6.63
CA VAL F 145 -41.84 -10.33 -6.83
C VAL F 145 -42.76 -11.12 -7.73
N SER F 146 -42.22 -11.82 -8.72
CA SER F 146 -43.07 -12.55 -9.65
C SER F 146 -43.89 -13.63 -8.97
N PHE F 147 -43.43 -14.13 -7.83
CA PHE F 147 -44.25 -15.09 -7.09
C PHE F 147 -45.29 -14.42 -6.23
N LEU F 148 -45.25 -13.10 -6.09
CA LEU F 148 -46.18 -12.40 -5.22
C LEU F 148 -47.29 -11.69 -5.98
N LEU F 149 -47.03 -11.24 -7.21
CA LEU F 149 -48.02 -10.43 -7.92
C LEU F 149 -49.19 -11.29 -8.35
N LYS F 150 -50.40 -10.81 -8.09
CA LYS F 150 -51.59 -11.50 -8.56
C LYS F 150 -51.69 -11.48 -10.07
N GLU F 151 -51.10 -10.48 -10.73
CA GLU F 151 -51.24 -10.34 -12.16
C GLU F 151 -50.35 -11.30 -12.93
N LEU F 152 -49.45 -12.01 -12.27
CA LEU F 152 -48.58 -12.95 -12.95
C LEU F 152 -49.00 -14.40 -12.75
N LYS F 153 -50.22 -14.63 -12.26
CA LYS F 153 -50.71 -15.99 -12.16
C LYS F 153 -50.90 -16.56 -13.56
N GLY F 154 -50.38 -17.76 -13.77
CA GLY F 154 -50.37 -18.40 -15.06
C GLY F 154 -49.07 -18.20 -15.81
N LYS F 155 -48.35 -17.13 -15.51
CA LYS F 155 -47.02 -16.91 -16.04
C LYS F 155 -45.94 -17.45 -15.11
N ILE F 156 -46.34 -18.06 -14.01
CA ILE F 156 -45.42 -18.65 -13.04
C ILE F 156 -45.61 -20.15 -13.06
N PRO F 157 -44.62 -20.93 -13.51
CA PRO F 157 -44.79 -22.38 -13.55
C PRO F 157 -44.86 -22.94 -12.16
N ASP F 158 -45.36 -24.17 -12.07
CA ASP F 158 -45.46 -24.86 -10.79
C ASP F 158 -44.06 -25.28 -10.36
N VAL F 159 -43.31 -24.31 -9.86
CA VAL F 159 -41.93 -24.53 -9.45
C VAL F 159 -41.97 -25.46 -8.24
N PRO F 160 -41.08 -26.43 -8.13
CA PRO F 160 -41.08 -27.29 -6.94
C PRO F 160 -40.69 -26.51 -5.70
N GLY F 161 -41.44 -26.72 -4.64
CA GLY F 161 -41.19 -26.05 -3.39
C GLY F 161 -41.95 -24.74 -3.20
N PHE F 162 -42.49 -24.17 -4.27
CA PHE F 162 -43.31 -22.97 -4.19
C PHE F 162 -44.78 -23.28 -4.42
N SER F 163 -45.21 -24.48 -4.07
CA SER F 163 -46.62 -24.82 -4.21
C SER F 163 -47.49 -24.14 -3.16
N TRP F 164 -46.89 -23.70 -2.04
CA TRP F 164 -47.64 -23.01 -1.01
C TRP F 164 -47.88 -21.55 -1.34
N VAL F 165 -47.19 -20.99 -2.32
CA VAL F 165 -47.20 -19.55 -2.55
C VAL F 165 -48.53 -19.16 -3.18
N THR F 166 -49.34 -18.48 -2.44
CA THR F 166 -50.46 -17.81 -3.08
C THR F 166 -50.09 -16.35 -3.31
N PRO F 167 -50.11 -15.86 -4.54
CA PRO F 167 -49.73 -14.47 -4.78
C PRO F 167 -50.64 -13.54 -4.00
N CYS F 168 -50.03 -12.57 -3.32
CA CYS F 168 -50.73 -11.78 -2.33
C CYS F 168 -50.89 -10.32 -2.67
N ILE F 169 -49.88 -9.69 -3.26
CA ILE F 169 -49.95 -8.27 -3.56
C ILE F 169 -50.44 -8.11 -5.00
N SER F 170 -51.16 -7.02 -5.23
CA SER F 170 -51.58 -6.67 -6.58
C SER F 170 -50.42 -5.99 -7.27
N ALA F 171 -50.62 -5.60 -8.53
CA ALA F 171 -49.60 -4.80 -9.19
C ALA F 171 -49.60 -3.38 -8.70
N LYS F 172 -50.74 -2.89 -8.21
CA LYS F 172 -50.90 -1.51 -7.77
C LYS F 172 -50.67 -1.35 -6.28
N ASP F 173 -49.97 -2.30 -5.65
CA ASP F 173 -49.66 -2.21 -4.23
C ASP F 173 -48.16 -2.27 -3.98
N ILE F 174 -47.36 -2.15 -5.03
CA ILE F 174 -45.91 -2.22 -4.90
C ILE F 174 -45.31 -1.00 -5.59
N VAL F 175 -44.33 -0.40 -4.93
CA VAL F 175 -43.65 0.78 -5.45
C VAL F 175 -42.16 0.51 -5.42
N TYR F 176 -41.52 0.54 -6.58
CA TYR F 176 -40.09 0.38 -6.65
C TYR F 176 -39.40 1.72 -6.50
N ILE F 177 -38.33 1.74 -5.72
CA ILE F 177 -37.52 2.95 -5.58
C ILE F 177 -36.07 2.57 -5.79
N GLY F 178 -35.41 3.26 -6.70
CA GLY F 178 -34.00 3.07 -6.93
C GLY F 178 -33.63 2.17 -8.09
N LEU F 179 -34.57 1.82 -8.95
CA LEU F 179 -34.27 0.93 -10.06
C LEU F 179 -33.23 1.56 -10.98
N ARG F 180 -32.13 0.85 -11.20
CA ARG F 180 -31.16 1.30 -12.17
C ARG F 180 -30.53 0.15 -12.95
N ASP F 181 -30.99 -1.08 -12.73
CA ASP F 181 -30.46 -2.25 -13.45
C ASP F 181 -31.62 -3.20 -13.70
N VAL F 182 -32.26 -3.05 -14.86
CA VAL F 182 -33.47 -3.79 -15.16
C VAL F 182 -33.26 -4.54 -16.48
N ASP F 183 -33.51 -5.83 -16.46
CA ASP F 183 -33.40 -6.64 -17.66
C ASP F 183 -34.57 -6.35 -18.59
N PRO F 184 -34.45 -6.67 -19.88
CA PRO F 184 -35.58 -6.44 -20.78
C PRO F 184 -36.85 -7.15 -20.36
N GLY F 185 -36.76 -8.40 -19.90
CA GLY F 185 -37.96 -9.08 -19.46
C GLY F 185 -38.56 -8.44 -18.22
N GLU F 186 -37.70 -8.06 -17.27
CA GLU F 186 -38.17 -7.36 -16.09
C GLU F 186 -38.84 -6.05 -16.47
N HIS F 187 -38.28 -5.32 -17.43
CA HIS F 187 -38.89 -4.05 -17.79
C HIS F 187 -40.19 -4.25 -18.55
N TYR F 188 -40.29 -5.29 -19.37
CA TYR F 188 -41.57 -5.55 -20.01
C TYR F 188 -42.64 -5.85 -18.98
N ILE F 189 -42.32 -6.70 -18.00
CA ILE F 189 -43.28 -6.99 -16.96
C ILE F 189 -43.64 -5.74 -16.19
N LEU F 190 -42.64 -4.89 -15.92
CA LEU F 190 -42.85 -3.69 -15.13
C LEU F 190 -43.76 -2.72 -15.84
N LYS F 191 -43.59 -2.53 -17.14
CA LYS F 191 -44.42 -1.60 -17.88
C LYS F 191 -45.78 -2.16 -18.24
N THR F 192 -45.91 -3.47 -18.42
CA THR F 192 -47.19 -4.04 -18.79
C THR F 192 -48.16 -4.01 -17.62
N LEU F 193 -47.69 -4.39 -16.44
CA LEU F 193 -48.56 -4.44 -15.27
C LEU F 193 -48.92 -3.06 -14.74
N GLY F 194 -48.26 -2.02 -15.23
CA GLY F 194 -48.48 -0.70 -14.69
C GLY F 194 -47.98 -0.55 -13.27
N ILE F 195 -46.89 -1.21 -12.92
CA ILE F 195 -46.31 -1.07 -11.59
C ILE F 195 -45.75 0.32 -11.45
N LYS F 196 -46.08 0.99 -10.36
CA LYS F 196 -45.51 2.30 -10.09
C LYS F 196 -44.07 2.11 -9.65
N TYR F 197 -43.13 2.70 -10.38
CA TYR F 197 -41.72 2.57 -10.06
C TYR F 197 -41.07 3.93 -10.15
N PHE F 198 -40.12 4.18 -9.26
CA PHE F 198 -39.34 5.41 -9.27
C PHE F 198 -37.91 4.99 -9.53
N SER F 199 -37.57 4.81 -10.79
CA SER F 199 -36.22 4.44 -11.16
C SER F 199 -35.27 5.55 -10.76
N MET F 200 -33.99 5.33 -11.00
CA MET F 200 -33.03 6.34 -10.61
C MET F 200 -33.29 7.64 -11.35
N THR F 201 -33.80 7.55 -12.58
CA THR F 201 -34.10 8.75 -13.34
C THR F 201 -35.20 9.57 -12.69
N GLU F 202 -36.28 8.92 -12.25
CA GLU F 202 -37.34 9.67 -11.59
C GLU F 202 -36.86 10.28 -10.29
N VAL F 203 -35.97 9.60 -9.57
CA VAL F 203 -35.42 10.19 -8.36
C VAL F 203 -34.60 11.42 -8.71
N ASP F 204 -33.77 11.34 -9.75
CA ASP F 204 -33.01 12.53 -10.15
C ASP F 204 -33.93 13.65 -10.59
N ARG F 205 -35.00 13.33 -11.31
CA ARG F 205 -35.91 14.36 -11.79
C ARG F 205 -36.63 15.04 -10.63
N LEU F 206 -37.12 14.26 -9.67
CA LEU F 206 -38.04 14.79 -8.68
C LEU F 206 -37.37 15.19 -7.37
N GLY F 207 -36.21 14.65 -7.04
CA GLY F 207 -35.71 14.79 -5.70
C GLY F 207 -36.30 13.70 -4.84
N ILE F 208 -35.52 13.15 -3.91
CA ILE F 208 -36.03 12.08 -3.08
C ILE F 208 -37.21 12.53 -2.25
N GLY F 209 -37.28 13.82 -1.89
CA GLY F 209 -38.42 14.28 -1.12
C GLY F 209 -39.72 14.14 -1.88
N LYS F 210 -39.73 14.60 -3.13
CA LYS F 210 -40.93 14.44 -3.95
C LYS F 210 -41.18 12.99 -4.30
N VAL F 211 -40.12 12.20 -4.45
CA VAL F 211 -40.30 10.78 -4.74
C VAL F 211 -41.04 10.10 -3.60
N MET F 212 -40.61 10.35 -2.36
CA MET F 212 -41.27 9.72 -1.23
C MET F 212 -42.66 10.29 -1.01
N GLU F 213 -42.87 11.57 -1.28
CA GLU F 213 -44.21 12.11 -1.19
C GLU F 213 -45.15 11.42 -2.16
N GLU F 214 -44.71 11.22 -3.40
CA GLU F 214 -45.56 10.52 -4.36
C GLU F 214 -45.75 9.05 -3.98
N THR F 215 -44.70 8.40 -3.47
CA THR F 215 -44.83 7.01 -3.05
C THR F 215 -45.90 6.86 -1.98
N LEU F 216 -45.83 7.68 -0.94
CA LEU F 216 -46.78 7.56 0.14
C LEU F 216 -48.16 8.06 -0.25
N SER F 217 -48.26 9.05 -1.13
CA SER F 217 -49.58 9.46 -1.60
C SER F 217 -50.18 8.45 -2.55
N TYR F 218 -49.36 7.58 -3.15
CA TYR F 218 -49.88 6.54 -4.01
C TYR F 218 -50.35 5.34 -3.21
N LEU F 219 -49.56 4.92 -2.23
CA LEU F 219 -49.96 3.78 -1.41
C LEU F 219 -51.01 4.18 -0.38
N LEU F 220 -50.65 5.09 0.51
CA LEU F 220 -51.51 5.51 1.61
C LEU F 220 -52.43 6.65 1.23
N GLY F 221 -52.69 6.86 -0.06
CA GLY F 221 -53.54 7.95 -0.46
C GLY F 221 -55.01 7.58 -0.44
N ARG F 222 -55.34 6.46 -1.10
CA ARG F 222 -56.73 6.01 -1.13
C ARG F 222 -57.18 5.53 0.25
N LYS F 223 -56.30 4.85 0.97
CA LYS F 223 -56.66 4.26 2.25
C LYS F 223 -55.39 3.92 3.01
N LYS F 224 -55.39 4.16 4.32
CA LYS F 224 -54.24 3.82 5.14
C LYS F 224 -54.08 2.31 5.22
N ARG F 225 -52.87 1.83 4.97
CA ARG F 225 -52.62 0.40 4.94
C ARG F 225 -51.26 0.14 5.54
N PRO F 226 -50.99 -1.07 5.99
CA PRO F 226 -49.64 -1.40 6.42
C PRO F 226 -48.64 -1.27 5.27
N ILE F 227 -47.41 -0.92 5.61
CA ILE F 227 -46.32 -0.79 4.65
C ILE F 227 -45.31 -1.88 4.95
N HIS F 228 -44.78 -2.51 3.91
CA HIS F 228 -43.75 -3.51 4.06
C HIS F 228 -42.52 -3.05 3.31
N LEU F 229 -41.70 -2.23 3.93
CA LEU F 229 -40.49 -1.75 3.28
C LEU F 229 -39.52 -2.90 3.12
N SER F 230 -39.33 -3.40 1.90
CA SER F 230 -38.45 -4.53 1.64
C SER F 230 -37.13 -4.01 1.09
N PHE F 231 -36.30 -3.50 2.00
CA PHE F 231 -35.08 -2.83 1.61
C PHE F 231 -34.07 -3.80 1.02
N ASP F 232 -33.24 -3.31 0.12
CA ASP F 232 -32.16 -4.10 -0.44
C ASP F 232 -30.92 -3.23 -0.53
N VAL F 233 -29.86 -3.65 0.14
CA VAL F 233 -28.71 -2.77 0.31
C VAL F 233 -27.97 -2.49 -0.99
N ASP F 234 -28.25 -3.22 -2.06
CA ASP F 234 -27.69 -2.81 -3.34
C ASP F 234 -28.45 -1.62 -3.91
N GLY F 235 -29.60 -1.28 -3.32
CA GLY F 235 -30.31 -0.09 -3.74
C GLY F 235 -29.52 1.18 -3.49
N LEU F 236 -28.78 1.22 -2.40
CA LEU F 236 -27.91 2.36 -2.14
C LEU F 236 -26.66 2.27 -3.02
N ASP F 237 -26.02 3.42 -3.19
CA ASP F 237 -24.87 3.49 -4.07
C ASP F 237 -23.75 2.60 -3.54
N PRO F 238 -22.96 1.99 -4.43
CA PRO F 238 -21.89 1.11 -3.98
C PRO F 238 -20.85 1.78 -3.12
N SER F 239 -20.73 3.10 -3.16
CA SER F 239 -19.81 3.76 -2.25
C SER F 239 -20.24 3.61 -0.80
N PHE F 240 -21.53 3.36 -0.55
CA PHE F 240 -22.04 3.21 0.80
C PHE F 240 -22.29 1.77 1.19
N THR F 241 -22.66 0.91 0.25
CA THR F 241 -22.86 -0.51 0.51
C THR F 241 -22.10 -1.32 -0.54
N PRO F 242 -20.78 -1.39 -0.43
CA PRO F 242 -20.02 -2.12 -1.43
C PRO F 242 -20.12 -3.62 -1.27
N ALA F 243 -20.31 -4.10 -0.04
CA ALA F 243 -20.33 -5.54 0.22
C ALA F 243 -21.72 -6.11 0.03
N THR F 244 -22.20 -6.04 -1.21
CA THR F 244 -23.48 -6.62 -1.57
C THR F 244 -23.30 -7.46 -2.82
N GLY F 245 -24.33 -8.23 -3.14
CA GLY F 245 -24.26 -9.20 -4.22
C GLY F 245 -23.90 -8.61 -5.57
N THR F 246 -24.77 -7.76 -6.10
CA THR F 246 -24.62 -7.18 -7.43
C THR F 246 -24.69 -5.67 -7.31
N PRO F 247 -23.61 -5.01 -6.90
CA PRO F 247 -23.65 -3.55 -6.76
C PRO F 247 -23.75 -2.89 -8.12
N VAL F 248 -24.61 -1.89 -8.22
CA VAL F 248 -24.79 -1.13 -9.45
C VAL F 248 -24.48 0.32 -9.16
N VAL F 249 -23.57 0.90 -9.93
CA VAL F 249 -23.05 2.21 -9.62
C VAL F 249 -24.06 3.29 -9.98
N GLY F 250 -24.06 4.37 -9.21
CA GLY F 250 -24.93 5.49 -9.47
C GLY F 250 -26.31 5.27 -8.90
N GLY F 251 -26.38 4.99 -7.61
CA GLY F 251 -27.65 4.71 -6.97
C GLY F 251 -27.94 5.62 -5.79
N LEU F 252 -28.93 5.27 -4.99
CA LEU F 252 -29.36 6.11 -3.89
C LEU F 252 -28.21 6.42 -2.96
N THR F 253 -28.10 7.67 -2.56
CA THR F 253 -27.06 8.04 -1.63
C THR F 253 -27.46 7.64 -0.21
N TYR F 254 -26.51 7.77 0.71
CA TYR F 254 -26.79 7.48 2.11
C TYR F 254 -27.93 8.36 2.61
N ARG F 255 -27.88 9.65 2.32
CA ARG F 255 -28.92 10.56 2.78
C ARG F 255 -30.26 10.19 2.18
N GLU F 256 -30.29 9.78 0.92
CA GLU F 256 -31.56 9.43 0.30
C GLU F 256 -32.15 8.17 0.91
N GLY F 257 -31.33 7.18 1.22
CA GLY F 257 -31.84 6.00 1.89
C GLY F 257 -32.37 6.32 3.27
N LEU F 258 -31.63 7.12 4.04
CA LEU F 258 -32.14 7.53 5.33
C LEU F 258 -33.43 8.31 5.21
N TYR F 259 -33.56 9.16 4.19
CA TYR F 259 -34.79 9.91 4.04
C TYR F 259 -35.96 9.01 3.69
N ILE F 260 -35.73 8.02 2.83
CA ILE F 260 -36.78 7.06 2.52
C ILE F 260 -37.28 6.40 3.78
N THR F 261 -36.36 5.90 4.59
CA THR F 261 -36.78 5.20 5.80
C THR F 261 -37.44 6.15 6.79
N GLU F 262 -36.95 7.37 6.93
CA GLU F 262 -37.56 8.30 7.87
C GLU F 262 -38.96 8.66 7.44
N GLU F 263 -39.18 8.91 6.15
CA GLU F 263 -40.53 9.21 5.71
C GLU F 263 -41.45 8.02 5.82
N ILE F 264 -40.94 6.81 5.66
CA ILE F 264 -41.78 5.64 5.88
C ILE F 264 -42.17 5.53 7.34
N TYR F 265 -41.20 5.73 8.23
CA TYR F 265 -41.49 5.65 9.66
C TYR F 265 -42.51 6.70 10.08
N LYS F 266 -42.33 7.94 9.65
CA LYS F 266 -43.21 9.00 10.12
C LYS F 266 -44.65 8.79 9.74
N THR F 267 -44.94 7.96 8.75
CA THR F 267 -46.32 7.57 8.52
C THR F 267 -46.85 6.74 9.68
N GLY F 268 -45.96 6.12 10.45
CA GLY F 268 -46.38 5.29 11.55
C GLY F 268 -47.07 4.02 11.12
N LEU F 269 -47.08 3.71 9.83
CA LEU F 269 -47.77 2.54 9.30
C LEU F 269 -46.81 1.43 8.91
N LEU F 270 -45.52 1.60 9.16
CA LEU F 270 -44.57 0.55 8.83
C LEU F 270 -44.99 -0.71 9.57
N SER F 271 -45.06 -1.82 8.84
CA SER F 271 -45.53 -3.04 9.46
C SER F 271 -44.69 -4.24 9.05
N GLY F 272 -43.50 -4.02 8.56
CA GLY F 272 -42.63 -5.10 8.13
C GLY F 272 -41.43 -4.50 7.45
N LEU F 273 -40.26 -5.07 7.68
CA LEU F 273 -39.04 -4.53 7.13
C LEU F 273 -38.09 -5.67 6.82
N ASP F 274 -37.43 -5.60 5.67
CA ASP F 274 -36.46 -6.60 5.27
C ASP F 274 -35.17 -5.89 4.96
N ILE F 275 -34.07 -6.37 5.52
CA ILE F 275 -32.75 -5.84 5.22
C ILE F 275 -31.99 -6.96 4.55
N MET F 276 -32.00 -6.99 3.22
CA MET F 276 -31.53 -8.15 2.49
C MET F 276 -30.20 -7.85 1.79
N GLU F 277 -29.54 -8.92 1.39
CA GLU F 277 -28.40 -8.89 0.49
C GLU F 277 -27.16 -8.27 1.10
N VAL F 278 -26.99 -8.34 2.42
CA VAL F 278 -25.72 -7.93 3.01
C VAL F 278 -24.77 -9.12 2.89
N ASN F 279 -23.69 -8.93 2.15
CA ASN F 279 -22.80 -10.04 1.80
C ASN F 279 -21.40 -9.73 2.28
N PRO F 280 -21.07 -10.04 3.54
CA PRO F 280 -19.75 -9.69 4.05
C PRO F 280 -18.61 -10.44 3.39
N SER F 281 -18.88 -11.35 2.47
CA SER F 281 -17.80 -12.04 1.79
C SER F 281 -17.34 -11.33 0.53
N LEU F 282 -18.09 -10.33 0.05
CA LEU F 282 -17.70 -9.58 -1.13
C LEU F 282 -17.07 -8.25 -0.81
N GLY F 283 -16.80 -7.96 0.44
CA GLY F 283 -16.06 -6.77 0.76
C GLY F 283 -14.60 -6.96 0.39
N LYS F 284 -14.05 -6.08 -0.46
CA LYS F 284 -12.65 -6.20 -0.83
C LYS F 284 -11.75 -6.07 0.39
N THR F 285 -12.12 -5.22 1.33
CA THR F 285 -11.42 -4.99 2.57
C THR F 285 -12.40 -5.04 3.72
N PRO F 286 -11.95 -5.37 4.94
CA PRO F 286 -12.89 -5.39 6.06
C PRO F 286 -13.56 -4.06 6.31
N GLU F 287 -12.94 -2.96 5.91
CA GLU F 287 -13.61 -1.68 6.01
C GLU F 287 -14.85 -1.63 5.12
N GLU F 288 -14.82 -2.26 3.96
CA GLU F 288 -15.99 -2.27 3.10
C GLU F 288 -17.15 -3.01 3.76
N VAL F 289 -16.87 -4.16 4.36
CA VAL F 289 -17.92 -4.88 5.07
C VAL F 289 -18.45 -4.05 6.23
N THR F 290 -17.54 -3.40 6.97
CA THR F 290 -17.98 -2.57 8.08
C THR F 290 -18.87 -1.44 7.59
N ARG F 291 -18.52 -0.82 6.47
CA ARG F 291 -19.32 0.27 5.93
C ARG F 291 -20.69 -0.22 5.49
N THR F 292 -20.75 -1.35 4.80
CA THR F 292 -22.04 -1.87 4.39
C THR F 292 -22.91 -2.19 5.58
N VAL F 293 -22.34 -2.81 6.60
CA VAL F 293 -23.13 -3.21 7.75
C VAL F 293 -23.57 -2.00 8.55
N ASN F 294 -22.70 -1.00 8.69
CA ASN F 294 -23.10 0.22 9.37
C ASN F 294 -24.21 0.94 8.62
N THR F 295 -24.13 0.96 7.28
CA THR F 295 -25.20 1.59 6.51
C THR F 295 -26.51 0.83 6.67
N ALA F 296 -26.47 -0.50 6.62
CA ALA F 296 -27.68 -1.27 6.80
C ALA F 296 -28.27 -1.05 8.20
N VAL F 297 -27.41 -0.99 9.21
CA VAL F 297 -27.88 -0.74 10.57
C VAL F 297 -28.49 0.65 10.67
N ALA F 298 -27.85 1.65 10.07
CA ALA F 298 -28.40 3.00 10.14
C ALA F 298 -29.75 3.09 9.45
N ILE F 299 -29.89 2.43 8.31
CA ILE F 299 -31.18 2.37 7.63
C ILE F 299 -32.22 1.73 8.52
N THR F 300 -31.86 0.59 9.12
CA THR F 300 -32.81 -0.12 9.98
C THR F 300 -33.23 0.74 11.15
N LEU F 301 -32.29 1.40 11.80
CA LEU F 301 -32.63 2.24 12.93
C LEU F 301 -33.56 3.36 12.50
N ALA F 302 -33.24 4.01 11.39
CA ALA F 302 -34.08 5.11 10.94
C ALA F 302 -35.48 4.67 10.61
N CYS F 303 -35.66 3.40 10.23
CA CYS F 303 -37.03 2.91 10.04
C CYS F 303 -37.83 2.90 11.32
N PHE F 304 -37.16 2.93 12.47
CA PHE F 304 -37.81 2.79 13.77
C PHE F 304 -37.58 4.01 14.65
N GLY F 305 -37.69 5.20 14.09
CA GLY F 305 -37.76 6.42 14.86
C GLY F 305 -36.48 7.22 14.93
N LEU F 306 -35.33 6.62 14.66
CA LEU F 306 -34.09 7.37 14.82
C LEU F 306 -33.97 8.44 13.76
N ALA F 307 -34.44 9.64 14.05
CA ALA F 307 -34.42 10.72 13.08
C ALA F 307 -33.08 11.45 13.12
N ARG F 308 -32.72 12.06 12.00
CA ARG F 308 -31.45 12.78 11.94
C ARG F 308 -31.50 14.08 12.73
N GLU F 309 -32.67 14.69 12.85
CA GLU F 309 -32.78 15.89 13.66
C GLU F 309 -32.55 15.61 15.14
N GLY F 310 -32.59 14.36 15.55
CA GLY F 310 -32.34 13.99 16.93
C GLY F 310 -33.62 13.63 17.66
N ASN F 311 -33.51 12.68 18.57
CA ASN F 311 -34.67 12.18 19.29
C ASN F 311 -34.49 12.40 20.78
N HIS F 312 -35.57 12.73 21.46
CA HIS F 312 -35.56 12.90 22.90
C HIS F 312 -36.74 12.18 23.53
N LYS F 313 -36.50 11.61 24.70
CA LYS F 313 -37.57 10.99 25.45
C LYS F 313 -38.53 12.06 25.96
N PRO F 314 -39.78 11.71 26.20
CA PRO F 314 -40.76 12.72 26.63
C PRO F 314 -40.60 13.12 28.09
N ILE F 315 -39.42 13.64 28.42
CA ILE F 315 -39.11 14.12 29.76
C ILE F 315 -38.53 15.51 29.65
N ASP F 316 -38.50 16.22 30.77
CA ASP F 316 -38.00 17.59 30.79
C ASP F 316 -36.49 17.56 31.00
N TYR F 317 -35.75 17.70 29.90
CA TYR F 317 -34.30 17.61 29.91
C TYR F 317 -33.63 18.81 30.57
N LEU F 318 -34.35 19.91 30.75
CA LEU F 318 -33.77 21.07 31.43
C LEU F 318 -34.07 21.02 32.93
N ASN F 319 -33.71 19.89 33.52
CA ASN F 319 -33.82 19.67 34.96
C ASN F 319 -32.66 18.84 35.47
N ALA G 3 -15.64 46.70 -2.08
CA ALA G 3 -17.05 46.95 -1.81
C ALA G 3 -17.31 46.91 -0.33
N LYS G 4 -18.52 47.28 0.09
CA LYS G 4 -18.87 47.17 1.50
C LYS G 4 -18.89 45.72 1.94
N SER G 5 -19.37 44.84 1.08
CA SER G 5 -19.12 43.42 1.27
C SER G 5 -17.69 43.11 0.85
N ARG G 6 -17.27 41.88 1.12
CA ARG G 6 -15.90 41.43 0.89
C ARG G 6 -14.87 42.50 1.27
N THR G 7 -15.10 43.15 2.39
CA THR G 7 -14.11 43.99 3.04
C THR G 7 -13.74 43.24 4.31
N ILE G 8 -12.84 42.30 4.19
CA ILE G 8 -12.62 41.29 5.21
C ILE G 8 -11.68 41.83 6.26
N GLY G 9 -11.93 41.47 7.51
CA GLY G 9 -10.94 41.58 8.55
C GLY G 9 -10.66 40.21 9.14
N ILE G 10 -9.50 39.64 8.87
CA ILE G 10 -9.23 38.27 9.26
C ILE G 10 -8.70 38.25 10.68
N ILE G 11 -9.27 37.38 11.51
CA ILE G 11 -8.83 37.20 12.88
C ILE G 11 -8.46 35.75 13.04
N GLY G 12 -7.19 35.47 13.33
CA GLY G 12 -6.84 34.15 13.75
C GLY G 12 -7.45 33.83 15.10
N ALA G 13 -7.55 32.55 15.41
CA ALA G 13 -8.02 32.10 16.72
C ALA G 13 -7.47 30.72 16.98
N PRO G 14 -6.18 30.60 17.16
CA PRO G 14 -5.55 29.28 17.30
C PRO G 14 -5.84 28.68 18.67
N PHE G 15 -7.11 28.36 18.90
CA PHE G 15 -7.59 27.95 20.20
C PHE G 15 -8.29 26.61 20.09
N SER G 16 -7.99 25.72 21.02
CA SER G 16 -8.55 24.37 20.98
C SER G 16 -9.02 23.86 22.34
N LYS G 17 -8.95 24.68 23.38
CA LYS G 17 -9.23 24.18 24.72
C LYS G 17 -10.70 23.95 24.97
N GLY G 18 -11.57 24.34 24.06
CA GLY G 18 -12.97 24.07 24.23
C GLY G 18 -13.38 22.71 23.77
N GLN G 19 -12.43 21.85 23.50
CA GLN G 19 -12.69 20.58 22.85
C GLN G 19 -12.11 19.50 23.77
N PRO G 20 -12.31 18.22 23.49
CA PRO G 20 -11.49 17.21 24.15
C PRO G 20 -10.05 17.36 23.71
N ARG G 21 -9.21 16.40 24.05
CA ARG G 21 -7.81 16.47 23.66
C ARG G 21 -7.71 16.95 22.21
N GLY G 22 -7.14 18.13 22.04
CA GLY G 22 -7.34 18.93 20.86
C GLY G 22 -6.22 18.83 19.86
N GLY G 23 -6.06 19.90 19.09
CA GLY G 23 -5.22 19.88 17.92
C GLY G 23 -5.76 20.79 16.83
N VAL G 24 -6.95 21.34 17.04
CA VAL G 24 -7.50 22.30 16.09
C VAL G 24 -6.87 23.67 16.22
N GLU G 25 -6.02 23.88 17.23
CA GLU G 25 -5.39 25.19 17.38
C GLU G 25 -4.50 25.53 16.20
N GLU G 26 -4.04 24.54 15.47
CA GLU G 26 -3.37 24.79 14.20
C GLU G 26 -4.38 24.76 13.07
N GLY G 27 -5.46 25.49 13.26
CA GLY G 27 -6.43 25.70 12.22
C GLY G 27 -6.07 26.92 11.42
N PRO G 28 -5.87 28.06 12.10
CA PRO G 28 -5.40 29.24 11.38
C PRO G 28 -4.09 29.03 10.65
N THR G 29 -3.15 28.30 11.26
CA THR G 29 -1.86 28.10 10.64
C THR G 29 -2.02 27.43 9.29
N VAL G 30 -2.80 26.35 9.22
CA VAL G 30 -2.94 25.65 7.96
C VAL G 30 -3.84 26.41 7.00
N LEU G 31 -4.94 26.99 7.49
CA LEU G 31 -5.81 27.75 6.60
C LEU G 31 -5.10 28.94 5.98
N ARG G 32 -4.11 29.50 6.64
CA ARG G 32 -3.33 30.57 6.04
C ARG G 32 -2.21 30.06 5.16
N LYS G 33 -1.47 29.06 5.62
CA LYS G 33 -0.41 28.49 4.81
C LYS G 33 -0.94 27.88 3.53
N ALA G 34 -2.20 27.48 3.50
CA ALA G 34 -2.86 27.14 2.25
C ALA G 34 -3.27 28.37 1.45
N GLY G 35 -2.77 29.54 1.82
CA GLY G 35 -2.99 30.75 1.05
C GLY G 35 -4.43 31.22 1.08
N LEU G 36 -4.92 31.62 2.23
CA LEU G 36 -6.25 32.20 2.27
C LEU G 36 -6.23 33.68 2.00
N LEU G 37 -5.32 34.42 2.63
CA LEU G 37 -5.21 35.84 2.34
C LEU G 37 -4.80 36.07 0.90
N GLU G 38 -3.83 35.29 0.41
CA GLU G 38 -3.36 35.48 -0.95
C GLU G 38 -4.43 35.14 -1.97
N LYS G 39 -5.38 34.28 -1.62
CA LYS G 39 -6.46 33.94 -2.53
C LYS G 39 -7.65 34.88 -2.38
N LEU G 40 -7.79 35.53 -1.23
CA LEU G 40 -8.88 36.48 -1.06
C LEU G 40 -8.55 37.82 -1.68
N LYS G 41 -7.33 38.04 -2.12
CA LYS G 41 -6.97 39.31 -2.71
C LYS G 41 -7.17 39.37 -4.22
N GLU G 42 -7.27 38.24 -4.90
CA GLU G 42 -7.59 38.31 -6.33
C GLU G 42 -8.98 38.87 -6.56
N GLN G 43 -9.99 38.33 -5.89
CA GLN G 43 -11.24 39.06 -5.99
C GLN G 43 -11.11 40.36 -5.20
N GLU G 44 -11.93 41.34 -5.56
CA GLU G 44 -11.70 42.68 -5.05
C GLU G 44 -12.03 42.75 -3.57
N CYS G 45 -11.15 42.19 -2.73
CA CYS G 45 -11.38 42.12 -1.30
C CYS G 45 -10.31 42.93 -0.58
N ASP G 46 -10.72 43.75 0.38
CA ASP G 46 -9.80 44.60 1.12
C ASP G 46 -9.37 43.89 2.40
N VAL G 47 -8.72 42.75 2.21
CA VAL G 47 -8.38 41.89 3.34
C VAL G 47 -7.40 42.60 4.25
N LYS G 48 -7.73 42.67 5.54
CA LYS G 48 -6.81 43.15 6.57
C LYS G 48 -6.63 42.05 7.60
N ASP G 49 -5.39 41.62 7.77
CA ASP G 49 -5.08 40.52 8.68
C ASP G 49 -4.84 41.09 10.07
N TYR G 50 -5.79 40.89 10.97
CA TYR G 50 -5.63 41.27 12.35
C TYR G 50 -4.81 40.27 13.14
N GLY G 51 -4.23 39.27 12.48
CA GLY G 51 -3.26 38.39 13.09
C GLY G 51 -3.88 37.44 14.08
N ASP G 52 -3.20 36.31 14.26
CA ASP G 52 -3.66 35.32 15.23
C ASP G 52 -3.70 35.93 16.62
N LEU G 53 -4.79 35.70 17.31
CA LEU G 53 -4.97 36.29 18.62
C LEU G 53 -3.98 35.68 19.60
N PRO G 54 -3.31 36.48 20.41
CA PRO G 54 -2.50 35.92 21.49
C PRO G 54 -3.36 35.55 22.68
N PHE G 55 -3.55 34.26 22.91
CA PHE G 55 -4.35 33.81 24.03
C PHE G 55 -3.45 33.58 25.24
N ALA G 56 -3.65 34.39 26.26
CA ALA G 56 -2.88 34.24 27.49
C ALA G 56 -3.18 32.88 28.11
N ASP G 57 -2.18 32.32 28.77
CA ASP G 57 -2.28 31.00 29.33
C ASP G 57 -3.03 31.04 30.66
N ILE G 58 -3.85 30.03 30.90
CA ILE G 58 -4.46 29.83 32.21
C ILE G 58 -3.93 28.51 32.76
N PRO G 59 -2.92 28.55 33.62
CA PRO G 59 -2.27 27.31 34.05
C PRO G 59 -3.14 26.43 34.91
N ASN G 60 -3.68 26.99 35.99
CA ASN G 60 -4.51 26.26 36.94
C ASN G 60 -5.95 26.58 36.60
N ASP G 61 -6.60 25.64 35.93
CA ASP G 61 -7.92 25.90 35.37
C ASP G 61 -8.70 24.60 35.40
N SER G 62 -9.43 24.41 36.45
CA SER G 62 -10.09 23.17 36.80
C SER G 62 -11.54 23.16 36.32
N PRO G 63 -12.09 21.97 36.04
CA PRO G 63 -13.45 21.89 35.53
C PRO G 63 -14.46 22.45 36.51
N PHE G 64 -15.58 22.91 35.96
CA PHE G 64 -16.58 23.58 36.79
C PHE G 64 -17.45 22.57 37.52
N GLN G 65 -18.27 21.82 36.77
CA GLN G 65 -18.90 20.62 37.30
C GLN G 65 -18.52 19.41 36.47
N ILE G 66 -18.79 19.46 35.18
CA ILE G 66 -18.25 18.53 34.22
C ILE G 66 -17.60 19.23 33.06
N VAL G 67 -17.85 20.54 32.90
CA VAL G 67 -17.34 21.37 31.82
C VAL G 67 -15.83 21.46 31.92
N LYS G 68 -15.13 20.87 30.95
CA LYS G 68 -13.69 20.92 30.98
C LYS G 68 -13.21 22.35 30.76
N ASN G 69 -12.14 22.71 31.47
CA ASN G 69 -11.37 23.95 31.38
C ASN G 69 -12.21 25.16 30.97
N PRO G 70 -13.14 25.58 31.83
CA PRO G 70 -14.02 26.68 31.45
C PRO G 70 -13.37 28.06 31.45
N ARG G 71 -12.42 28.33 32.33
CA ARG G 71 -11.82 29.67 32.36
C ARG G 71 -11.04 29.95 31.09
N SER G 72 -10.32 28.95 30.59
CA SER G 72 -9.57 29.15 29.36
C SER G 72 -10.48 29.53 28.22
N VAL G 73 -11.57 28.79 28.04
CA VAL G 73 -12.50 29.07 26.95
C VAL G 73 -13.18 30.42 27.18
N GLY G 74 -13.58 30.71 28.40
CA GLY G 74 -14.27 31.96 28.65
C GLY G 74 -13.41 33.16 28.36
N LYS G 75 -12.16 33.14 28.82
CA LYS G 75 -11.28 34.27 28.55
C LYS G 75 -10.88 34.34 27.09
N ALA G 76 -10.64 33.19 26.45
CA ALA G 76 -10.33 33.22 25.03
C ALA G 76 -11.46 33.81 24.23
N SER G 77 -12.69 33.45 24.56
CA SER G 77 -13.83 34.00 23.84
C SER G 77 -14.06 35.47 24.17
N GLU G 78 -13.76 35.91 25.40
CA GLU G 78 -13.86 37.34 25.67
C GLU G 78 -12.85 38.11 24.85
N GLN G 79 -11.63 37.61 24.76
CA GLN G 79 -10.62 38.26 23.93
C GLN G 79 -11.05 38.29 22.47
N LEU G 80 -11.59 37.19 21.98
CA LEU G 80 -12.03 37.16 20.59
C LEU G 80 -13.20 38.11 20.36
N ALA G 81 -14.11 38.21 21.32
CA ALA G 81 -15.23 39.13 21.15
C ALA G 81 -14.75 40.57 21.13
N GLY G 82 -13.78 40.91 21.98
CA GLY G 82 -13.22 42.24 21.90
C GLY G 82 -12.59 42.51 20.54
N LYS G 83 -11.82 41.55 20.03
CA LYS G 83 -11.21 41.75 18.72
C LYS G 83 -12.25 41.84 17.61
N VAL G 84 -13.33 41.07 17.71
CA VAL G 84 -14.34 41.11 16.67
C VAL G 84 -15.10 42.42 16.70
N ALA G 85 -15.39 42.94 17.90
CA ALA G 85 -15.96 44.28 17.94
C ALA G 85 -15.00 45.30 17.35
N GLU G 86 -13.70 45.11 17.58
CA GLU G 86 -12.72 46.02 16.98
C GLU G 86 -12.78 45.98 15.46
N VAL G 87 -12.87 44.77 14.88
CA VAL G 87 -12.87 44.70 13.42
C VAL G 87 -14.23 45.01 12.82
N LYS G 88 -15.30 45.00 13.60
CA LYS G 88 -16.59 45.44 13.10
C LYS G 88 -16.77 46.94 13.21
N LYS G 89 -16.11 47.59 14.15
CA LYS G 89 -16.14 49.05 14.18
C LYS G 89 -15.37 49.64 13.00
N ASN G 90 -14.53 48.85 12.34
CA ASN G 90 -13.87 49.31 11.13
C ASN G 90 -14.72 49.08 9.89
N GLY G 91 -15.95 48.62 10.04
CA GLY G 91 -16.79 48.35 8.90
C GLY G 91 -16.39 47.14 8.10
N ARG G 92 -15.75 46.16 8.73
CA ARG G 92 -15.26 45.01 8.01
C ARG G 92 -16.14 43.80 8.26
N ILE G 93 -15.73 42.65 7.71
CA ILE G 93 -16.41 41.39 7.90
C ILE G 93 -15.50 40.48 8.71
N SER G 94 -15.88 40.23 9.95
CA SER G 94 -15.00 39.56 10.90
C SER G 94 -14.86 38.10 10.50
N LEU G 95 -13.83 37.79 9.73
CA LEU G 95 -13.60 36.41 9.30
C LEU G 95 -12.72 35.74 10.36
N VAL G 96 -13.35 35.15 11.35
CA VAL G 96 -12.65 34.49 12.45
C VAL G 96 -12.43 33.06 12.03
N LEU G 97 -11.21 32.72 11.65
CA LEU G 97 -10.88 31.36 11.25
C LEU G 97 -10.13 30.70 12.39
N GLY G 98 -10.72 29.63 12.93
CA GLY G 98 -10.23 29.02 14.14
C GLY G 98 -9.68 27.62 13.97
N GLY G 99 -9.70 26.82 15.02
CA GLY G 99 -10.36 27.17 16.25
C GLY G 99 -11.33 26.05 16.54
N ASP G 100 -12.28 26.28 17.45
CA ASP G 100 -13.42 25.41 17.64
C ASP G 100 -14.63 26.27 17.98
N HIS G 101 -15.83 25.70 17.89
CA HIS G 101 -17.00 26.50 18.24
C HIS G 101 -17.02 27.03 19.65
N SER G 102 -16.18 26.52 20.55
CA SER G 102 -16.08 27.20 21.82
C SER G 102 -15.73 28.66 21.64
N LEU G 103 -15.21 29.02 20.47
CA LEU G 103 -14.91 30.40 20.12
C LEU G 103 -16.10 31.11 19.51
N ALA G 104 -17.17 30.39 19.17
CA ALA G 104 -18.32 31.06 18.59
C ALA G 104 -18.98 31.97 19.61
N ILE G 105 -18.89 31.64 20.89
CA ILE G 105 -19.42 32.52 21.92
C ILE G 105 -18.80 33.90 21.79
N GLY G 106 -17.49 33.96 21.65
CA GLY G 106 -16.85 35.24 21.46
C GLY G 106 -17.15 35.84 20.10
N SER G 107 -17.07 35.02 19.05
CA SER G 107 -17.21 35.54 17.71
C SER G 107 -18.57 36.15 17.45
N ILE G 108 -19.61 35.68 18.13
CA ILE G 108 -20.94 36.24 17.96
C ILE G 108 -21.25 37.30 19.01
N SER G 109 -20.75 37.13 20.23
CA SER G 109 -20.98 38.16 21.24
C SER G 109 -20.31 39.45 20.87
N GLY G 110 -19.09 39.39 20.34
CA GLY G 110 -18.46 40.60 19.86
C GLY G 110 -19.16 41.21 18.68
N HIS G 111 -19.57 40.38 17.72
CA HIS G 111 -20.29 40.87 16.56
C HIS G 111 -21.62 41.49 16.93
N ALA G 112 -22.25 41.00 17.99
CA ALA G 112 -23.51 41.55 18.45
C ALA G 112 -23.35 42.80 19.30
N ARG G 113 -22.14 43.08 19.78
CA ARG G 113 -21.91 44.35 20.44
C ARG G 113 -22.10 45.51 19.48
N VAL G 114 -21.78 45.30 18.21
CA VAL G 114 -21.85 46.33 17.20
C VAL G 114 -23.20 46.29 16.51
N HIS G 115 -23.52 45.17 15.88
CA HIS G 115 -24.81 44.96 15.24
C HIS G 115 -25.68 44.13 16.14
N PRO G 116 -26.54 44.72 16.97
CA PRO G 116 -27.30 43.92 17.92
C PRO G 116 -28.29 42.97 17.27
N ASP G 117 -28.67 43.21 16.03
CA ASP G 117 -29.76 42.46 15.40
C ASP G 117 -29.27 41.45 14.39
N LEU G 118 -28.07 40.93 14.54
CA LEU G 118 -27.56 39.97 13.57
C LEU G 118 -28.40 38.71 13.60
N GLY G 119 -28.46 38.04 12.46
CA GLY G 119 -29.07 36.73 12.35
C GLY G 119 -27.99 35.72 12.05
N VAL G 120 -27.94 34.65 12.83
CA VAL G 120 -26.88 33.67 12.77
C VAL G 120 -27.35 32.49 11.93
N ILE G 121 -26.53 32.09 10.97
CA ILE G 121 -26.76 30.88 10.20
C ILE G 121 -25.70 29.87 10.62
N TRP G 122 -26.11 28.86 11.36
CA TRP G 122 -25.19 27.91 11.96
C TRP G 122 -25.13 26.66 11.10
N VAL G 123 -24.03 26.47 10.39
CA VAL G 123 -23.83 25.30 9.55
C VAL G 123 -22.95 24.35 10.32
N ASP G 124 -23.56 23.32 10.91
CA ASP G 124 -22.83 22.36 11.72
C ASP G 124 -23.61 21.06 11.70
N ALA G 125 -22.89 19.95 11.69
CA ALA G 125 -23.58 18.67 11.82
C ALA G 125 -24.24 18.56 13.18
N HIS G 126 -23.78 19.33 14.15
CA HIS G 126 -24.23 19.25 15.53
C HIS G 126 -25.05 20.50 15.83
N THR G 127 -25.89 20.42 16.85
CA THR G 127 -26.57 21.65 17.25
C THR G 127 -25.65 22.56 18.04
N ASP G 128 -24.69 21.99 18.77
CA ASP G 128 -23.83 22.75 19.65
C ASP G 128 -24.65 23.64 20.57
N ILE G 129 -25.63 23.04 21.24
CA ILE G 129 -26.57 23.79 22.05
C ILE G 129 -26.73 23.22 23.45
N ASN G 130 -25.87 22.29 23.86
CA ASN G 130 -25.91 21.80 25.22
C ASN G 130 -25.70 22.95 26.20
N THR G 131 -26.38 22.89 27.33
CA THR G 131 -26.06 23.77 28.43
C THR G 131 -25.03 23.09 29.32
N PRO G 132 -24.31 23.83 30.16
CA PRO G 132 -23.36 23.18 31.06
C PRO G 132 -24.01 22.17 31.98
N LEU G 133 -25.34 22.16 32.08
CA LEU G 133 -26.06 21.18 32.89
C LEU G 133 -26.45 19.96 32.07
N THR G 134 -26.99 20.16 30.87
CA THR G 134 -27.47 19.06 30.05
C THR G 134 -26.38 18.44 29.21
N THR G 135 -25.15 18.93 29.32
CA THR G 135 -24.09 18.33 28.53
C THR G 135 -23.76 16.95 29.09
N THR G 136 -23.11 16.14 28.26
CA THR G 136 -22.70 14.81 28.66
C THR G 136 -21.19 14.64 28.62
N SER G 137 -20.52 15.18 27.61
CA SER G 137 -19.07 15.11 27.55
C SER G 137 -18.40 16.21 28.37
N GLY G 138 -19.15 17.24 28.74
CA GLY G 138 -18.57 18.34 29.48
C GLY G 138 -17.53 19.11 28.71
N ASN G 139 -17.67 19.20 27.40
CA ASN G 139 -16.82 20.03 26.57
C ASN G 139 -17.55 21.32 26.25
N LEU G 140 -16.80 22.34 25.86
CA LEU G 140 -17.39 23.61 25.53
C LEU G 140 -17.49 23.83 24.03
N HIS G 141 -16.84 23.01 23.21
CA HIS G 141 -17.11 23.09 21.78
C HIS G 141 -18.52 22.69 21.46
N GLY G 142 -19.15 21.89 22.31
CA GLY G 142 -20.52 21.49 22.14
C GLY G 142 -21.54 22.37 22.82
N GLN G 143 -21.12 23.47 23.42
CA GLN G 143 -22.10 24.33 24.08
C GLN G 143 -21.96 25.80 23.79
N PRO G 144 -21.70 26.26 22.56
CA PRO G 144 -21.58 27.69 22.35
C PRO G 144 -22.89 28.40 22.13
N VAL G 145 -23.90 27.74 21.57
CA VAL G 145 -25.16 28.43 21.34
C VAL G 145 -25.89 28.68 22.66
N SER G 146 -25.80 27.75 23.61
CA SER G 146 -26.52 27.89 24.85
C SER G 146 -26.09 29.13 25.63
N PHE G 147 -24.88 29.60 25.42
CA PHE G 147 -24.46 30.84 26.07
C PHE G 147 -24.92 32.07 25.33
N LEU G 148 -25.46 31.91 24.12
CA LEU G 148 -25.88 33.05 23.32
C LEU G 148 -27.38 33.27 23.31
N LEU G 149 -28.18 32.23 23.46
CA LEU G 149 -29.62 32.38 23.33
C LEU G 149 -30.19 33.11 24.53
N LYS G 150 -31.04 34.10 24.25
CA LYS G 150 -31.72 34.80 25.34
C LYS G 150 -32.70 33.89 26.06
N GLU G 151 -33.23 32.88 25.37
CA GLU G 151 -34.24 32.04 25.97
C GLU G 151 -33.68 31.03 26.96
N LEU G 152 -32.36 30.89 27.04
CA LEU G 152 -31.76 29.96 27.97
C LEU G 152 -31.18 30.64 29.21
N LYS G 153 -31.53 31.90 29.44
CA LYS G 153 -31.11 32.55 30.67
C LYS G 153 -31.78 31.88 31.86
N GLY G 154 -30.99 31.56 32.87
CA GLY G 154 -31.45 30.82 34.01
C GLY G 154 -31.17 29.34 33.92
N LYS G 155 -31.08 28.81 32.70
CA LYS G 155 -30.66 27.44 32.48
C LYS G 155 -29.17 27.32 32.25
N ILE G 156 -28.45 28.43 32.35
CA ILE G 156 -27.00 28.46 32.17
C ILE G 156 -26.39 28.83 33.51
N PRO G 157 -25.66 27.93 34.17
CA PRO G 157 -25.08 28.26 35.46
C PRO G 157 -23.99 29.31 35.30
N ASP G 158 -23.64 29.94 36.42
CA ASP G 158 -22.59 30.95 36.42
C ASP G 158 -21.25 30.24 36.26
N VAL G 159 -20.96 29.85 35.03
CA VAL G 159 -19.73 29.12 34.71
C VAL G 159 -18.58 30.07 34.94
N PRO G 160 -17.46 29.63 35.53
CA PRO G 160 -16.33 30.53 35.70
C PRO G 160 -15.73 30.91 34.36
N GLY G 161 -15.46 32.20 34.20
CA GLY G 161 -14.88 32.70 32.98
C GLY G 161 -15.88 33.19 31.96
N PHE G 162 -17.14 32.81 32.10
CA PHE G 162 -18.21 33.28 31.22
C PHE G 162 -19.12 34.27 31.91
N SER G 163 -18.58 35.02 32.87
CA SER G 163 -19.37 36.04 33.53
C SER G 163 -19.62 37.25 32.64
N TRP G 164 -18.80 37.46 31.62
CA TRP G 164 -18.99 38.57 30.71
C TRP G 164 -20.06 38.31 29.66
N VAL G 165 -20.49 37.06 29.50
CA VAL G 165 -21.36 36.69 28.39
C VAL G 165 -22.76 37.22 28.65
N THR G 166 -23.17 38.18 27.89
CA THR G 166 -24.58 38.50 27.88
C THR G 166 -25.21 37.85 26.65
N PRO G 167 -26.21 36.99 26.83
CA PRO G 167 -26.81 36.33 25.67
C PRO G 167 -27.37 37.36 24.71
N CYS G 168 -27.06 37.18 23.43
CA CYS G 168 -27.30 38.23 22.45
C CYS G 168 -28.32 37.88 21.39
N ILE G 169 -28.35 36.65 20.91
CA ILE G 169 -29.29 36.27 19.87
C ILE G 169 -30.54 35.70 20.51
N SER G 170 -31.68 35.90 19.85
CA SER G 170 -32.91 35.29 20.27
C SER G 170 -32.94 33.86 19.76
N ALA G 171 -34.01 33.15 20.08
CA ALA G 171 -34.18 31.82 19.49
C ALA G 171 -34.59 31.92 18.03
N LYS G 172 -35.25 33.00 17.65
CA LYS G 172 -35.76 33.18 16.30
C LYS G 172 -34.81 33.94 15.40
N ASP G 173 -33.52 33.98 15.75
CA ASP G 173 -32.51 34.64 14.94
C ASP G 173 -31.40 33.70 14.55
N ILE G 174 -31.59 32.40 14.76
CA ILE G 174 -30.58 31.41 14.43
C ILE G 174 -31.21 30.33 13.58
N VAL G 175 -30.51 29.92 12.54
CA VAL G 175 -30.98 28.89 11.63
C VAL G 175 -29.89 27.84 11.51
N TYR G 176 -30.21 26.61 11.89
CA TYR G 176 -29.27 25.52 11.75
C TYR G 176 -29.41 24.89 10.37
N ILE G 177 -28.29 24.58 9.75
CA ILE G 177 -28.30 23.87 8.47
C ILE G 177 -27.33 22.70 8.58
N GLY G 178 -27.81 21.52 8.26
CA GLY G 178 -26.97 20.35 8.23
C GLY G 178 -26.99 19.47 9.45
N LEU G 179 -27.92 19.67 10.38
CA LEU G 179 -27.97 18.88 11.59
C LEU G 179 -28.17 17.42 11.25
N ARG G 180 -27.27 16.56 11.72
CA ARG G 180 -27.46 15.13 11.58
C ARG G 180 -26.97 14.36 12.79
N ASP G 181 -26.52 15.03 13.85
CA ASP G 181 -26.03 14.36 15.05
C ASP G 181 -26.45 15.22 16.24
N VAL G 182 -27.61 14.93 16.80
CA VAL G 182 -28.19 15.76 17.85
C VAL G 182 -28.47 14.88 19.05
N ASP G 183 -27.98 15.28 20.22
CA ASP G 183 -28.23 14.56 21.45
C ASP G 183 -29.67 14.79 21.89
N PRO G 184 -30.20 13.92 22.75
CA PRO G 184 -31.57 14.14 23.23
C PRO G 184 -31.75 15.48 23.92
N GLY G 185 -30.81 15.91 24.74
CA GLY G 185 -30.95 17.20 25.38
C GLY G 185 -30.90 18.34 24.38
N GLU G 186 -29.98 18.24 23.43
CA GLU G 186 -29.91 19.25 22.38
C GLU G 186 -31.21 19.30 21.60
N HIS G 187 -31.80 18.14 21.29
CA HIS G 187 -33.02 18.15 20.52
C HIS G 187 -34.20 18.68 21.33
N TYR G 188 -34.24 18.39 22.63
CA TYR G 188 -35.30 18.97 23.44
C TYR G 188 -35.19 20.48 23.45
N ILE G 189 -33.99 21.01 23.64
CA ILE G 189 -33.82 22.46 23.61
C ILE G 189 -34.20 23.01 22.26
N LEU G 190 -33.83 22.30 21.20
CA LEU G 190 -34.08 22.77 19.84
C LEU G 190 -35.57 22.85 19.55
N LYS G 191 -36.33 21.85 19.97
CA LYS G 191 -37.75 21.84 19.70
C LYS G 191 -38.55 22.72 20.64
N THR G 192 -38.09 22.90 21.88
CA THR G 192 -38.83 23.72 22.82
C THR G 192 -38.74 25.19 22.47
N LEU G 193 -37.56 25.67 22.13
CA LEU G 193 -37.37 27.08 21.81
C LEU G 193 -37.96 27.46 20.47
N GLY G 194 -38.36 26.49 19.66
CA GLY G 194 -38.83 26.78 18.33
C GLY G 194 -37.74 27.31 17.42
N ILE G 195 -36.51 26.82 17.58
CA ILE G 195 -35.42 27.22 16.70
C ILE G 195 -35.67 26.65 15.32
N LYS G 196 -35.56 27.50 14.31
CA LYS G 196 -35.68 27.04 12.93
C LYS G 196 -34.43 26.28 12.57
N TYR G 197 -34.57 25.01 12.21
CA TYR G 197 -33.43 24.19 11.85
C TYR G 197 -33.75 23.41 10.59
N PHE G 198 -32.75 23.25 9.74
CA PHE G 198 -32.88 22.45 8.52
C PHE G 198 -31.93 21.29 8.69
N SER G 199 -32.40 20.25 9.36
CA SER G 199 -31.58 19.06 9.55
C SER G 199 -31.30 18.43 8.20
N MET G 200 -30.54 17.35 8.21
CA MET G 200 -30.20 16.73 6.96
C MET G 200 -31.45 16.23 6.25
N THR G 201 -32.47 15.84 7.03
CA THR G 201 -33.72 15.38 6.43
C THR G 201 -34.42 16.49 5.68
N GLU G 202 -34.50 17.68 6.26
CA GLU G 202 -35.13 18.78 5.55
C GLU G 202 -34.36 19.16 4.30
N VAL G 203 -33.03 19.07 4.35
CA VAL G 203 -32.26 19.33 3.14
C VAL G 203 -32.57 18.30 2.08
N ASP G 204 -32.63 17.02 2.45
CA ASP G 204 -32.99 16.01 1.46
C ASP G 204 -34.39 16.22 0.91
N ARG G 205 -35.33 16.62 1.77
CA ARG G 205 -36.70 16.82 1.32
C ARG G 205 -36.79 18.00 0.36
N LEU G 206 -36.13 19.10 0.68
CA LEU G 206 -36.36 20.34 -0.04
C LEU G 206 -35.36 20.62 -1.15
N GLY G 207 -34.17 20.06 -1.10
CA GLY G 207 -33.12 20.53 -1.97
C GLY G 207 -32.43 21.70 -1.31
N ILE G 208 -31.12 21.80 -1.46
CA ILE G 208 -30.40 22.89 -0.82
C ILE G 208 -30.86 24.24 -1.35
N GLY G 209 -31.32 24.31 -2.59
CA GLY G 209 -31.81 25.58 -3.10
C GLY G 209 -33.01 26.09 -2.32
N LYS G 210 -34.00 25.22 -2.12
CA LYS G 210 -35.16 25.61 -1.34
C LYS G 210 -34.81 25.80 0.12
N VAL G 211 -33.83 25.04 0.63
CA VAL G 211 -33.42 25.23 2.01
C VAL G 211 -32.86 26.62 2.22
N MET G 212 -31.97 27.06 1.34
CA MET G 212 -31.39 28.39 1.48
C MET G 212 -32.41 29.47 1.20
N GLU G 213 -33.33 29.24 0.27
CA GLU G 213 -34.39 30.22 0.07
C GLU G 213 -35.21 30.41 1.33
N GLU G 214 -35.59 29.31 1.99
CA GLU G 214 -36.35 29.45 3.24
C GLU G 214 -35.52 30.06 4.35
N THR G 215 -34.23 29.72 4.43
CA THR G 215 -33.37 30.31 5.45
C THR G 215 -33.32 31.82 5.30
N LEU G 216 -33.06 32.30 4.10
CA LEU G 216 -32.95 33.73 3.91
C LEU G 216 -34.29 34.43 3.97
N SER G 217 -35.37 33.79 3.55
CA SER G 217 -36.68 34.39 3.72
C SER G 217 -37.13 34.40 5.18
N TYR G 218 -36.55 33.54 6.01
CA TYR G 218 -36.88 33.54 7.42
C TYR G 218 -36.08 34.60 8.17
N LEU G 219 -34.79 34.71 7.89
CA LEU G 219 -33.99 35.73 8.57
C LEU G 219 -34.22 37.10 7.97
N LEU G 220 -33.90 37.27 6.70
CA LEU G 220 -33.99 38.54 6.02
C LEU G 220 -35.36 38.80 5.42
N GLY G 221 -36.40 38.13 5.91
CA GLY G 221 -37.72 38.34 5.36
C GLY G 221 -38.45 39.50 6.00
N ARG G 222 -38.49 39.52 7.33
CA ARG G 222 -39.16 40.60 8.04
C ARG G 222 -38.37 41.90 7.91
N LYS G 223 -37.05 41.82 7.94
CA LYS G 223 -36.21 43.01 7.92
C LYS G 223 -34.79 42.61 7.57
N LYS G 224 -34.12 43.41 6.75
CA LYS G 224 -32.74 43.14 6.39
C LYS G 224 -31.84 43.31 7.61
N ARG G 225 -31.00 42.32 7.87
CA ARG G 225 -30.15 42.35 9.05
C ARG G 225 -28.81 41.76 8.66
N PRO G 226 -27.77 42.04 9.43
CA PRO G 226 -26.49 41.36 9.22
C PRO G 226 -26.64 39.86 9.43
N ILE G 227 -25.84 39.10 8.69
CA ILE G 227 -25.79 37.64 8.79
C ILE G 227 -24.44 37.25 9.35
N HIS G 228 -24.43 36.30 10.26
CA HIS G 228 -23.18 35.78 10.81
C HIS G 228 -23.10 34.29 10.51
N LEU G 229 -22.62 33.95 9.33
CA LEU G 229 -22.49 32.55 8.96
C LEU G 229 -21.40 31.91 9.80
N SER G 230 -21.78 31.07 10.75
CA SER G 230 -20.82 30.43 11.64
C SER G 230 -20.58 29.01 11.16
N PHE G 231 -19.77 28.88 10.13
CA PHE G 231 -19.58 27.60 9.47
C PHE G 231 -18.82 26.64 10.35
N ASP G 232 -19.08 25.35 10.17
CA ASP G 232 -18.36 24.31 10.87
C ASP G 232 -18.07 23.19 9.89
N VAL G 233 -16.78 22.89 9.69
CA VAL G 233 -16.40 21.99 8.61
C VAL G 233 -16.86 20.56 8.82
N ASP G 234 -17.32 20.20 10.01
CA ASP G 234 -17.95 18.90 10.13
C ASP G 234 -19.35 18.91 9.56
N GLY G 235 -19.88 20.09 9.25
CA GLY G 235 -21.17 20.15 8.59
C GLY G 235 -21.16 19.52 7.23
N LEU G 236 -20.06 19.66 6.50
CA LEU G 236 -19.92 19.00 5.22
C LEU G 236 -19.63 17.51 5.42
N ASP G 237 -19.89 16.74 4.39
CA ASP G 237 -19.74 15.30 4.48
C ASP G 237 -18.28 14.94 4.75
N PRO G 238 -18.02 13.88 5.50
CA PRO G 238 -16.64 13.50 5.81
C PRO G 238 -15.81 13.18 4.59
N SER G 239 -16.41 12.84 3.47
CA SER G 239 -15.61 12.65 2.26
C SER G 239 -14.93 13.93 1.81
N PHE G 240 -15.47 15.08 2.19
CA PHE G 240 -14.91 16.37 1.79
C PHE G 240 -14.10 17.03 2.89
N THR G 241 -14.49 16.85 4.16
CA THR G 241 -13.75 17.39 5.29
C THR G 241 -13.51 16.27 6.29
N PRO G 242 -12.59 15.37 6.01
CA PRO G 242 -12.33 14.28 6.94
C PRO G 242 -11.55 14.69 8.18
N ALA G 243 -10.71 15.71 8.04
CA ALA G 243 -9.84 16.12 9.14
C ALA G 243 -10.54 17.13 10.03
N THR G 244 -11.62 16.68 10.66
CA THR G 244 -12.36 17.50 11.61
C THR G 244 -12.57 16.69 12.88
N GLY G 245 -13.03 17.38 13.93
CA GLY G 245 -13.15 16.79 15.23
C GLY G 245 -14.03 15.56 15.30
N THR G 246 -15.32 15.74 15.00
CA THR G 246 -16.31 14.67 15.11
C THR G 246 -17.04 14.55 13.79
N PRO G 247 -16.45 13.90 12.79
CA PRO G 247 -17.11 13.79 11.49
C PRO G 247 -18.31 12.88 11.59
N VAL G 248 -19.41 13.29 10.97
CA VAL G 248 -20.64 12.52 10.95
C VAL G 248 -20.99 12.24 9.50
N VAL G 249 -21.17 10.96 9.17
CA VAL G 249 -21.32 10.57 7.79
C VAL G 249 -22.70 10.92 7.28
N GLY G 250 -22.77 11.23 5.98
CA GLY G 250 -24.03 11.54 5.35
C GLY G 250 -24.44 12.97 5.56
N GLY G 251 -23.57 13.91 5.21
CA GLY G 251 -23.84 15.31 5.43
C GLY G 251 -23.76 16.13 4.17
N LEU G 252 -23.72 17.46 4.31
CA LEU G 252 -23.76 18.34 3.16
C LEU G 252 -22.61 18.03 2.21
N THR G 253 -22.93 18.00 0.92
CA THR G 253 -21.90 17.77 -0.07
C THR G 253 -21.10 19.05 -0.30
N TYR G 254 -20.03 18.91 -1.06
CA TYR G 254 -19.22 20.06 -1.41
C TYR G 254 -20.06 21.10 -2.14
N ARG G 255 -20.84 20.66 -3.12
CA ARG G 255 -21.67 21.59 -3.88
C ARG G 255 -22.69 22.27 -2.99
N GLU G 256 -23.25 21.54 -2.03
CA GLU G 256 -24.25 22.15 -1.16
C GLU G 256 -23.63 23.20 -0.25
N GLY G 257 -22.43 22.93 0.28
CA GLY G 257 -21.76 23.93 1.07
C GLY G 257 -21.43 25.17 0.28
N LEU G 258 -20.91 24.98 -0.94
CA LEU G 258 -20.64 26.13 -1.79
C LEU G 258 -21.91 26.89 -2.10
N TYR G 259 -23.02 26.19 -2.30
CA TYR G 259 -24.26 26.90 -2.61
C TYR G 259 -24.76 27.69 -1.41
N ILE G 260 -24.62 27.12 -0.22
CA ILE G 260 -25.00 27.87 0.98
C ILE G 260 -24.23 29.16 1.06
N THR G 261 -22.92 29.08 0.90
CA THR G 261 -22.11 30.28 1.01
C THR G 261 -22.39 31.26 -0.12
N GLU G 262 -22.61 30.78 -1.34
CA GLU G 262 -22.89 31.69 -2.44
C GLU G 262 -24.21 32.42 -2.23
N GLU G 263 -25.24 31.71 -1.78
CA GLU G 263 -26.51 32.38 -1.54
C GLU G 263 -26.41 33.33 -0.37
N ILE G 264 -25.59 33.04 0.63
CA ILE G 264 -25.41 34.01 1.72
C ILE G 264 -24.71 35.25 1.20
N TYR G 265 -23.67 35.07 0.40
CA TYR G 265 -22.95 36.22 -0.14
C TYR G 265 -23.86 37.08 -1.00
N LYS G 266 -24.63 36.47 -1.90
CA LYS G 266 -25.42 37.26 -2.84
C LYS G 266 -26.45 38.13 -2.15
N THR G 267 -26.81 37.83 -0.92
CA THR G 267 -27.62 38.79 -0.16
C THR G 267 -26.83 40.06 0.10
N GLY G 268 -25.51 39.98 0.07
CA GLY G 268 -24.70 41.14 0.37
C GLY G 268 -24.75 41.59 1.80
N LEU G 269 -25.39 40.82 2.68
CA LEU G 269 -25.55 41.18 4.08
C LEU G 269 -24.64 40.39 4.99
N LEU G 270 -23.77 39.56 4.44
CA LEU G 270 -22.85 38.81 5.28
C LEU G 270 -22.03 39.80 6.11
N SER G 271 -21.97 39.56 7.40
CA SER G 271 -21.28 40.51 8.26
C SER G 271 -20.42 39.82 9.30
N GLY G 272 -20.06 38.57 9.07
CA GLY G 272 -19.25 37.83 10.00
C GLY G 272 -19.20 36.39 9.56
N LEU G 273 -18.06 35.76 9.66
CA LEU G 273 -17.90 34.40 9.19
C LEU G 273 -16.91 33.68 10.09
N ASP G 274 -17.23 32.44 10.43
CA ASP G 274 -16.36 31.61 11.26
C ASP G 274 -16.09 30.33 10.51
N ILE G 275 -14.83 29.94 10.41
CA ILE G 275 -14.45 28.68 9.81
C ILE G 275 -13.82 27.85 10.92
N MET G 276 -14.61 27.01 11.57
CA MET G 276 -14.19 26.38 12.80
C MET G 276 -13.93 24.90 12.58
N GLU G 277 -13.21 24.32 13.53
CA GLU G 277 -13.06 22.87 13.67
C GLU G 277 -12.22 22.24 12.57
N VAL G 278 -11.29 22.97 11.97
CA VAL G 278 -10.35 22.34 11.07
C VAL G 278 -9.24 21.74 11.92
N ASN G 279 -9.09 20.43 11.88
CA ASN G 279 -8.20 19.71 12.79
C ASN G 279 -7.19 18.93 11.98
N PRO G 280 -6.08 19.54 11.58
CA PRO G 280 -5.11 18.83 10.75
C PRO G 280 -4.43 17.67 11.45
N SER G 281 -4.70 17.43 12.72
CA SER G 281 -4.08 16.30 13.38
C SER G 281 -4.91 15.02 13.27
N LEU G 282 -6.16 15.11 12.81
CA LEU G 282 -7.00 13.93 12.65
C LEU G 282 -7.08 13.45 11.21
N GLY G 283 -6.29 14.02 10.32
CA GLY G 283 -6.23 13.47 8.99
C GLY G 283 -5.44 12.17 9.00
N LYS G 284 -6.05 11.09 8.53
CA LYS G 284 -5.34 9.81 8.50
C LYS G 284 -4.10 9.91 7.61
N THR G 285 -4.20 10.64 6.53
CA THR G 285 -3.12 10.88 5.59
C THR G 285 -3.02 12.36 5.30
N PRO G 286 -1.85 12.86 4.92
CA PRO G 286 -1.74 14.30 4.60
C PRO G 286 -2.68 14.75 3.50
N GLU G 287 -3.07 13.85 2.61
CA GLU G 287 -4.07 14.20 1.62
C GLU G 287 -5.40 14.55 2.26
N GLU G 288 -5.77 13.88 3.36
CA GLU G 288 -7.02 14.21 4.03
C GLU G 288 -6.98 15.62 4.61
N VAL G 289 -5.87 15.98 5.24
CA VAL G 289 -5.74 17.33 5.76
C VAL G 289 -5.78 18.34 4.62
N THR G 290 -5.10 18.04 3.52
CA THR G 290 -5.12 18.95 2.38
C THR G 290 -6.53 19.11 1.85
N ARG G 291 -7.29 18.02 1.77
CA ARG G 291 -8.65 18.11 1.26
C ARG G 291 -9.54 18.92 2.19
N THR G 292 -9.42 18.71 3.51
CA THR G 292 -10.23 19.50 4.44
C THR G 292 -9.89 20.97 4.32
N VAL G 293 -8.61 21.30 4.25
CA VAL G 293 -8.22 22.69 4.23
C VAL G 293 -8.62 23.34 2.91
N ASN G 294 -8.49 22.61 1.80
CA ASN G 294 -8.94 23.15 0.53
C ASN G 294 -10.44 23.38 0.53
N THR G 295 -11.20 22.47 1.12
CA THR G 295 -12.64 22.67 1.18
C THR G 295 -12.99 23.87 2.04
N ALA G 296 -12.33 24.01 3.18
CA ALA G 296 -12.59 25.17 4.03
C ALA G 296 -12.24 26.46 3.32
N VAL G 297 -11.12 26.47 2.59
CA VAL G 297 -10.72 27.66 1.84
C VAL G 297 -11.72 27.95 0.74
N ALA G 298 -12.19 26.93 0.03
CA ALA G 298 -13.17 27.16 -1.03
C ALA G 298 -14.45 27.72 -0.47
N ILE G 299 -14.91 27.19 0.66
CA ILE G 299 -16.10 27.72 1.31
C ILE G 299 -15.88 29.19 1.67
N THR G 300 -14.74 29.49 2.28
CA THR G 300 -14.46 30.86 2.69
C THR G 300 -14.46 31.80 1.50
N LEU G 301 -13.80 31.40 0.42
CA LEU G 301 -13.76 32.25 -0.75
C LEU G 301 -15.14 32.48 -1.30
N ALA G 302 -15.94 31.41 -1.40
CA ALA G 302 -17.28 31.57 -1.94
C ALA G 302 -18.14 32.49 -1.08
N CYS G 303 -17.85 32.59 0.21
CA CYS G 303 -18.57 33.57 1.02
C CYS G 303 -18.30 35.00 0.59
N PHE G 304 -17.21 35.24 -0.11
CA PHE G 304 -16.76 36.57 -0.47
C PHE G 304 -16.69 36.77 -1.97
N GLY G 305 -17.68 36.30 -2.69
CA GLY G 305 -17.87 36.64 -4.09
C GLY G 305 -17.42 35.61 -5.08
N LEU G 306 -16.58 34.66 -4.70
CA LEU G 306 -16.07 33.73 -5.70
C LEU G 306 -17.17 32.77 -6.13
N ALA G 307 -17.88 33.12 -7.19
CA ALA G 307 -18.99 32.31 -7.66
C ALA G 307 -18.49 31.22 -8.59
N ARG G 308 -19.24 30.12 -8.67
CA ARG G 308 -18.84 29.03 -9.54
C ARG G 308 -19.04 29.37 -11.00
N GLU G 309 -20.01 30.21 -11.32
CA GLU G 309 -20.18 30.63 -12.70
C GLU G 309 -19.02 31.45 -13.22
N GLY G 310 -18.17 31.95 -12.34
CA GLY G 310 -17.00 32.71 -12.73
C GLY G 310 -17.19 34.20 -12.48
N ASN G 311 -16.10 34.86 -12.12
CA ASN G 311 -16.14 36.27 -11.79
C ASN G 311 -15.23 37.05 -12.70
N HIS G 312 -15.67 38.25 -13.07
CA HIS G 312 -14.88 39.13 -13.90
C HIS G 312 -14.89 40.54 -13.32
N LYS G 313 -13.75 41.21 -13.44
CA LYS G 313 -13.65 42.59 -13.02
C LYS G 313 -14.47 43.46 -13.96
N PRO G 314 -14.94 44.62 -13.51
CA PRO G 314 -15.79 45.47 -14.35
C PRO G 314 -15.02 46.21 -15.42
N ILE G 315 -14.34 45.46 -16.28
CA ILE G 315 -13.58 46.02 -17.38
C ILE G 315 -13.98 45.28 -18.65
N ASP G 316 -13.63 45.87 -19.80
CA ASP G 316 -13.98 45.29 -21.09
C ASP G 316 -12.91 44.29 -21.49
N TYR G 317 -13.17 43.01 -21.26
CA TYR G 317 -12.21 41.95 -21.51
C TYR G 317 -12.00 41.68 -22.99
N LEU G 318 -12.87 42.15 -23.86
CA LEU G 318 -12.70 41.98 -25.29
C LEU G 318 -11.95 43.17 -25.89
N ASN G 319 -10.80 43.47 -25.29
CA ASN G 319 -9.89 44.51 -25.76
C ASN G 319 -8.45 44.09 -25.54
N GLU H 1 -10.02 -38.23 -10.91
CA GLU H 1 -10.24 -37.13 -11.83
C GLU H 1 -10.53 -35.85 -11.07
N VAL H 2 -10.90 -36.01 -9.81
CA VAL H 2 -11.25 -34.89 -8.94
C VAL H 2 -10.15 -34.82 -7.89
N GLN H 3 -8.93 -35.15 -8.30
CA GLN H 3 -7.83 -35.23 -7.35
C GLN H 3 -7.66 -33.95 -6.56
N LEU H 4 -7.50 -34.11 -5.25
CA LEU H 4 -7.06 -33.05 -4.36
C LEU H 4 -5.65 -33.45 -3.92
N VAL H 5 -4.66 -33.05 -4.71
CA VAL H 5 -3.28 -33.38 -4.37
C VAL H 5 -2.82 -32.45 -3.28
N GLU H 6 -2.35 -33.01 -2.17
CA GLU H 6 -1.88 -32.24 -1.05
C GLU H 6 -0.37 -32.14 -1.06
N SER H 7 0.14 -30.99 -0.63
CA SER H 7 1.57 -30.74 -0.57
C SER H 7 1.86 -30.05 0.75
N GLY H 8 3.09 -29.58 0.91
CA GLY H 8 3.40 -28.80 2.09
C GLY H 8 4.45 -29.43 2.96
N GLY H 9 4.45 -29.07 4.25
CA GLY H 9 5.52 -29.48 5.13
C GLY H 9 5.44 -30.90 5.63
N GLY H 10 5.67 -31.08 6.92
CA GLY H 10 5.65 -32.41 7.50
C GLY H 10 6.59 -32.61 8.67
N VAL H 11 7.63 -31.79 8.79
CA VAL H 11 8.58 -31.87 9.90
C VAL H 11 8.90 -30.45 10.32
N VAL H 12 8.32 -30.00 11.43
CA VAL H 12 8.72 -28.76 12.08
C VAL H 12 8.75 -29.04 13.57
N ARG H 13 9.92 -28.98 14.16
CA ARG H 13 10.05 -29.30 15.57
C ARG H 13 9.53 -28.17 16.46
N PRO H 14 10.04 -26.94 16.31
CA PRO H 14 9.66 -25.91 17.29
C PRO H 14 8.25 -25.43 17.07
N GLY H 15 7.86 -24.37 17.77
CA GLY H 15 6.64 -23.66 17.46
C GLY H 15 6.79 -22.82 16.21
N GLY H 16 7.36 -23.43 15.16
CA GLY H 16 7.59 -22.74 13.92
C GLY H 16 6.32 -22.62 13.10
N SER H 17 6.51 -22.33 11.82
CA SER H 17 5.42 -22.10 10.91
C SER H 17 5.56 -22.97 9.66
N LEU H 18 4.43 -23.24 9.01
CA LEU H 18 4.37 -23.95 7.75
C LEU H 18 3.33 -23.29 6.85
N ARG H 19 3.29 -23.73 5.60
CA ARG H 19 2.22 -23.36 4.68
C ARG H 19 1.94 -24.54 3.77
N LEU H 20 0.82 -25.21 4.00
CA LEU H 20 0.45 -26.38 3.23
C LEU H 20 -0.18 -25.94 1.91
N SER H 21 -0.50 -26.92 1.07
CA SER H 21 -1.13 -26.62 -0.19
C SER H 21 -1.99 -27.81 -0.58
N CYS H 22 -2.94 -27.56 -1.47
CA CYS H 22 -3.84 -28.60 -1.94
C CYS H 22 -4.17 -28.26 -3.39
N ALA H 23 -3.41 -28.83 -4.31
CA ALA H 23 -3.57 -28.50 -5.72
C ALA H 23 -4.79 -29.22 -6.29
N ALA H 24 -5.91 -28.53 -6.33
CA ALA H 24 -7.16 -29.13 -6.74
C ALA H 24 -7.27 -29.16 -8.26
N SER H 25 -7.93 -30.19 -8.77
CA SER H 25 -8.11 -30.35 -10.20
C SER H 25 -9.32 -31.23 -10.47
N GLY H 26 -10.00 -30.97 -11.58
CA GLY H 26 -11.12 -31.80 -11.97
C GLY H 26 -12.44 -31.09 -11.90
N PHE H 27 -12.60 -30.22 -10.91
CA PHE H 27 -13.81 -29.44 -10.72
C PHE H 27 -13.50 -27.96 -10.88
N THR H 28 -14.54 -27.18 -11.13
CA THR H 28 -14.38 -25.74 -11.17
C THR H 28 -14.08 -25.22 -9.78
N PHE H 29 -12.84 -24.81 -9.55
CA PHE H 29 -12.39 -24.54 -8.20
C PHE H 29 -13.07 -23.34 -7.57
N ASP H 30 -13.25 -22.26 -8.30
CA ASP H 30 -13.80 -21.05 -7.72
C ASP H 30 -15.27 -21.16 -7.42
N ASP H 31 -15.82 -22.37 -7.47
CA ASP H 31 -17.23 -22.60 -7.19
C ASP H 31 -17.46 -23.31 -5.88
N TYR H 32 -16.67 -24.33 -5.57
CA TYR H 32 -16.80 -25.12 -4.36
C TYR H 32 -16.10 -24.46 -3.20
N GLY H 33 -16.57 -24.76 -1.99
CA GLY H 33 -15.96 -24.22 -0.80
C GLY H 33 -15.06 -25.19 -0.09
N MET H 34 -13.75 -25.04 -0.29
CA MET H 34 -12.78 -25.97 0.22
C MET H 34 -12.57 -25.76 1.72
N THR H 35 -12.10 -26.80 2.40
CA THR H 35 -11.83 -26.74 3.82
C THR H 35 -10.54 -27.49 4.10
N TRP H 36 -10.16 -27.53 5.38
CA TRP H 36 -9.04 -28.33 5.85
C TRP H 36 -9.46 -29.05 7.11
N VAL H 37 -9.14 -30.35 7.18
CA VAL H 37 -9.36 -31.11 8.40
C VAL H 37 -8.07 -31.82 8.74
N ARG H 38 -7.91 -32.13 10.01
CA ARG H 38 -6.73 -32.82 10.50
C ARG H 38 -7.17 -34.14 11.09
N GLN H 39 -6.22 -35.05 11.23
CA GLN H 39 -6.49 -36.33 11.90
C GLN H 39 -5.19 -36.83 12.50
N ALA H 40 -5.07 -36.72 13.82
CA ALA H 40 -3.92 -37.32 14.47
C ALA H 40 -3.93 -38.81 14.22
N PRO H 41 -2.77 -39.40 13.91
CA PRO H 41 -2.75 -40.80 13.44
C PRO H 41 -3.43 -41.72 14.44
N GLY H 42 -4.38 -42.51 13.95
CA GLY H 42 -5.13 -43.42 14.80
C GLY H 42 -6.17 -42.76 15.68
N LYS H 43 -6.46 -41.48 15.47
CA LYS H 43 -7.42 -40.76 16.28
C LYS H 43 -8.55 -40.25 15.40
N GLY H 44 -9.50 -39.56 16.02
CA GLY H 44 -10.62 -39.00 15.31
C GLY H 44 -10.21 -37.78 14.50
N LEU H 45 -11.11 -37.37 13.63
CA LEU H 45 -10.86 -36.22 12.77
C LEU H 45 -11.21 -34.95 13.53
N GLU H 46 -10.69 -33.83 13.05
CA GLU H 46 -11.01 -32.54 13.62
C GLU H 46 -11.04 -31.52 12.49
N TRP H 47 -12.12 -30.75 12.42
CA TRP H 47 -12.23 -29.72 11.40
C TRP H 47 -11.27 -28.58 11.73
N VAL H 48 -10.31 -28.33 10.86
CA VAL H 48 -9.35 -27.26 11.11
C VAL H 48 -9.98 -25.91 10.80
N SER H 49 -10.43 -25.72 9.56
CA SER H 49 -11.00 -24.46 9.13
C SER H 49 -11.54 -24.60 7.71
N GLY H 50 -12.20 -23.55 7.24
CA GLY H 50 -12.82 -23.59 5.93
C GLY H 50 -13.04 -22.20 5.39
N ILE H 51 -13.24 -22.13 4.07
CA ILE H 51 -13.37 -20.86 3.36
C ILE H 51 -14.43 -20.98 2.28
N ASN H 52 -14.57 -19.92 1.49
CA ASN H 52 -15.64 -19.78 0.52
C ASN H 52 -15.12 -20.04 -0.88
N TRP H 53 -15.97 -19.82 -1.86
CA TRP H 53 -15.52 -19.76 -3.24
C TRP H 53 -14.58 -18.59 -3.46
N ASN H 54 -14.61 -17.62 -2.57
CA ASN H 54 -13.94 -16.33 -2.74
C ASN H 54 -12.80 -16.10 -1.77
N GLY H 55 -12.95 -16.55 -0.52
CA GLY H 55 -12.04 -16.16 0.53
C GLY H 55 -12.56 -14.92 1.20
N GLY H 56 -12.86 -14.99 2.48
CA GLY H 56 -13.50 -13.86 3.13
C GLY H 56 -14.47 -14.27 4.22
N SER H 57 -14.95 -15.50 4.18
CA SER H 57 -15.68 -16.04 5.31
C SER H 57 -14.91 -17.23 5.87
N THR H 58 -13.61 -17.04 6.04
CA THR H 58 -12.76 -18.05 6.65
C THR H 58 -13.16 -18.25 8.10
N GLY H 59 -13.74 -19.41 8.42
CA GLY H 59 -13.98 -19.77 9.79
C GLY H 59 -13.00 -20.83 10.26
N TYR H 60 -12.55 -20.69 11.51
CA TYR H 60 -11.54 -21.59 12.06
C TYR H 60 -12.08 -22.27 13.30
N ALA H 61 -11.56 -23.47 13.57
CA ALA H 61 -11.88 -24.14 14.80
C ALA H 61 -11.28 -23.41 15.99
N ASP H 62 -11.94 -23.54 17.13
CA ASP H 62 -11.44 -22.87 18.33
C ASP H 62 -10.33 -23.66 18.99
N SER H 63 -9.36 -24.06 18.19
CA SER H 63 -8.09 -24.60 18.65
C SER H 63 -6.94 -24.07 17.82
N VAL H 64 -7.22 -23.48 16.66
CA VAL H 64 -6.21 -22.92 15.78
C VAL H 64 -6.64 -21.50 15.43
N LYS H 65 -7.46 -20.91 16.29
CA LYS H 65 -8.13 -19.65 15.94
C LYS H 65 -7.13 -18.55 15.62
N GLY H 66 -6.20 -18.30 16.51
CA GLY H 66 -5.25 -17.23 16.28
C GLY H 66 -3.98 -17.64 15.58
N ARG H 67 -3.88 -18.89 15.18
CA ARG H 67 -2.61 -19.41 14.68
C ARG H 67 -2.63 -19.70 13.19
N PHE H 68 -3.69 -20.30 12.67
CA PHE H 68 -3.76 -20.70 11.28
C PHE H 68 -4.55 -19.67 10.47
N THR H 69 -4.22 -19.56 9.19
CA THR H 69 -4.99 -18.76 8.25
C THR H 69 -5.08 -19.52 6.94
N ILE H 70 -6.26 -19.52 6.33
CA ILE H 70 -6.44 -20.11 5.01
C ILE H 70 -6.46 -18.99 3.99
N SER H 71 -5.67 -19.14 2.95
CA SER H 71 -5.83 -18.36 1.74
C SER H 71 -6.30 -19.28 0.63
N ARG H 72 -6.58 -18.70 -0.52
CA ARG H 72 -7.08 -19.47 -1.65
C ARG H 72 -6.79 -18.69 -2.92
N ASP H 73 -6.43 -19.40 -3.98
CA ASP H 73 -6.09 -18.77 -5.25
C ASP H 73 -6.95 -19.42 -6.32
N ASN H 74 -8.11 -18.83 -6.61
CA ASN H 74 -9.01 -19.43 -7.58
C ASN H 74 -8.43 -19.48 -8.97
N ALA H 75 -7.58 -18.52 -9.34
CA ALA H 75 -7.02 -18.53 -10.67
C ALA H 75 -5.96 -19.59 -10.86
N LYS H 76 -5.48 -20.18 -9.76
CA LYS H 76 -4.37 -21.12 -9.81
C LYS H 76 -4.68 -22.43 -9.09
N ASN H 77 -5.86 -22.56 -8.50
CA ASN H 77 -6.36 -23.82 -7.97
C ASN H 77 -5.51 -24.37 -6.84
N SER H 78 -5.31 -23.60 -5.78
CA SER H 78 -4.62 -24.07 -4.59
C SER H 78 -5.43 -23.76 -3.35
N LEU H 79 -5.04 -24.38 -2.24
CA LEU H 79 -5.76 -24.26 -0.98
C LEU H 79 -4.77 -24.02 0.17
N TYR H 80 -3.90 -23.04 0.00
CA TYR H 80 -2.90 -22.69 1.00
C TYR H 80 -3.51 -22.61 2.40
N LEU H 81 -2.83 -23.17 3.39
CA LEU H 81 -3.19 -23.00 4.79
C LEU H 81 -1.92 -22.66 5.57
N GLN H 82 -1.82 -21.42 6.02
CA GLN H 82 -0.66 -20.93 6.76
C GLN H 82 -0.81 -21.32 8.22
N MET H 83 0.11 -22.12 8.72
CA MET H 83 0.17 -22.48 10.13
C MET H 83 1.27 -21.71 10.82
N ASN H 84 0.93 -21.12 11.96
CA ASN H 84 1.87 -20.29 12.69
C ASN H 84 1.84 -20.67 14.15
N SER H 85 2.99 -20.55 14.80
CA SER H 85 3.12 -20.85 16.23
C SER H 85 2.54 -22.22 16.56
N LEU H 86 3.08 -23.24 15.90
CA LEU H 86 2.62 -24.60 16.10
C LEU H 86 2.78 -24.99 17.56
N ARG H 87 1.77 -25.62 18.13
CA ARG H 87 1.73 -25.90 19.55
C ARG H 87 2.14 -27.35 19.85
N ALA H 88 2.63 -28.06 18.84
CA ALA H 88 3.16 -29.42 18.97
C ALA H 88 2.09 -30.45 19.28
N GLU H 89 0.86 -30.02 19.53
CA GLU H 89 -0.29 -30.91 19.52
C GLU H 89 -0.91 -31.00 18.14
N ASP H 90 -0.41 -30.21 17.19
CA ASP H 90 -0.91 -30.20 15.82
C ASP H 90 -0.14 -31.18 14.95
N THR H 91 0.02 -32.40 15.45
CA THR H 91 0.87 -33.41 14.83
C THR H 91 0.03 -34.37 14.01
N ALA H 92 -0.95 -33.83 13.30
CA ALA H 92 -1.93 -34.64 12.60
C ALA H 92 -1.69 -34.62 11.10
N LEU H 93 -2.32 -35.57 10.42
CA LEU H 93 -2.32 -35.60 8.98
C LEU H 93 -3.42 -34.69 8.46
N TYR H 94 -3.05 -33.71 7.64
CA TYR H 94 -3.97 -32.64 7.28
C TYR H 94 -4.58 -32.93 5.92
N HIS H 95 -5.90 -33.05 5.88
CA HIS H 95 -6.64 -33.26 4.65
C HIS H 95 -7.26 -31.97 4.16
N CYS H 96 -7.35 -31.84 2.85
CA CYS H 96 -8.18 -30.82 2.22
C CYS H 96 -9.39 -31.49 1.61
N ALA H 97 -10.56 -30.96 1.89
CA ALA H 97 -11.81 -31.57 1.46
C ALA H 97 -12.63 -30.55 0.69
N ARG H 98 -13.44 -31.04 -0.21
CA ARG H 98 -14.29 -30.16 -1.00
C ARG H 98 -15.61 -29.99 -0.27
N ASP H 99 -16.60 -29.39 -0.92
CA ASP H 99 -17.77 -28.87 -0.24
C ASP H 99 -19.02 -29.68 -0.54
N ARG H 100 -18.93 -30.65 -1.44
CA ARG H 100 -19.99 -31.58 -1.84
C ARG H 100 -21.06 -30.96 -2.74
N ARG H 101 -21.11 -29.66 -2.89
CA ARG H 101 -22.05 -29.09 -3.85
C ARG H 101 -21.64 -27.67 -4.18
N ARG H 102 -22.45 -27.05 -5.03
CA ARG H 102 -21.95 -26.09 -6.00
C ARG H 102 -21.56 -24.77 -5.38
N GLY H 103 -22.30 -24.30 -4.39
CA GLY H 103 -22.30 -22.87 -4.17
C GLY H 103 -21.38 -22.26 -3.15
N SER H 104 -20.78 -23.06 -2.28
CA SER H 104 -20.13 -22.53 -1.09
C SER H 104 -21.12 -21.69 -0.30
N TYR H 105 -22.33 -22.22 -0.13
CA TYR H 105 -23.44 -21.54 0.51
C TYR H 105 -23.36 -21.59 2.01
N GLY H 106 -22.19 -21.85 2.57
CA GLY H 106 -22.08 -21.99 4.01
C GLY H 106 -22.15 -23.43 4.45
N SER H 107 -23.34 -23.87 4.85
CA SER H 107 -23.52 -25.22 5.36
C SER H 107 -23.42 -26.23 4.25
N ASP H 108 -22.34 -27.02 4.23
CA ASP H 108 -22.19 -28.15 3.33
C ASP H 108 -21.20 -29.14 3.92
N ALA H 109 -21.40 -30.42 3.59
CA ALA H 109 -20.56 -31.49 4.10
C ALA H 109 -19.32 -31.61 3.21
N PHE H 110 -18.58 -32.70 3.35
CA PHE H 110 -17.30 -32.87 2.66
C PHE H 110 -17.34 -34.13 1.81
N ASP H 111 -17.47 -33.97 0.50
CA ASP H 111 -17.60 -35.15 -0.37
C ASP H 111 -16.24 -35.72 -0.73
N ILE H 112 -15.40 -34.95 -1.41
CA ILE H 112 -14.18 -35.48 -1.97
C ILE H 112 -13.01 -34.94 -1.18
N TRP H 113 -12.05 -35.82 -0.88
CA TRP H 113 -10.95 -35.50 0.00
C TRP H 113 -9.63 -35.81 -0.66
N GLY H 114 -8.62 -35.01 -0.34
CA GLY H 114 -7.24 -35.40 -0.53
C GLY H 114 -6.75 -36.20 0.66
N GLN H 115 -5.46 -36.52 0.63
CA GLN H 115 -4.86 -37.21 1.76
C GLN H 115 -3.38 -36.91 1.80
N GLY H 116 -2.85 -36.81 3.01
CA GLY H 116 -1.42 -36.64 3.16
C GLY H 116 -1.00 -35.38 3.88
N THR H 117 0.21 -34.92 3.59
CA THR H 117 0.83 -33.79 4.28
C THR H 117 0.87 -34.07 5.79
N MET H 118 1.57 -35.15 6.13
CA MET H 118 1.66 -35.58 7.52
C MET H 118 2.55 -34.62 8.27
N VAL H 119 1.96 -33.59 8.86
CA VAL H 119 2.73 -32.58 9.59
C VAL H 119 3.03 -33.11 10.98
N THR H 120 4.32 -33.09 11.34
CA THR H 120 4.79 -33.57 12.64
C THR H 120 5.36 -32.40 13.41
N VAL H 121 4.94 -32.26 14.65
CA VAL H 121 5.40 -31.16 15.50
C VAL H 121 5.24 -31.50 16.97
N SER H 122 7.65 -32.73 18.47
CA SER H 122 8.84 -32.84 17.63
C SER H 122 9.95 -31.93 18.12
N SER H 123 11.11 -32.51 18.38
CA SER H 123 12.30 -31.71 18.69
C SER H 123 13.56 -32.26 18.04
N ALA H 124 13.50 -33.41 17.37
CA ALA H 124 14.70 -34.08 16.90
C ALA H 124 14.67 -34.21 15.40
N LYS H 125 15.82 -34.60 14.83
CA LYS H 125 16.02 -34.64 13.40
C LYS H 125 15.64 -36.00 12.85
N THR H 126 15.54 -36.06 11.52
CA THR H 126 15.25 -37.31 10.82
C THR H 126 16.42 -38.27 11.05
N THR H 127 16.18 -39.31 11.84
CA THR H 127 17.29 -40.13 12.26
C THR H 127 17.07 -41.60 11.90
N PRO H 128 18.13 -42.32 11.54
CA PRO H 128 18.00 -43.74 11.29
C PRO H 128 17.53 -44.46 12.54
N PRO H 129 16.86 -45.59 12.41
CA PRO H 129 16.38 -46.31 13.58
C PRO H 129 17.51 -47.01 14.32
N SER H 130 17.19 -47.59 15.48
CA SER H 130 18.15 -48.42 16.21
C SER H 130 17.45 -49.75 16.48
N VAL H 131 17.50 -50.63 15.49
CA VAL H 131 16.83 -51.93 15.61
C VAL H 131 17.64 -52.80 16.57
N TYR H 132 17.09 -53.02 17.78
CA TYR H 132 17.85 -53.66 18.86
C TYR H 132 17.10 -54.87 19.40
N PRO H 133 16.77 -55.84 18.55
CA PRO H 133 15.93 -56.96 19.02
C PRO H 133 16.69 -58.22 19.40
N LEU H 134 16.03 -59.08 20.15
CA LEU H 134 16.35 -60.50 20.25
C LEU H 134 15.10 -61.26 20.63
N ALA H 135 15.15 -62.56 20.39
CA ALA H 135 14.11 -63.49 20.80
C ALA H 135 14.72 -64.88 20.93
N PRO H 136 14.68 -65.49 22.12
CA PRO H 136 15.30 -66.81 22.28
C PRO H 136 14.54 -67.89 21.52
N GLY H 137 13.48 -67.50 20.83
CA GLY H 137 12.73 -68.42 20.01
C GLY H 137 13.58 -69.10 18.97
N SER H 138 13.57 -70.43 18.98
CA SER H 138 12.72 -71.16 19.90
C SER H 138 13.52 -71.89 20.97
N ALA H 139 13.70 -71.25 22.12
CA ALA H 139 14.30 -71.88 23.28
C ALA H 139 13.22 -72.59 24.10
N ALA H 140 13.65 -73.45 25.01
CA ALA H 140 12.74 -74.18 25.89
C ALA H 140 12.62 -73.41 27.20
N GLN H 141 11.97 -72.24 27.12
CA GLN H 141 11.74 -71.46 28.33
C GLN H 141 10.52 -71.97 29.09
N THR H 142 9.33 -71.79 28.50
CA THR H 142 8.09 -72.30 29.08
C THR H 142 7.14 -72.90 28.05
N ASN H 143 7.34 -72.67 26.76
CA ASN H 143 6.42 -73.12 25.72
C ASN H 143 7.21 -73.78 24.60
N SER H 144 6.53 -74.66 23.88
CA SER H 144 7.04 -75.20 22.63
C SER H 144 6.66 -74.31 21.45
N MET H 145 5.85 -73.27 21.68
CA MET H 145 5.36 -72.37 20.64
C MET H 145 5.82 -70.99 21.06
N VAL H 146 7.04 -70.61 20.68
CA VAL H 146 7.61 -69.32 21.05
C VAL H 146 7.66 -68.47 19.80
N THR H 147 7.08 -67.28 19.88
CA THR H 147 6.97 -66.40 18.71
C THR H 147 8.33 -65.73 18.45
N LEU H 148 8.43 -65.00 17.35
CA LEU H 148 9.68 -64.37 16.95
C LEU H 148 9.39 -62.93 16.57
N GLY H 149 9.97 -62.00 17.32
CA GLY H 149 9.63 -60.60 17.13
C GLY H 149 10.86 -59.70 17.13
N CYS H 150 10.65 -58.48 16.64
CA CYS H 150 11.67 -57.45 16.59
C CYS H 150 11.18 -56.22 17.32
N LEU H 151 12.11 -55.34 17.65
CA LEU H 151 11.82 -54.03 18.18
C LEU H 151 12.63 -52.99 17.42
N VAL H 152 11.95 -51.93 16.98
CA VAL H 152 12.59 -50.84 16.26
C VAL H 152 12.50 -49.61 17.16
N LYS H 153 13.64 -49.10 17.58
CA LYS H 153 13.71 -48.06 18.60
C LYS H 153 14.46 -46.85 18.06
N GLY H 154 13.95 -45.68 18.38
CA GLY H 154 14.63 -44.44 18.03
C GLY H 154 14.71 -44.16 16.55
N TYR H 155 13.56 -43.94 15.92
CA TYR H 155 13.52 -43.47 14.54
C TYR H 155 12.48 -42.37 14.44
N PHE H 156 12.63 -41.55 13.40
CA PHE H 156 11.80 -40.36 13.25
C PHE H 156 11.98 -39.78 11.87
N PRO H 157 10.92 -39.29 11.23
CA PRO H 157 9.54 -39.39 11.74
C PRO H 157 8.82 -40.58 11.14
N GLU H 158 7.51 -40.63 11.33
CA GLU H 158 6.69 -41.68 10.74
C GLU H 158 6.71 -41.56 9.22
N PRO H 159 6.52 -42.67 8.50
CA PRO H 159 6.42 -44.04 9.00
C PRO H 159 7.64 -44.87 8.63
N VAL H 160 7.63 -46.14 9.03
CA VAL H 160 8.65 -47.08 8.64
C VAL H 160 7.99 -48.32 8.05
N THR H 161 8.80 -49.16 7.39
CA THR H 161 8.34 -50.40 6.80
C THR H 161 9.21 -51.53 7.33
N VAL H 162 8.58 -52.55 7.91
CA VAL H 162 9.26 -53.73 8.41
C VAL H 162 8.73 -54.94 7.65
N THR H 163 9.63 -55.66 7.00
CA THR H 163 9.27 -56.86 6.25
C THR H 163 10.01 -58.06 6.82
N TRP H 164 9.43 -59.24 6.59
CA TRP H 164 9.87 -60.47 7.23
C TRP H 164 10.24 -61.48 6.15
N ASN H 165 11.46 -62.01 6.23
CA ASN H 165 11.97 -62.95 5.24
C ASN H 165 11.85 -62.37 3.83
N SER H 166 12.28 -61.12 3.69
CA SER H 166 12.10 -60.34 2.47
C SER H 166 10.62 -60.24 2.09
N GLY H 167 9.77 -60.11 3.11
CA GLY H 167 8.35 -59.95 2.91
C GLY H 167 7.58 -61.22 2.60
N SER H 168 8.24 -62.37 2.59
CA SER H 168 7.57 -63.61 2.21
C SER H 168 6.62 -64.08 3.30
N LEU H 169 7.05 -64.06 4.55
CA LEU H 169 6.25 -64.60 5.65
C LEU H 169 5.17 -63.60 6.03
N SER H 170 3.90 -64.03 5.94
CA SER H 170 2.77 -63.21 6.34
C SER H 170 1.97 -63.81 7.48
N SER H 171 2.18 -65.08 7.81
CA SER H 171 1.41 -65.72 8.88
C SER H 171 1.75 -65.10 10.22
N GLY H 172 0.72 -64.64 10.93
CA GLY H 172 0.90 -64.05 12.24
C GLY H 172 1.72 -62.78 12.26
N VAL H 173 1.94 -62.16 11.10
CA VAL H 173 2.71 -60.91 11.05
C VAL H 173 1.82 -59.80 11.58
N HIS H 174 2.08 -59.37 12.82
CA HIS H 174 1.31 -58.30 13.47
C HIS H 174 2.28 -57.15 13.68
N THR H 175 2.38 -56.28 12.68
CA THR H 175 3.25 -55.12 12.79
C THR H 175 2.55 -54.05 13.64
N PHE H 176 2.98 -53.93 14.88
CA PHE H 176 2.27 -53.04 15.79
C PHE H 176 2.52 -51.59 15.40
N PRO H 177 1.49 -50.75 15.32
CA PRO H 177 1.70 -49.36 14.93
C PRO H 177 2.66 -48.65 15.86
N ALA H 178 3.44 -47.75 15.27
CA ALA H 178 4.49 -47.07 16.00
C ALA H 178 3.94 -46.31 17.19
N VAL H 179 4.71 -46.31 18.27
CA VAL H 179 4.33 -45.62 19.50
C VAL H 179 5.41 -44.60 19.81
N LEU H 180 4.98 -43.38 20.12
CA LEU H 180 5.89 -42.31 20.47
C LEU H 180 6.60 -42.64 21.77
N GLU H 181 7.91 -42.40 21.81
CA GLU H 181 8.70 -42.59 23.01
C GLU H 181 8.48 -41.41 23.95
N SER H 182 8.98 -41.53 25.18
CA SER H 182 9.20 -40.34 25.98
C SER H 182 10.46 -39.59 25.54
N ASP H 183 11.23 -40.19 24.64
CA ASP H 183 12.45 -39.60 24.12
C ASP H 183 12.25 -38.94 22.76
N LEU H 184 10.99 -38.63 22.42
CA LEU H 184 10.66 -37.89 21.20
C LEU H 184 11.07 -38.66 19.96
N TYR H 185 11.19 -39.98 20.09
CA TYR H 185 11.27 -40.89 18.96
C TYR H 185 10.06 -41.80 19.01
N THR H 186 10.03 -42.77 18.10
CA THR H 186 8.87 -43.62 17.94
C THR H 186 9.27 -45.09 18.03
N LEU H 187 8.40 -45.89 18.64
CA LEU H 187 8.68 -47.28 18.96
C LEU H 187 7.65 -48.16 18.29
N SER H 188 8.11 -49.23 17.63
CA SER H 188 7.22 -50.16 16.96
C SER H 188 7.70 -51.58 17.24
N SER H 189 7.03 -52.54 16.62
CA SER H 189 7.37 -53.96 16.78
C SER H 189 6.62 -54.75 15.72
N SER H 190 6.99 -56.03 15.61
CA SER H 190 6.32 -56.96 14.71
C SER H 190 6.76 -58.38 15.09
N VAL H 191 5.84 -59.32 14.93
CA VAL H 191 6.04 -60.69 15.39
C VAL H 191 5.67 -61.67 14.27
N THR H 192 6.20 -62.89 14.39
CA THR H 192 5.79 -64.02 13.57
C THR H 192 5.29 -65.11 14.50
N VAL H 193 4.97 -66.26 13.93
CA VAL H 193 4.49 -67.42 14.69
C VAL H 193 5.35 -68.62 14.33
N PRO H 194 6.56 -68.72 14.89
CA PRO H 194 7.35 -69.94 14.74
C PRO H 194 7.12 -70.92 15.88
N SER H 195 7.52 -72.17 15.66
CA SER H 195 7.53 -73.18 16.68
C SER H 195 8.95 -73.72 16.85
N SER H 196 9.15 -74.62 17.82
CA SER H 196 10.45 -75.23 18.04
C SER H 196 10.92 -76.07 16.86
N PRO H 197 10.09 -77.00 16.31
CA PRO H 197 10.60 -77.85 15.22
C PRO H 197 10.38 -77.25 13.84
N ARG H 198 10.93 -76.08 13.60
CA ARG H 198 10.91 -75.45 12.28
C ARG H 198 12.33 -75.01 11.94
N PRO H 199 13.21 -75.98 11.67
CA PRO H 199 14.62 -75.63 11.43
C PRO H 199 14.85 -74.79 10.18
N SER H 200 14.01 -74.92 9.16
CA SER H 200 14.21 -74.18 7.91
C SER H 200 13.60 -72.79 7.99
N GLU H 201 13.98 -72.04 9.03
CA GLU H 201 13.48 -70.68 9.25
C GLU H 201 14.66 -69.75 9.47
N THR H 202 15.19 -69.22 8.37
CA THR H 202 16.16 -68.13 8.43
C THR H 202 15.39 -66.83 8.29
N VAL H 203 15.08 -66.20 9.41
CA VAL H 203 14.18 -65.05 9.46
C VAL H 203 15.00 -63.78 9.31
N THR H 204 14.71 -63.01 8.27
CA THR H 204 15.36 -61.73 8.03
C THR H 204 14.38 -60.62 8.39
N CYS H 205 14.66 -59.96 9.50
CA CYS H 205 13.78 -58.91 10.01
C CYS H 205 14.12 -57.61 9.29
N ASN H 206 13.56 -57.43 8.10
CA ASN H 206 13.97 -56.35 7.19
C ASN H 206 13.22 -55.08 7.55
N VAL H 207 13.85 -54.25 8.39
CA VAL H 207 13.33 -52.95 8.77
C VAL H 207 13.91 -51.91 7.81
N ALA H 208 13.04 -51.06 7.27
CA ALA H 208 13.44 -49.99 6.37
C ALA H 208 12.93 -48.67 6.92
N HIS H 209 13.76 -47.63 6.87
CA HIS H 209 13.42 -46.30 7.36
C HIS H 209 13.60 -45.31 6.22
N PRO H 210 12.67 -45.26 5.26
CA PRO H 210 12.87 -44.39 4.09
C PRO H 210 12.94 -42.91 4.41
N ALA H 211 12.45 -42.49 5.58
CA ALA H 211 12.57 -41.09 5.96
C ALA H 211 14.02 -40.66 6.01
N SER H 212 14.88 -41.47 6.62
CA SER H 212 16.32 -41.29 6.51
C SER H 212 16.94 -42.16 5.43
N SER H 213 16.12 -42.92 4.69
CA SER H 213 16.59 -43.83 3.64
C SER H 213 17.62 -44.82 4.19
N THR H 214 17.35 -45.34 5.38
CA THR H 214 18.23 -46.28 6.05
C THR H 214 17.51 -47.59 6.29
N LYS H 215 18.22 -48.70 6.07
CA LYS H 215 17.65 -50.02 6.18
C LYS H 215 18.51 -50.87 7.11
N VAL H 216 17.90 -51.50 8.09
CA VAL H 216 18.58 -52.34 9.06
C VAL H 216 17.96 -53.73 9.00
N ASP H 217 18.75 -54.73 8.65
CA ASP H 217 18.29 -56.11 8.54
C ASP H 217 18.92 -56.93 9.65
N LYS H 218 18.19 -57.12 10.74
CA LYS H 218 18.67 -57.90 11.87
C LYS H 218 18.26 -59.35 11.62
N LYS H 219 19.22 -60.15 11.16
CA LYS H 219 18.95 -61.55 10.88
C LYS H 219 18.60 -62.28 12.17
N ILE H 220 17.57 -63.13 12.11
CA ILE H 220 17.15 -63.93 13.26
C ILE H 220 17.08 -65.39 12.85
N VAL H 221 17.81 -66.24 13.57
CA VAL H 221 17.73 -67.69 13.45
C VAL H 221 17.68 -68.21 14.89
N PRO H 222 16.85 -69.20 15.20
CA PRO H 222 16.78 -69.70 16.58
C PRO H 222 18.13 -70.20 17.07
N ARG H 223 18.47 -69.78 18.28
CA ARG H 223 19.80 -70.05 18.84
C ARG H 223 19.69 -70.52 20.28
N ASP H 224 20.84 -70.65 20.94
CA ASP H 224 20.88 -71.02 22.36
C ASP H 224 20.53 -69.82 23.23
N GLU I 1 6.14 6.58 40.01
CA GLU I 1 4.90 5.97 39.56
C GLU I 1 4.55 6.48 38.18
N VAL I 2 5.17 7.61 37.81
CA VAL I 2 4.91 8.26 36.53
C VAL I 2 6.20 8.10 35.73
N GLN I 3 6.87 6.97 35.91
CA GLN I 3 8.17 6.76 35.30
C GLN I 3 8.12 6.96 33.79
N LEU I 4 9.09 7.69 33.28
CA LEU I 4 9.39 7.78 31.86
C LEU I 4 10.72 7.08 31.68
N VAL I 5 10.66 5.77 31.48
CA VAL I 5 11.88 4.99 31.29
C VAL I 5 12.38 5.21 29.88
N GLU I 6 13.61 5.66 29.73
CA GLU I 6 14.20 5.91 28.43
C GLU I 6 15.09 4.75 28.01
N SER I 7 15.10 4.48 26.71
CA SER I 7 15.89 3.41 26.16
C SER I 7 16.52 3.93 24.88
N GLY I 8 17.15 3.04 24.12
CA GLY I 8 17.67 3.45 22.83
C GLY I 8 19.17 3.33 22.72
N GLY I 9 19.76 4.09 21.82
CA GLY I 9 21.16 3.92 21.50
C GLY I 9 22.12 4.52 22.50
N GLY I 10 23.15 5.20 22.00
CA GLY I 10 24.14 5.80 22.86
C GLY I 10 25.54 5.87 22.28
N VAL I 11 25.84 5.05 21.28
CA VAL I 11 27.14 5.07 20.62
C VAL I 11 26.89 4.88 19.13
N VAL I 12 26.98 5.96 18.37
CA VAL I 12 27.00 5.90 16.91
C VAL I 12 28.07 6.87 16.45
N ARG I 13 29.12 6.36 15.85
CA ARG I 13 30.22 7.22 15.44
C ARG I 13 29.87 8.01 14.17
N PRO I 14 29.48 7.35 13.08
CA PRO I 14 29.32 8.10 11.83
C PRO I 14 28.07 8.95 11.84
N GLY I 15 27.73 9.53 10.69
CA GLY I 15 26.43 10.14 10.52
C GLY I 15 25.35 9.09 10.36
N GLY I 16 25.38 8.08 11.22
CA GLY I 16 24.42 7.01 11.16
C GLY I 16 23.08 7.41 11.74
N SER I 17 22.28 6.39 12.04
CA SER I 17 20.93 6.58 12.53
C SER I 17 20.69 5.81 13.82
N LEU I 18 19.74 6.29 14.61
CA LEU I 18 19.28 5.62 15.82
C LEU I 18 17.78 5.72 15.92
N ARG I 19 17.21 5.00 16.88
CA ARG I 19 15.80 5.17 17.24
C ARG I 19 15.67 4.97 18.74
N LEU I 20 15.44 6.06 19.45
CA LEU I 20 15.32 6.02 20.90
C LEU I 20 13.92 5.57 21.29
N SER I 21 13.70 5.43 22.58
CA SER I 21 12.39 5.04 23.07
C SER I 21 12.21 5.62 24.46
N CYS I 22 10.96 5.71 24.87
CA CYS I 22 10.63 6.25 26.19
C CYS I 22 9.37 5.51 26.66
N ALA I 23 9.58 4.44 27.41
CA ALA I 23 8.47 3.59 27.81
C ALA I 23 7.73 4.25 28.97
N ALA I 24 6.65 4.96 28.66
CA ALA I 24 5.92 5.72 29.65
C ALA I 24 4.96 4.84 30.41
N SER I 25 4.75 5.16 31.69
CA SER I 25 3.85 4.39 32.53
C SER I 25 3.38 5.26 33.67
N GLY I 26 2.16 5.00 34.13
CA GLY I 26 1.64 5.73 35.28
C GLY I 26 0.50 6.66 34.93
N PHE I 27 0.57 7.28 33.76
CA PHE I 27 -0.46 8.19 33.29
C PHE I 27 -1.10 7.63 32.03
N THR I 28 -2.29 8.13 31.71
CA THR I 28 -2.93 7.75 30.47
C THR I 28 -2.16 8.36 29.31
N PHE I 29 -1.45 7.51 28.57
CA PHE I 29 -0.48 8.00 27.60
C PHE I 29 -1.13 8.73 26.44
N ASP I 30 -2.22 8.22 25.90
CA ASP I 30 -2.81 8.82 24.71
C ASP I 30 -3.49 10.15 25.00
N ASP I 31 -3.27 10.70 26.18
CA ASP I 31 -3.86 11.97 26.57
C ASP I 31 -2.85 13.10 26.62
N TYR I 32 -1.67 12.86 27.16
CA TYR I 32 -0.62 13.86 27.30
C TYR I 32 0.19 13.99 26.03
N GLY I 33 0.78 15.16 25.83
CA GLY I 33 1.61 15.39 24.66
C GLY I 33 3.08 15.32 24.97
N MET I 34 3.69 14.19 24.64
CA MET I 34 5.08 13.93 24.98
C MET I 34 6.01 14.70 24.04
N THR I 35 7.22 14.96 24.51
CA THR I 35 8.23 15.66 23.72
C THR I 35 9.58 14.99 23.94
N TRP I 36 10.60 15.53 23.29
CA TRP I 36 11.98 15.12 23.50
C TRP I 36 12.84 16.36 23.62
N VAL I 37 13.72 16.37 24.62
CA VAL I 37 14.71 17.42 24.75
C VAL I 37 16.07 16.78 24.90
N ARG I 38 17.09 17.53 24.54
CA ARG I 38 18.46 17.08 24.63
C ARG I 38 19.20 17.98 25.59
N GLN I 39 20.34 17.50 26.08
CA GLN I 39 21.19 18.33 26.91
C GLN I 39 22.62 17.83 26.77
N ALA I 40 23.44 18.56 26.04
CA ALA I 40 24.85 18.22 25.98
C ALA I 40 25.43 18.29 27.37
N PRO I 41 26.25 17.32 27.76
CA PRO I 41 26.69 17.21 29.16
C PRO I 41 27.33 18.51 29.64
N GLY I 42 26.83 19.02 30.75
CA GLY I 42 27.33 20.26 31.30
C GLY I 42 26.89 21.51 30.57
N LYS I 43 25.93 21.40 29.64
CA LYS I 43 25.48 22.53 28.86
C LYS I 43 23.98 22.74 29.10
N GLY I 44 23.43 23.74 28.43
CA GLY I 44 22.02 24.04 28.55
C GLY I 44 21.18 23.03 27.79
N LEU I 45 19.89 23.06 28.05
CA LEU I 45 18.95 22.16 27.41
C LEU I 45 18.57 22.71 26.06
N GLU I 46 18.04 21.84 25.21
CA GLU I 46 17.54 22.25 23.91
C GLU I 46 16.34 21.39 23.57
N TRP I 47 15.25 22.03 23.19
CA TRP I 47 14.05 21.29 22.81
C TRP I 47 14.28 20.62 21.47
N VAL I 48 14.22 19.29 21.45
CA VAL I 48 14.43 18.58 20.19
C VAL I 48 13.19 18.64 19.33
N SER I 49 12.07 18.15 19.86
CA SER I 49 10.82 18.11 19.11
C SER I 49 9.70 17.63 20.02
N GLY I 50 8.48 17.66 19.48
CA GLY I 50 7.32 17.28 20.27
C GLY I 50 6.16 16.88 19.38
N ILE I 51 5.20 16.17 19.98
CA ILE I 51 4.07 15.60 19.27
C ILE I 51 2.81 15.72 20.13
N ASN I 52 1.73 15.17 19.61
CA ASN I 52 0.40 15.32 20.19
C ASN I 52 0.00 14.06 20.95
N TRP I 53 -1.24 14.04 21.42
CA TRP I 53 -1.81 12.80 21.90
C TRP I 53 -1.95 11.78 20.80
N ASN I 54 -1.91 12.22 19.55
CA ASN I 54 -2.23 11.42 18.39
C ASN I 54 -1.04 11.16 17.48
N GLY I 55 -0.17 12.14 17.31
CA GLY I 55 0.85 12.07 16.28
C GLY I 55 0.30 12.70 15.03
N GLY I 56 0.93 13.76 14.55
CA GLY I 56 0.37 14.49 13.43
C GLY I 56 0.62 15.98 13.48
N SER I 57 0.92 16.50 14.67
CA SER I 57 1.41 17.86 14.77
C SER I 57 2.82 17.83 15.34
N THR I 58 3.64 16.93 14.81
CA THR I 58 5.04 16.84 15.19
C THR I 58 5.77 18.11 14.78
N GLY I 59 6.17 18.92 15.75
CA GLY I 59 7.03 20.05 15.47
C GLY I 59 8.46 19.79 15.93
N TYR I 60 9.42 20.22 15.13
CA TYR I 60 10.83 19.96 15.40
C TYR I 60 11.59 21.27 15.53
N ALA I 61 12.67 21.23 16.31
CA ALA I 61 13.54 22.37 16.39
C ALA I 61 14.27 22.57 15.07
N ASP I 62 14.61 23.82 14.78
CA ASP I 62 15.33 24.11 13.54
C ASP I 62 16.81 23.84 13.66
N SER I 63 17.13 22.65 14.15
CA SER I 63 18.46 22.08 14.10
C SER I 63 18.41 20.60 13.78
N VAL I 64 17.24 19.98 13.89
CA VAL I 64 17.05 18.57 13.59
C VAL I 64 15.87 18.45 12.64
N LYS I 65 15.58 19.52 11.91
CA LYS I 65 14.33 19.61 11.16
C LYS I 65 14.21 18.49 10.15
N GLY I 66 15.22 18.32 9.30
CA GLY I 66 15.12 17.30 8.27
C GLY I 66 15.69 15.96 8.67
N ARG I 67 16.14 15.81 9.89
CA ARG I 67 16.88 14.62 10.29
C ARG I 67 16.10 13.72 11.24
N PHE I 68 15.44 14.27 12.22
CA PHE I 68 14.74 13.49 13.24
C PHE I 68 13.26 13.40 12.91
N THR I 69 12.63 12.31 13.35
CA THR I 69 11.19 12.16 13.28
C THR I 69 10.72 11.49 14.56
N ILE I 70 9.62 11.99 15.12
CA ILE I 70 8.99 11.37 16.28
C ILE I 70 7.81 10.55 15.80
N SER I 71 7.75 9.31 16.25
CA SER I 71 6.53 8.55 16.18
C SER I 71 6.04 8.31 17.59
N ARG I 72 4.87 7.70 17.71
CA ARG I 72 4.25 7.45 19.00
C ARG I 72 3.28 6.30 18.86
N ASP I 73 3.22 5.47 19.89
CA ASP I 73 2.34 4.30 19.86
C ASP I 73 1.48 4.35 21.11
N ASN I 74 0.29 4.94 21.00
CA ASN I 74 -0.55 5.09 22.17
C ASN I 74 -1.01 3.76 22.74
N ALA I 75 -1.18 2.74 21.90
CA ALA I 75 -1.63 1.46 22.40
C ALA I 75 -0.55 0.71 23.15
N LYS I 76 0.70 1.14 23.03
CA LYS I 76 1.83 0.43 23.61
C LYS I 76 2.72 1.32 24.46
N ASN I 77 2.41 2.61 24.56
CA ASN I 77 3.04 3.52 25.51
C ASN I 77 4.54 3.69 25.25
N SER I 78 4.91 4.11 24.06
CA SER I 78 6.29 4.42 23.75
C SER I 78 6.39 5.78 23.08
N LEU I 79 7.62 6.31 23.00
CA LEU I 79 7.86 7.63 22.47
C LEU I 79 9.05 7.60 21.51
N TYR I 80 9.01 6.69 20.55
CA TYR I 80 10.05 6.54 19.55
C TYR I 80 10.48 7.87 18.97
N LEU I 81 11.79 8.09 18.83
CA LEU I 81 12.32 9.23 18.10
C LEU I 81 13.42 8.74 17.17
N GLN I 82 13.13 8.75 15.87
CA GLN I 82 14.06 8.29 14.84
C GLN I 82 15.04 9.40 14.53
N MET I 83 16.32 9.16 14.77
CA MET I 83 17.39 10.07 14.41
C MET I 83 18.11 9.58 13.17
N ASN I 84 18.29 10.48 12.21
CA ASN I 84 18.90 10.11 10.96
C ASN I 84 19.96 11.14 10.60
N SER I 85 21.01 10.67 9.94
CA SER I 85 22.10 11.54 9.49
C SER I 85 22.62 12.40 10.64
N LEU I 86 23.07 11.73 11.69
CA LEU I 86 23.57 12.42 12.87
C LEU I 86 24.76 13.29 12.48
N ARG I 87 24.78 14.52 12.98
CA ARG I 87 25.76 15.50 12.57
C ARG I 87 26.91 15.61 13.57
N ALA I 88 26.96 14.71 14.53
CA ALA I 88 28.04 14.60 15.51
C ALA I 88 28.08 15.76 16.49
N GLU I 89 27.25 16.77 16.28
CA GLU I 89 26.97 17.76 17.31
C GLU I 89 25.80 17.36 18.17
N ASP I 90 25.14 16.25 17.83
CA ASP I 90 24.00 15.74 18.58
C ASP I 90 24.44 14.76 19.65
N THR I 91 25.45 15.14 20.42
CA THR I 91 26.10 14.25 21.37
C THR I 91 25.56 14.50 22.78
N ALA I 92 24.25 14.70 22.87
CA ALA I 92 23.62 15.12 24.11
C ALA I 92 22.86 13.96 24.75
N LEU I 93 22.53 14.15 26.02
CA LEU I 93 21.67 13.21 26.72
C LEU I 93 20.22 13.57 26.42
N TYR I 94 19.46 12.62 25.90
CA TYR I 94 18.14 12.91 25.36
C TYR I 94 17.08 12.53 26.38
N HIS I 95 16.30 13.52 26.80
CA HIS I 95 15.20 13.31 27.73
C HIS I 95 13.87 13.25 26.99
N CYS I 96 12.95 12.45 27.51
CA CYS I 96 11.56 12.52 27.12
C CYS I 96 10.77 13.14 28.27
N ALA I 97 9.94 14.13 27.94
CA ALA I 97 9.21 14.87 28.94
C ALA I 97 7.74 14.83 28.62
N ARG I 98 6.91 14.93 29.65
CA ARG I 98 5.48 14.92 29.46
C ARG I 98 5.02 16.36 29.28
N ASP I 99 3.71 16.58 29.31
CA ASP I 99 3.13 17.82 28.79
C ASP I 99 2.57 18.69 29.91
N ARG I 100 2.57 18.19 31.15
CA ARG I 100 2.13 18.87 32.36
C ARG I 100 0.62 19.00 32.50
N ARG I 101 -0.15 18.74 31.46
CA ARG I 101 -1.59 18.73 31.66
C ARG I 101 -2.26 18.00 30.49
N ARG I 102 -3.59 17.97 30.55
CA ARG I 102 -4.33 16.81 30.07
C ARG I 102 -4.38 16.72 28.56
N GLY I 103 -4.47 17.84 27.86
CA GLY I 103 -5.04 17.76 26.55
C GLY I 103 -4.15 17.64 25.33
N SER I 104 -2.86 17.87 25.47
CA SER I 104 -2.00 18.08 24.32
C SER I 104 -2.57 19.19 23.44
N TYR I 105 -2.94 20.29 24.10
CA TYR I 105 -3.58 21.43 23.48
C TYR I 105 -2.60 22.34 22.79
N GLY I 106 -1.41 21.87 22.49
CA GLY I 106 -0.39 22.73 21.92
C GLY I 106 0.54 23.29 22.96
N SER I 107 0.26 24.50 23.42
CA SER I 107 1.14 25.18 24.36
C SER I 107 1.02 24.53 25.73
N ASP I 108 2.07 23.84 26.16
CA ASP I 108 2.19 23.33 27.52
C ASP I 108 3.65 23.12 27.86
N ALA I 109 3.96 23.25 29.15
CA ALA I 109 5.33 23.11 29.64
C ALA I 109 5.62 21.62 29.88
N PHE I 110 6.71 21.33 30.57
CA PHE I 110 7.17 19.95 30.75
C PHE I 110 7.26 19.63 32.23
N ASP I 111 6.30 18.85 32.74
CA ASP I 111 6.29 18.57 34.18
C ASP I 111 7.19 17.41 34.53
N ILE I 112 6.92 16.23 34.00
CA ILE I 112 7.60 15.03 34.44
C ILE I 112 8.54 14.57 33.33
N TRP I 113 9.75 14.19 33.72
CA TRP I 113 10.81 13.89 32.79
C TRP I 113 11.40 12.52 33.07
N GLY I 114 11.83 11.85 32.01
CA GLY I 114 12.75 10.75 32.11
C GLY I 114 14.17 11.27 32.13
N GLN I 115 15.12 10.33 32.12
CA GLN I 115 16.52 10.72 32.05
C GLN I 115 17.31 9.59 31.43
N GLY I 116 18.32 9.94 30.66
CA GLY I 116 19.22 8.94 30.12
C GLY I 116 19.29 8.91 28.61
N THR I 117 19.64 7.74 28.07
CA THR I 117 19.90 7.55 26.65
C THR I 117 20.96 8.53 26.17
N MET I 118 22.13 8.40 26.78
CA MET I 118 23.25 9.29 26.48
C MET I 118 23.78 8.96 25.10
N VAL I 119 23.25 9.62 24.07
CA VAL I 119 23.67 9.36 22.71
C VAL I 119 24.97 10.10 22.44
N THR I 120 25.98 9.38 21.96
CA THR I 120 27.29 9.94 21.66
C THR I 120 27.54 9.82 20.16
N VAL I 121 27.95 10.92 19.55
CA VAL I 121 28.20 10.94 18.12
C VAL I 121 29.16 12.07 17.76
N SER I 122 32.18 11.41 17.55
CA SER I 122 32.47 9.99 17.76
C SER I 122 33.00 9.34 16.51
N SER I 123 34.17 8.72 16.63
CA SER I 123 34.70 7.92 15.53
C SER I 123 35.36 6.64 16.01
N ALA I 124 35.48 6.43 17.32
CA ALA I 124 36.28 5.34 17.84
C ALA I 124 35.42 4.40 18.67
N LYS I 125 35.98 3.25 18.99
CA LYS I 125 35.27 2.17 19.65
C LYS I 125 35.37 2.31 21.16
N THR I 126 34.54 1.55 21.86
CA THR I 126 34.56 1.49 23.31
C THR I 126 35.89 0.92 23.76
N THR I 127 36.74 1.76 24.34
CA THR I 127 38.11 1.34 24.59
C THR I 127 38.47 1.49 26.07
N PRO I 128 39.27 0.57 26.61
CA PRO I 128 39.75 0.73 27.97
C PRO I 128 40.58 2.00 28.10
N PRO I 129 40.63 2.59 29.29
CA PRO I 129 41.41 3.82 29.46
C PRO I 129 42.90 3.55 29.44
N SER I 130 43.70 4.62 29.47
CA SER I 130 45.14 4.50 29.62
C SER I 130 45.54 5.40 30.79
N VAL I 131 45.41 4.86 32.00
CA VAL I 131 45.70 5.64 33.20
C VAL I 131 47.21 5.79 33.31
N TYR I 132 47.72 7.01 33.06
CA TYR I 132 49.16 7.24 32.92
C TYR I 132 49.62 8.34 33.87
N PRO I 133 49.39 8.19 35.18
CA PRO I 133 49.70 9.28 36.10
C PRO I 133 51.03 9.15 36.82
N LEU I 134 51.50 10.27 37.36
CA LEU I 134 52.47 10.30 38.45
C LEU I 134 52.31 11.61 39.22
N ALA I 135 52.84 11.61 40.43
CA ALA I 135 52.90 12.80 41.27
C ALA I 135 54.05 12.64 42.25
N PRO I 136 55.05 13.52 42.22
CA PRO I 136 56.19 13.37 43.14
C PRO I 136 55.79 13.62 44.59
N GLY I 137 54.51 13.90 44.82
CA GLY I 137 54.01 14.09 46.16
C GLY I 137 54.26 12.87 47.03
N SER I 138 54.92 13.09 48.17
CA SER I 138 55.31 14.44 48.55
C SER I 138 56.81 14.64 48.50
N ALA I 139 57.29 15.15 47.36
CA ALA I 139 58.69 15.54 47.23
C ALA I 139 58.86 16.98 47.69
N ALA I 140 60.11 17.39 47.90
CA ALA I 140 60.45 18.74 48.33
C ALA I 140 60.77 19.55 47.08
N GLN I 141 59.74 19.82 46.27
CA GLN I 141 59.94 20.65 45.09
C GLN I 141 59.90 22.13 45.44
N THR I 142 58.71 22.61 45.84
CA THR I 142 58.54 23.98 46.28
C THR I 142 57.63 24.14 47.50
N ASN I 143 56.86 23.12 47.86
CA ASN I 143 55.88 23.21 48.93
C ASN I 143 56.02 22.00 49.84
N SER I 144 55.61 22.18 51.09
CA SER I 144 55.43 21.07 52.01
C SER I 144 54.03 20.47 51.91
N MET I 145 53.16 21.06 51.09
CA MET I 145 51.78 20.62 50.92
C MET I 145 51.62 20.33 49.43
N VAL I 146 51.97 19.12 49.02
CA VAL I 146 51.91 18.73 47.60
C VAL I 146 50.76 17.76 47.45
N THR I 147 49.85 18.05 46.53
CA THR I 147 48.65 17.25 46.34
C THR I 147 49.00 15.96 45.59
N LEU I 148 48.03 15.06 45.47
CA LEU I 148 48.26 13.78 44.82
C LEU I 148 47.13 13.53 43.84
N GLY I 149 47.47 13.42 42.56
CA GLY I 149 46.47 13.34 41.53
C GLY I 149 46.78 12.29 40.49
N CYS I 150 45.74 11.95 39.73
CA CYS I 150 45.84 10.99 38.63
C CYS I 150 45.36 11.63 37.34
N LEU I 151 45.70 11.01 36.23
CA LEU I 151 45.19 11.37 34.93
C LEU I 151 44.71 10.12 34.22
N VAL I 152 43.50 10.17 33.67
CA VAL I 152 42.93 9.07 32.92
C VAL I 152 42.79 9.53 31.49
N LYS I 153 43.51 8.87 30.59
CA LYS I 153 43.66 9.32 29.21
C LYS I 153 43.19 8.22 28.27
N GLY I 154 42.49 8.62 27.22
CA GLY I 154 42.08 7.70 26.18
C GLY I 154 41.09 6.64 26.61
N TYR I 155 39.89 7.06 26.97
CA TYR I 155 38.79 6.14 27.24
C TYR I 155 37.54 6.68 26.58
N PHE I 156 36.59 5.77 26.33
CA PHE I 156 35.41 6.12 25.57
C PHE I 156 34.38 5.00 25.69
N PRO I 157 33.09 5.31 25.80
CA PRO I 157 32.60 6.68 25.96
C PRO I 157 32.38 7.02 27.43
N GLU I 158 31.70 8.13 27.68
CA GLU I 158 31.36 8.53 29.03
C GLU I 158 30.39 7.51 29.64
N PRO I 159 30.39 7.37 30.97
CA PRO I 159 31.31 7.98 31.93
C PRO I 159 32.26 6.95 32.54
N VAL I 160 33.13 7.41 33.43
CA VAL I 160 34.00 6.54 34.19
C VAL I 160 33.84 6.84 35.67
N THR I 161 34.36 5.95 36.51
CA THR I 161 34.33 6.10 37.95
C THR I 161 35.75 5.95 38.47
N VAL I 162 36.21 6.97 39.20
CA VAL I 162 37.54 6.96 39.83
C VAL I 162 37.34 7.05 41.34
N THR I 163 37.87 6.07 42.06
CA THR I 163 37.80 6.03 43.50
C THR I 163 39.20 6.03 44.10
N TRP I 164 39.28 6.50 45.34
CA TRP I 164 40.55 6.77 46.00
C TRP I 164 40.64 5.96 47.28
N ASN I 165 41.70 5.17 47.41
CA ASN I 165 41.89 4.29 48.57
C ASN I 165 40.67 3.39 48.76
N SER I 166 40.23 2.79 47.66
CA SER I 166 38.99 2.01 47.61
C SER I 166 37.80 2.87 48.04
N GLY I 167 37.82 4.14 47.64
CA GLY I 167 36.73 5.05 47.92
C GLY I 167 36.70 5.62 49.32
N SER I 168 37.68 5.28 50.17
CA SER I 168 37.64 5.74 51.55
C SER I 168 37.95 7.23 51.66
N LEU I 169 38.97 7.70 50.96
CA LEU I 169 39.40 9.09 51.09
C LEU I 169 38.45 10.00 50.32
N SER I 170 37.83 10.95 51.00
CA SER I 170 36.96 11.93 50.38
C SER I 170 37.45 13.37 50.54
N SER I 171 38.41 13.62 51.41
CA SER I 171 38.91 14.97 51.64
C SER I 171 39.62 15.50 50.40
N GLY I 172 39.17 16.65 49.91
CA GLY I 172 39.77 17.27 48.75
C GLY I 172 39.67 16.47 47.48
N VAL I 173 38.80 15.46 47.43
CA VAL I 173 38.63 14.67 46.22
C VAL I 173 37.84 15.51 45.21
N HIS I 174 38.54 16.04 44.22
CA HIS I 174 37.92 16.87 43.18
C HIS I 174 38.08 16.10 41.88
N THR I 175 37.11 15.25 41.57
CA THR I 175 37.14 14.50 40.32
C THR I 175 36.69 15.39 39.18
N PHE I 176 37.64 15.86 38.40
CA PHE I 176 37.31 16.85 37.37
C PHE I 176 36.51 16.18 36.26
N PRO I 177 35.41 16.78 35.82
CA PRO I 177 34.60 16.15 34.77
C PRO I 177 35.41 15.92 33.51
N ALA I 178 35.09 14.82 32.83
CA ALA I 178 35.85 14.38 31.68
C ALA I 178 35.85 15.46 30.60
N VAL I 179 36.98 15.58 29.91
CA VAL I 179 37.14 16.54 28.84
C VAL I 179 37.50 15.78 27.57
N LEU I 180 36.82 16.12 26.49
CA LEU I 180 37.05 15.49 25.20
C LEU I 180 38.45 15.85 24.71
N GLU I 181 39.17 14.85 24.19
CA GLU I 181 40.48 15.07 23.62
C GLU I 181 40.33 15.65 22.22
N SER I 182 41.44 16.08 21.63
CA SER I 182 41.48 16.26 20.18
C SER I 182 41.61 14.92 19.47
N ASP I 183 41.85 13.85 20.22
CA ASP I 183 42.01 12.50 19.68
C ASP I 183 40.72 11.70 19.80
N LEU I 184 39.58 12.36 19.99
CA LEU I 184 38.27 11.71 20.00
C LEU I 184 38.15 10.72 21.15
N TYR I 185 38.96 10.92 22.18
CA TYR I 185 38.79 10.28 23.47
C TYR I 185 38.51 11.35 24.51
N THR I 186 38.44 10.95 25.77
CA THR I 186 38.03 11.83 26.83
C THR I 186 39.07 11.81 27.95
N LEU I 187 39.29 12.99 28.54
CA LEU I 187 40.35 13.19 29.52
C LEU I 187 39.74 13.67 30.82
N SER I 188 40.16 13.07 31.93
CA SER I 188 39.67 13.45 33.24
C SER I 188 40.84 13.48 34.22
N SER I 189 40.53 13.73 35.48
CA SER I 189 41.54 13.80 36.53
C SER I 189 40.82 13.79 37.88
N SER I 190 41.62 13.66 38.94
CA SER I 190 41.13 13.71 40.32
C SER I 190 42.33 13.85 41.24
N VAL I 191 42.13 14.58 42.34
CA VAL I 191 43.21 14.93 43.25
C VAL I 191 42.80 14.64 44.68
N THR I 192 43.79 14.50 45.55
CA THR I 192 43.62 14.45 46.99
C THR I 192 44.40 15.60 47.60
N VAL I 193 44.43 15.65 48.94
CA VAL I 193 45.17 16.67 49.67
C VAL I 193 46.09 15.98 50.66
N PRO I 194 47.23 15.46 50.21
CA PRO I 194 48.23 14.95 51.15
C PRO I 194 49.27 16.00 51.50
N SER I 195 50.00 15.75 52.58
CA SER I 195 51.14 16.56 52.97
C SER I 195 52.39 15.68 53.03
N SER I 196 53.54 16.30 53.30
CA SER I 196 54.79 15.58 53.41
C SER I 196 54.79 14.58 54.58
N PRO I 197 54.40 14.99 55.82
CA PRO I 197 54.48 14.04 56.94
C PRO I 197 53.22 13.22 57.13
N ARG I 198 52.82 12.48 56.10
CA ARG I 198 51.69 11.54 56.19
C ARG I 198 52.16 10.20 55.66
N PRO I 199 53.03 9.50 56.40
CA PRO I 199 53.58 8.24 55.90
C PRO I 199 52.56 7.14 55.71
N SER I 200 51.48 7.12 56.49
CA SER I 200 50.47 6.06 56.40
C SER I 200 49.46 6.36 55.31
N GLU I 201 49.94 6.62 54.10
CA GLU I 201 49.09 6.93 52.96
C GLU I 201 49.51 6.05 51.78
N THR I 202 48.90 4.86 51.72
CA THR I 202 49.00 4.00 50.56
C THR I 202 47.79 4.29 49.68
N VAL I 203 47.97 5.15 48.68
CA VAL I 203 46.86 5.67 47.89
C VAL I 203 46.65 4.77 46.69
N THR I 204 45.46 4.20 46.59
CA THR I 204 45.07 3.36 45.46
C THR I 204 44.14 4.16 44.56
N CYS I 205 44.65 4.57 43.41
CA CYS I 205 43.88 5.39 42.47
C CYS I 205 43.03 4.48 41.62
N ASN I 206 41.86 4.09 42.15
CA ASN I 206 41.03 3.05 41.57
C ASN I 206 40.15 3.64 40.48
N VAL I 207 40.64 3.58 39.25
CA VAL I 207 39.89 4.02 38.06
C VAL I 207 39.16 2.81 37.49
N ALA I 208 37.86 2.98 37.23
CA ALA I 208 37.05 1.92 36.63
C ALA I 208 36.41 2.47 35.36
N HIS I 209 36.37 1.66 34.32
CA HIS I 209 35.79 2.03 33.03
C HIS I 209 34.72 1.00 32.68
N PRO I 210 33.54 1.07 33.29
CA PRO I 210 32.53 0.02 33.06
C PRO I 210 32.03 -0.03 31.63
N ALA I 211 32.23 1.02 30.84
CA ALA I 211 31.83 0.96 29.43
C ALA I 211 32.54 -0.16 28.70
N SER I 212 33.85 -0.30 28.92
CA SER I 212 34.59 -1.47 28.50
C SER I 212 34.76 -2.50 29.61
N SER I 213 34.18 -2.24 30.78
CA SER I 213 34.29 -3.13 31.93
C SER I 213 35.75 -3.39 32.30
N THR I 214 36.56 -2.35 32.24
CA THR I 214 37.99 -2.44 32.53
C THR I 214 38.34 -1.54 33.71
N LYS I 215 39.19 -2.04 34.59
CA LYS I 215 39.56 -1.34 35.80
C LYS I 215 41.08 -1.27 35.88
N VAL I 216 41.61 -0.07 36.11
CA VAL I 216 43.05 0.17 36.22
C VAL I 216 43.30 0.82 37.57
N ASP I 217 44.08 0.15 38.41
CA ASP I 217 44.41 0.63 39.75
C ASP I 217 45.88 1.00 39.78
N LYS I 218 46.19 2.28 39.60
CA LYS I 218 47.56 2.77 39.63
C LYS I 218 47.88 3.13 41.08
N LYS I 219 48.58 2.25 41.77
CA LYS I 219 48.94 2.49 43.15
C LYS I 219 49.87 3.69 43.25
N ILE I 220 49.61 4.55 44.23
CA ILE I 220 50.45 5.72 44.47
C ILE I 220 50.88 5.73 45.93
N VAL I 221 52.19 5.80 46.15
CA VAL I 221 52.79 6.00 47.46
C VAL I 221 53.89 7.04 47.25
N PRO I 222 54.05 8.02 48.14
CA PRO I 222 55.09 9.03 47.94
C PRO I 222 56.48 8.42 47.83
N ARG I 223 57.22 8.86 46.82
CA ARG I 223 58.51 8.28 46.50
C ARG I 223 59.55 9.36 46.24
N ASP I 224 60.73 8.95 45.78
CA ASP I 224 61.79 9.88 45.44
C ASP I 224 61.51 10.52 44.08
#